data_3D9G
#
_entry.id   3D9G
#
_cell.length_a   109.256
_cell.length_b   109.256
_cell.length_c   343.945
_cell.angle_alpha   90.000
_cell.angle_beta   90.000
_cell.angle_gamma   120.000
#
_symmetry.space_group_name_H-M   'P 32 2 1'
#
loop_
_entity.id
_entity.type
_entity.pdbx_description
1 polymer 'Nitroalkane oxidase'
2 non-polymer 'FLAVIN-ADENINE DINUCLEOTIDE'
3 non-polymer heptanenitrile
4 non-polymer GLYCEROL
5 water water
#
_entity_poly.entity_id   1
_entity_poly.type   'polypeptide(L)'
_entity_poly.pdbx_seq_one_letter_code
;VDFKLSPSQLEARRHAQAFANTVLTKASAEYSTQKDQLSRFQATRPFYREAVRHGLIKAQVPIPLGGTMESLVHESIILE
ELFAVEPATSITIVATALGLMPVILCDSPSLQEKFLKPFISGEGEPLASLMHSEPNGTANWLQKGGPGLQTTARKVGNEW
VISGEKLWPSNSGGWDYKGADLACVVCRVSDDPSKPQDPNVDPATQIAVLLVTRETIANNKKDAYQILGEPELAGHITTS
GPHTRFTEFHVPHENLLCTPGLKAQGLVETAFAMSAALVGAMAIGTARAAFEEALVFAKSDTRGGSKHIIEHQSVADKLI
DCKIRLETSRLLVWKAVTTLEDEALEWKVKLEMAMQTKIYTTDVAVECVIDAMKAVGMKSYAKDMSFPRLLNEVMCYPLF
DGGNIGLRRRQMQRVMALEDYEPWAATYGSSKVDKSRL
;
_entity_poly.pdbx_strand_id   A,B,C,D
#
loop_
_chem_comp.id
_chem_comp.type
_chem_comp.name
_chem_comp.formula
CNX non-polymer heptanenitrile 'C7 H13 N'
FAD non-polymer 'FLAVIN-ADENINE DINUCLEOTIDE' 'C27 H33 N9 O15 P2'
GOL non-polymer GLYCEROL 'C3 H8 O3'
#
# COMPACT_ATOMS: atom_id res chain seq x y z
N VAL A 1 7.25 -16.47 -27.77
CA VAL A 1 7.43 -15.22 -26.97
C VAL A 1 8.87 -14.70 -27.02
N ASP A 2 8.98 -13.43 -27.40
CA ASP A 2 10.24 -12.78 -27.75
C ASP A 2 10.19 -11.35 -27.22
N PHE A 3 11.30 -10.87 -26.65
CA PHE A 3 11.39 -9.51 -26.12
C PHE A 3 12.47 -8.70 -26.81
N LYS A 4 13.12 -9.30 -27.80
CA LYS A 4 14.28 -8.67 -28.41
C LYS A 4 13.89 -7.59 -29.41
N LEU A 5 14.62 -6.48 -29.38
CA LEU A 5 14.32 -5.33 -30.22
C LEU A 5 15.03 -5.43 -31.56
N SER A 6 14.36 -4.95 -32.61
CA SER A 6 14.91 -4.98 -33.96
C SER A 6 15.80 -3.76 -34.17
N PRO A 7 16.60 -3.76 -35.27
CA PRO A 7 17.34 -2.54 -35.60
C PRO A 7 16.46 -1.27 -35.72
N SER A 8 15.26 -1.39 -36.30
CA SER A 8 14.36 -0.23 -36.46
C SER A 8 13.80 0.25 -35.11
N GLN A 9 13.49 -0.70 -34.22
CA GLN A 9 13.10 -0.37 -32.85
C GLN A 9 14.25 0.29 -32.09
N LEU A 10 15.46 -0.25 -32.22
CA LEU A 10 16.63 0.37 -31.64
C LEU A 10 16.96 1.74 -32.25
N GLU A 11 16.72 1.90 -33.55
CA GLU A 11 16.93 3.20 -34.20
C GLU A 11 15.91 4.25 -33.72
N ALA A 12 14.66 3.82 -33.55
CA ALA A 12 13.60 4.71 -33.05
C ALA A 12 13.97 5.27 -31.67
N ARG A 13 14.52 4.41 -30.82
CA ARG A 13 15.01 4.83 -29.51
C ARG A 13 16.15 5.84 -29.63
N ARG A 14 17.18 5.48 -30.38
CA ARG A 14 18.32 6.37 -30.63
C ARG A 14 17.86 7.73 -31.17
N HIS A 15 17.00 7.70 -32.18
CA HIS A 15 16.44 8.91 -32.79
C HIS A 15 15.64 9.76 -31.79
N ALA A 16 14.78 9.13 -31.00
CA ALA A 16 14.01 9.87 -29.98
C ALA A 16 14.94 10.51 -28.93
N GLN A 17 15.96 9.77 -28.50
CA GLN A 17 16.96 10.28 -27.56
C GLN A 17 17.73 11.50 -28.08
N ALA A 18 18.23 11.42 -29.31
CA ALA A 18 18.98 12.54 -29.91
C ALA A 18 18.10 13.78 -29.97
N PHE A 19 16.85 13.61 -30.43
CA PHE A 19 15.91 14.73 -30.51
C PHE A 19 15.62 15.33 -29.14
N ALA A 20 15.39 14.47 -28.15
CA ALA A 20 15.15 14.94 -26.77
C ALA A 20 16.36 15.70 -26.21
N ASN A 21 17.55 15.16 -26.45
CA ASN A 21 18.78 15.76 -25.93
C ASN A 21 19.18 17.05 -26.64
N THR A 22 19.11 17.06 -27.97
CA THR A 22 19.57 18.19 -28.78
C THR A 22 18.53 19.30 -28.86
N VAL A 23 17.26 18.91 -29.01
CA VAL A 23 16.17 19.87 -29.19
C VAL A 23 15.41 20.18 -27.91
N LEU A 24 14.79 19.15 -27.31
CA LEU A 24 13.92 19.37 -26.15
C LEU A 24 14.60 19.99 -24.93
N THR A 25 15.88 19.66 -24.69
CA THR A 25 16.60 20.21 -23.55
C THR A 25 16.66 21.74 -23.55
N LYS A 26 16.42 22.35 -24.72
CA LYS A 26 16.49 23.81 -24.89
C LYS A 26 15.14 24.52 -24.68
N ALA A 27 14.05 23.76 -24.59
CA ALA A 27 12.71 24.33 -24.43
C ALA A 27 12.52 25.13 -23.13
N SER A 28 13.05 24.60 -22.03
CA SER A 28 12.90 25.21 -20.71
C SER A 28 13.36 26.66 -20.66
N ALA A 29 14.48 26.97 -21.33
CA ALA A 29 15.01 28.34 -21.39
C ALA A 29 14.02 29.34 -22.00
N GLU A 30 13.18 28.83 -22.91
CA GLU A 30 12.16 29.65 -23.58
C GLU A 30 10.85 29.76 -22.78
N TYR A 31 10.29 28.63 -22.37
CA TYR A 31 8.98 28.67 -21.74
C TYR A 31 8.96 29.18 -20.29
N SER A 32 10.11 29.10 -19.61
CA SER A 32 10.20 29.47 -18.19
C SER A 32 10.00 30.94 -17.93
N THR A 33 10.32 31.75 -18.93
CA THR A 33 10.19 33.21 -18.83
C THR A 33 8.75 33.70 -19.08
N GLN A 34 7.87 32.80 -19.52
CA GLN A 34 6.48 33.17 -19.86
C GLN A 34 5.55 33.20 -18.64
N LYS A 35 4.42 33.90 -18.77
CA LYS A 35 3.59 34.30 -17.63
C LYS A 35 2.32 33.46 -17.37
N ASP A 36 1.91 32.67 -18.35
CA ASP A 36 0.66 31.89 -18.29
C ASP A 36 0.69 30.70 -19.23
N GLN A 37 -0.27 29.77 -19.11
CA GLN A 37 -0.23 28.53 -19.90
C GLN A 37 -0.02 28.78 -21.38
N LEU A 38 -0.83 29.68 -21.95
CA LEU A 38 -0.77 29.97 -23.39
C LEU A 38 0.58 30.52 -23.80
N SER A 39 1.07 31.55 -23.11
CA SER A 39 2.42 32.09 -23.38
C SER A 39 3.48 30.99 -23.38
N ARG A 40 3.41 30.11 -22.38
CA ARG A 40 4.33 28.96 -22.29
C ARG A 40 4.13 27.96 -23.44
N PHE A 41 2.88 27.68 -23.80
CA PHE A 41 2.56 26.81 -24.94
C PHE A 41 3.11 27.38 -26.24
N GLN A 42 2.91 28.67 -26.44
CA GLN A 42 3.32 29.34 -27.68
C GLN A 42 4.82 29.33 -27.81
N ALA A 43 5.52 29.43 -26.67
CA ALA A 43 6.99 29.39 -26.63
C ALA A 43 7.58 28.05 -27.02
N THR A 44 6.75 27.02 -27.11
CA THR A 44 7.19 25.69 -27.52
C THR A 44 6.97 25.43 -29.02
N ARG A 45 6.37 26.40 -29.72
CA ARG A 45 6.09 26.27 -31.16
C ARG A 45 7.34 25.89 -31.96
N PRO A 46 8.48 26.59 -31.75
CA PRO A 46 9.70 26.25 -32.48
C PRO A 46 10.20 24.82 -32.27
N PHE A 47 9.82 24.20 -31.14
CA PHE A 47 10.28 22.84 -30.82
C PHE A 47 9.35 21.81 -31.44
N TYR A 48 8.06 22.15 -31.51
CA TYR A 48 7.11 21.33 -32.28
C TYR A 48 7.47 21.43 -33.77
N ARG A 49 7.88 22.63 -34.20
CA ARG A 49 8.43 22.80 -35.54
C ARG A 49 9.55 21.80 -35.80
N GLU A 50 10.56 21.75 -34.91
CA GLU A 50 11.66 20.78 -35.01
C GLU A 50 11.20 19.33 -34.98
N ALA A 51 10.17 19.04 -34.18
CA ALA A 51 9.60 17.69 -34.12
C ALA A 51 9.05 17.28 -35.48
N VAL A 52 8.38 18.22 -36.14
CA VAL A 52 7.83 17.98 -37.48
C VAL A 52 8.98 17.73 -38.48
N ARG A 53 10.00 18.58 -38.41
CA ARG A 53 11.23 18.44 -39.21
C ARG A 53 11.94 17.10 -38.97
N HIS A 54 11.84 16.57 -37.75
CA HIS A 54 12.41 15.25 -37.43
C HIS A 54 11.45 14.12 -37.78
N GLY A 55 10.31 14.48 -38.35
CA GLY A 55 9.34 13.49 -38.86
C GLY A 55 8.47 12.85 -37.80
N LEU A 56 8.40 13.47 -36.63
CA LEU A 56 7.73 12.87 -35.47
C LEU A 56 6.21 12.98 -35.52
N ILE A 57 5.70 13.97 -36.25
CA ILE A 57 4.26 14.11 -36.47
C ILE A 57 3.79 13.11 -37.52
N LYS A 58 4.56 12.98 -38.60
CA LYS A 58 4.28 12.00 -39.66
C LYS A 58 4.30 10.59 -39.10
N ALA A 59 5.19 10.38 -38.12
CA ALA A 59 5.30 9.10 -37.40
C ALA A 59 4.05 8.71 -36.60
N GLN A 60 3.10 9.64 -36.45
CA GLN A 60 1.84 9.40 -35.69
C GLN A 60 0.75 8.80 -36.56
N VAL A 61 1.01 8.73 -37.88
CA VAL A 61 0.03 8.25 -38.87
C VAL A 61 0.59 6.97 -39.48
N PRO A 62 -0.26 5.92 -39.61
CA PRO A 62 0.19 4.65 -40.18
C PRO A 62 0.66 4.77 -41.62
N ILE A 63 1.42 3.77 -42.05
CA ILE A 63 2.03 3.79 -43.39
C ILE A 63 0.99 3.67 -44.53
N PRO A 64 -0.03 2.79 -44.38
CA PRO A 64 -1.05 2.75 -45.43
C PRO A 64 -1.80 4.06 -45.66
N LEU A 65 -1.63 5.03 -44.75
CA LEU A 65 -2.32 6.33 -44.84
C LEU A 65 -1.36 7.47 -45.17
N GLY A 66 -0.13 7.13 -45.56
CA GLY A 66 0.85 8.13 -45.96
C GLY A 66 1.81 8.59 -44.87
N GLY A 67 1.70 7.99 -43.69
CA GLY A 67 2.58 8.35 -42.57
C GLY A 67 3.71 7.35 -42.38
N THR A 68 4.42 7.45 -41.27
CA THR A 68 5.60 6.62 -41.02
C THR A 68 5.58 5.81 -39.72
N MET A 69 4.41 5.69 -39.08
CA MET A 69 4.31 4.83 -37.89
C MET A 69 4.67 3.38 -38.23
N GLU A 70 5.73 2.89 -37.57
CA GLU A 70 6.20 1.53 -37.82
C GLU A 70 5.41 0.50 -37.04
N SER A 71 5.22 0.78 -35.74
CA SER A 71 4.34 -0.03 -34.87
C SER A 71 4.03 0.75 -33.59
N LEU A 72 3.19 0.15 -32.74
CA LEU A 72 2.87 0.73 -31.43
C LEU A 72 3.96 0.51 -30.38
N VAL A 73 4.77 -0.53 -30.56
CA VAL A 73 6.00 -0.70 -29.76
C VAL A 73 7.00 0.40 -30.09
N HIS A 74 7.21 0.69 -31.37
CA HIS A 74 8.08 1.81 -31.77
C HIS A 74 7.58 3.10 -31.11
N GLU A 75 6.27 3.29 -31.17
CA GLU A 75 5.61 4.48 -30.59
C GLU A 75 5.84 4.55 -29.07
N SER A 76 5.64 3.41 -28.39
CA SER A 76 5.89 3.31 -26.93
C SER A 76 7.33 3.60 -26.55
N ILE A 77 8.27 3.12 -27.35
CA ILE A 77 9.69 3.39 -27.16
C ILE A 77 9.97 4.86 -27.37
N ILE A 78 9.39 5.44 -28.42
CA ILE A 78 9.62 6.86 -28.69
C ILE A 78 9.14 7.72 -27.52
N LEU A 79 7.90 7.50 -27.10
CA LEU A 79 7.26 8.27 -26.02
C LEU A 79 7.99 8.17 -24.69
N GLU A 80 8.53 7.00 -24.38
CA GLU A 80 9.28 6.82 -23.14
C GLU A 80 10.50 7.73 -23.10
N GLU A 81 11.23 7.77 -24.21
CA GLU A 81 12.47 8.55 -24.31
C GLU A 81 12.21 10.04 -24.24
N LEU A 82 11.16 10.48 -24.89
CA LEU A 82 10.80 11.88 -24.94
C LEU A 82 10.40 12.37 -23.55
N PHE A 83 9.47 11.65 -22.93
CA PHE A 83 8.95 12.05 -21.62
C PHE A 83 9.98 11.92 -20.48
N ALA A 84 10.98 11.05 -20.65
CA ALA A 84 12.11 10.98 -19.70
C ALA A 84 12.95 12.25 -19.66
N VAL A 85 12.85 13.06 -20.71
CA VAL A 85 13.63 14.30 -20.76
C VAL A 85 12.76 15.54 -20.56
N GLU A 86 11.67 15.62 -21.32
CA GLU A 86 10.90 16.86 -21.39
C GLU A 86 9.53 16.59 -22.01
N PRO A 87 8.48 16.53 -21.17
CA PRO A 87 7.08 16.44 -21.61
C PRO A 87 6.60 17.61 -22.48
N ALA A 88 7.20 18.79 -22.35
CA ALA A 88 6.90 19.91 -23.27
C ALA A 88 7.14 19.48 -24.73
N THR A 89 6.24 19.88 -25.62
CA THR A 89 6.25 19.46 -27.05
C THR A 89 5.93 17.98 -27.21
N SER A 90 6.59 17.12 -26.43
CA SER A 90 6.25 15.69 -26.40
C SER A 90 4.76 15.47 -26.20
N ILE A 91 4.16 16.19 -25.24
CA ILE A 91 2.74 16.12 -24.98
C ILE A 91 1.89 16.53 -26.21
N THR A 92 2.34 17.57 -26.89
CA THR A 92 1.67 18.09 -28.09
C THR A 92 1.62 17.06 -29.23
N ILE A 93 2.71 16.32 -29.41
CA ILE A 93 2.82 15.28 -30.44
C ILE A 93 1.77 14.21 -30.22
N VAL A 94 1.67 13.73 -28.99
CA VAL A 94 0.81 12.58 -28.68
C VAL A 94 -0.66 13.01 -28.58
N ALA A 95 -0.89 14.24 -28.17
CA ALA A 95 -2.22 14.83 -28.20
C ALA A 95 -2.70 15.02 -29.64
N THR A 96 -1.78 15.40 -30.54
CA THR A 96 -2.07 15.43 -31.98
C THR A 96 -2.42 14.01 -32.45
N ALA A 97 -1.61 13.01 -32.04
CA ALA A 97 -1.89 11.61 -32.36
C ALA A 97 -3.31 11.19 -31.98
N LEU A 98 -3.71 11.50 -30.76
CA LEU A 98 -5.07 11.23 -30.29
C LEU A 98 -6.10 11.90 -31.21
N GLY A 99 -5.86 13.19 -31.49
CA GLY A 99 -6.73 13.99 -32.33
C GLY A 99 -6.95 13.39 -33.70
N LEU A 100 -5.93 12.70 -34.21
CA LEU A 100 -5.97 12.10 -35.55
C LEU A 100 -6.55 10.71 -35.56
N MET A 101 -6.57 10.06 -34.41
N MET A 101 -6.57 10.04 -34.41
CA MET A 101 -7.01 8.67 -34.30
CA MET A 101 -7.01 8.65 -34.33
C MET A 101 -8.41 8.36 -34.87
C MET A 101 -8.42 8.35 -34.87
N PRO A 102 -9.43 9.20 -34.56
CA PRO A 102 -10.76 8.92 -35.11
C PRO A 102 -10.76 8.95 -36.66
N VAL A 103 -10.04 9.89 -37.25
CA VAL A 103 -9.87 9.91 -38.70
C VAL A 103 -9.10 8.69 -39.20
N ILE A 104 -7.95 8.42 -38.58
CA ILE A 104 -7.14 7.22 -38.91
C ILE A 104 -7.96 5.94 -38.85
N LEU A 105 -8.88 5.86 -37.90
CA LEU A 105 -9.66 4.63 -37.66
C LEU A 105 -10.94 4.46 -38.50
N CYS A 106 -11.39 5.54 -39.14
CA CYS A 106 -12.71 5.53 -39.82
C CYS A 106 -12.66 4.80 -41.16
N ASP A 107 -13.84 4.37 -41.63
CA ASP A 107 -13.94 3.57 -42.84
C ASP A 107 -14.09 4.40 -44.14
N SER A 108 -13.63 5.65 -44.11
CA SER A 108 -13.74 6.54 -45.27
C SER A 108 -12.37 7.04 -45.77
N PRO A 109 -11.84 6.39 -46.83
CA PRO A 109 -10.56 6.76 -47.45
C PRO A 109 -10.46 8.21 -47.94
N SER A 110 -11.60 8.80 -48.31
CA SER A 110 -11.64 10.18 -48.80
C SER A 110 -11.55 11.22 -47.68
N LEU A 111 -12.23 10.96 -46.57
CA LEU A 111 -12.04 11.73 -45.33
C LEU A 111 -10.57 11.69 -44.89
N GLN A 112 -10.03 10.47 -44.78
CA GLN A 112 -8.61 10.27 -44.41
C GLN A 112 -7.63 11.11 -45.23
N GLU A 113 -7.76 11.04 -46.55
CA GLU A 113 -6.86 11.72 -47.48
C GLU A 113 -6.95 13.26 -47.35
N LYS A 114 -8.17 13.76 -47.19
CA LYS A 114 -8.40 15.19 -47.09
C LYS A 114 -7.85 15.75 -45.77
N PHE A 115 -8.21 15.08 -44.67
CA PHE A 115 -7.94 15.64 -43.34
C PHE A 115 -6.56 15.31 -42.75
N LEU A 116 -6.04 14.12 -43.04
CA LEU A 116 -4.69 13.72 -42.61
C LEU A 116 -3.59 14.43 -43.37
N LYS A 117 -3.93 14.98 -44.54
CA LYS A 117 -2.96 15.57 -45.46
C LYS A 117 -1.86 16.43 -44.81
N PRO A 118 -2.25 17.46 -44.02
CA PRO A 118 -1.19 18.37 -43.55
C PRO A 118 -0.27 17.76 -42.49
N PHE A 119 -0.59 16.56 -42.01
CA PHE A 119 0.17 15.93 -40.92
C PHE A 119 1.25 14.99 -41.45
N ILE A 120 1.12 14.62 -42.73
CA ILE A 120 2.10 13.77 -43.39
C ILE A 120 3.06 14.56 -44.29
N SER A 121 2.89 15.87 -44.31
CA SER A 121 3.62 16.76 -45.22
C SER A 121 5.08 17.04 -44.79
N GLY A 122 5.34 16.97 -43.49
CA GLY A 122 6.67 17.24 -42.97
C GLY A 122 7.00 18.72 -42.85
N GLU A 123 6.00 19.56 -43.12
CA GLU A 123 6.20 21.01 -43.00
C GLU A 123 5.15 21.63 -42.09
N GLY A 124 5.41 22.87 -41.66
CA GLY A 124 4.54 23.58 -40.72
C GLY A 124 4.51 22.99 -39.31
N GLU A 125 3.51 23.41 -38.56
CA GLU A 125 3.28 22.96 -37.19
C GLU A 125 1.80 22.56 -37.01
N PRO A 126 1.31 21.58 -37.79
CA PRO A 126 -0.10 21.23 -37.66
C PRO A 126 -0.45 20.60 -36.30
N LEU A 127 -1.53 21.07 -35.69
CA LEU A 127 -2.04 20.56 -34.42
C LEU A 127 -3.39 19.85 -34.63
N ALA A 128 -3.55 18.67 -34.04
CA ALA A 128 -4.86 18.01 -33.96
C ALA A 128 -5.34 17.82 -32.50
N SER A 129 -6.66 17.67 -32.32
CA SER A 129 -7.28 17.60 -30.99
C SER A 129 -8.56 16.77 -31.03
N LEU A 130 -8.66 15.80 -30.14
CA LEU A 130 -9.91 15.09 -29.95
C LEU A 130 -10.70 15.85 -28.89
N MET A 131 -11.75 16.55 -29.32
CA MET A 131 -12.50 17.42 -28.41
C MET A 131 -13.66 16.66 -27.78
N HIS A 132 -13.42 16.09 -26.61
CA HIS A 132 -14.43 15.26 -25.97
C HIS A 132 -14.83 15.80 -24.59
N SER A 133 -13.83 16.10 -23.76
CA SER A 133 -14.02 16.55 -22.38
C SER A 133 -14.76 17.89 -22.27
N GLU A 134 -15.54 18.01 -21.19
CA GLU A 134 -16.43 19.14 -20.97
C GLU A 134 -16.32 19.66 -19.51
N PRO A 135 -16.83 20.88 -19.24
CA PRO A 135 -16.80 21.45 -17.87
C PRO A 135 -17.55 20.65 -16.81
N ASN A 136 -18.65 20.01 -17.21
CA ASN A 136 -19.47 19.24 -16.27
C ASN A 136 -19.00 17.78 -16.07
N GLY A 137 -17.88 17.41 -16.68
CA GLY A 137 -17.37 16.04 -16.59
C GLY A 137 -17.84 15.16 -17.73
N THR A 138 -17.19 14.00 -17.90
CA THR A 138 -17.51 13.07 -19.00
C THR A 138 -17.55 11.59 -18.59
N ALA A 139 -17.24 11.32 -17.32
CA ALA A 139 -17.21 9.95 -16.81
C ALA A 139 -18.52 9.21 -17.02
N ASN A 140 -19.62 9.96 -17.07
CA ASN A 140 -20.95 9.38 -17.26
C ASN A 140 -21.60 9.74 -18.61
N TRP A 141 -20.77 10.13 -19.59
CA TRP A 141 -21.27 10.60 -20.88
C TRP A 141 -22.20 9.59 -21.56
N LEU A 142 -22.00 8.30 -21.29
CA LEU A 142 -22.86 7.27 -21.87
C LEU A 142 -23.90 6.70 -20.90
N GLN A 143 -24.12 7.36 -19.77
CA GLN A 143 -25.08 6.82 -18.80
C GLN A 143 -26.50 6.99 -19.32
N LYS A 144 -27.23 5.89 -19.43
CA LYS A 144 -28.63 5.99 -19.84
C LYS A 144 -29.47 6.65 -18.74
N GLY A 145 -30.17 7.74 -19.08
CA GLY A 145 -30.99 8.44 -18.09
C GLY A 145 -30.30 9.72 -17.61
N GLY A 146 -28.99 9.79 -17.84
CA GLY A 146 -28.20 10.96 -17.48
C GLY A 146 -28.39 12.07 -18.50
N PRO A 147 -27.92 13.27 -18.18
CA PRO A 147 -27.94 14.44 -19.07
C PRO A 147 -27.10 14.35 -20.36
N GLY A 148 -26.19 13.36 -20.41
CA GLY A 148 -25.28 13.13 -21.54
C GLY A 148 -24.35 14.30 -21.81
N LEU A 149 -23.64 14.27 -22.93
CA LEU A 149 -22.80 15.41 -23.33
C LEU A 149 -23.62 16.69 -23.50
N GLN A 150 -22.98 17.83 -23.18
CA GLN A 150 -23.65 19.13 -23.20
C GLN A 150 -23.23 19.98 -24.40
N THR A 151 -22.27 19.46 -25.16
CA THR A 151 -22.03 19.88 -26.53
C THR A 151 -22.89 18.98 -27.44
N THR A 152 -23.83 19.61 -28.13
CA THR A 152 -24.80 18.92 -28.97
C THR A 152 -24.74 19.43 -30.41
N ALA A 153 -25.26 18.62 -31.31
CA ALA A 153 -25.35 18.99 -32.72
C ALA A 153 -26.76 18.71 -33.25
N ARG A 154 -27.26 19.64 -34.06
CA ARG A 154 -28.52 19.43 -34.81
C ARG A 154 -28.25 19.63 -36.30
N LYS A 155 -28.95 18.88 -37.14
CA LYS A 155 -28.81 19.10 -38.58
C LYS A 155 -29.81 20.13 -39.13
N VAL A 156 -29.27 21.17 -39.78
CA VAL A 156 -30.05 22.22 -40.44
C VAL A 156 -29.60 22.38 -41.91
N GLY A 157 -30.43 21.90 -42.83
CA GLY A 157 -30.11 21.96 -44.25
C GLY A 157 -29.02 20.98 -44.62
N ASN A 158 -27.94 21.50 -45.20
CA ASN A 158 -26.79 20.67 -45.58
C ASN A 158 -25.62 20.79 -44.58
N GLU A 159 -25.92 21.35 -43.41
CA GLU A 159 -24.91 21.56 -42.38
C GLU A 159 -25.36 21.17 -40.97
N TRP A 160 -24.38 20.99 -40.08
CA TRP A 160 -24.63 20.72 -38.66
C TRP A 160 -24.32 21.96 -37.86
N VAL A 161 -25.08 22.17 -36.79
CA VAL A 161 -24.89 23.32 -35.92
C VAL A 161 -24.54 22.81 -34.52
N ILE A 162 -23.41 23.23 -33.99
CA ILE A 162 -22.94 22.78 -32.69
C ILE A 162 -23.24 23.84 -31.63
N SER A 163 -23.77 23.37 -30.50
CA SER A 163 -24.08 24.19 -29.33
C SER A 163 -23.48 23.58 -28.08
N GLY A 164 -22.68 24.36 -27.36
CA GLY A 164 -22.18 23.95 -26.06
C GLY A 164 -20.70 24.18 -25.82
N GLU A 165 -20.16 23.53 -24.80
CA GLU A 165 -18.81 23.83 -24.35
C GLU A 165 -17.91 22.60 -24.17
N LYS A 166 -16.61 22.80 -24.46
CA LYS A 166 -15.60 21.80 -24.14
C LYS A 166 -14.61 22.41 -23.16
N LEU A 167 -13.90 21.54 -22.45
CA LEU A 167 -12.83 21.91 -21.52
C LEU A 167 -11.83 20.78 -21.55
N TRP A 168 -10.55 21.11 -21.54
CA TRP A 168 -9.42 20.14 -21.41
C TRP A 168 -8.76 19.66 -22.70
N PRO A 169 -9.51 19.55 -23.83
CA PRO A 169 -8.87 18.90 -24.99
C PRO A 169 -7.61 19.60 -25.46
N SER A 170 -6.51 18.86 -25.46
CA SER A 170 -5.18 19.38 -25.80
C SER A 170 -5.17 19.97 -27.20
N ASN A 171 -4.48 21.10 -27.36
CA ASN A 171 -4.25 21.69 -28.68
C ASN A 171 -5.49 22.32 -29.34
N SER A 172 -6.65 22.26 -28.68
CA SER A 172 -7.94 22.49 -29.35
C SER A 172 -8.07 23.84 -30.09
N GLY A 173 -7.59 24.91 -29.45
CA GLY A 173 -7.63 26.24 -30.05
C GLY A 173 -6.41 26.58 -30.89
N GLY A 174 -5.58 25.57 -31.17
CA GLY A 174 -4.35 25.76 -31.94
C GLY A 174 -3.36 26.71 -31.27
N TRP A 175 -2.37 27.17 -32.05
CA TRP A 175 -1.35 28.08 -31.54
C TRP A 175 -1.85 29.48 -31.16
N ASP A 176 -3.01 29.86 -31.68
CA ASP A 176 -3.46 31.27 -31.62
C ASP A 176 -4.94 31.49 -31.28
N TYR A 177 -5.63 30.41 -30.92
CA TYR A 177 -7.07 30.41 -30.58
C TYR A 177 -7.98 30.55 -31.80
N LYS A 178 -7.41 30.38 -32.98
CA LYS A 178 -8.19 30.32 -34.22
C LYS A 178 -8.47 28.86 -34.61
N GLY A 179 -8.07 27.94 -33.74
CA GLY A 179 -8.44 26.54 -33.87
C GLY A 179 -7.27 25.65 -34.17
N ALA A 180 -7.40 24.38 -33.78
CA ALA A 180 -6.51 23.32 -34.23
C ALA A 180 -6.68 23.12 -35.74
N ASP A 181 -5.63 22.66 -36.39
CA ASP A 181 -5.70 22.39 -37.82
C ASP A 181 -6.70 21.28 -38.13
N LEU A 182 -6.90 20.41 -37.14
CA LEU A 182 -7.97 19.42 -37.17
C LEU A 182 -8.49 19.17 -35.76
N ALA A 183 -9.79 19.37 -35.55
CA ALA A 183 -10.46 18.99 -34.32
C ALA A 183 -11.54 17.96 -34.64
N CYS A 184 -11.57 16.88 -33.85
CA CYS A 184 -12.69 15.96 -33.85
C CYS A 184 -13.59 16.31 -32.65
N VAL A 185 -14.71 16.96 -32.95
CA VAL A 185 -15.61 17.41 -31.91
C VAL A 185 -16.70 16.37 -31.70
N VAL A 186 -16.73 15.79 -30.50
CA VAL A 186 -17.70 14.75 -30.16
C VAL A 186 -18.93 15.40 -29.54
N CYS A 187 -20.09 15.00 -30.06
CA CYS A 187 -21.35 15.70 -29.82
C CYS A 187 -22.44 14.70 -29.51
N ARG A 188 -23.41 15.12 -28.69
CA ARG A 188 -24.63 14.37 -28.53
C ARG A 188 -25.63 14.98 -29.51
N VAL A 189 -26.26 14.14 -30.32
CA VAL A 189 -27.23 14.64 -31.29
C VAL A 189 -28.50 15.07 -30.57
N SER A 190 -28.89 16.33 -30.77
CA SER A 190 -30.13 16.85 -30.21
C SER A 190 -30.73 17.92 -31.13
N ASP A 191 -31.90 17.59 -31.70
CA ASP A 191 -32.65 18.51 -32.57
C ASP A 191 -33.07 19.79 -31.84
N ASP A 192 -33.47 19.62 -30.58
CA ASP A 192 -33.71 20.74 -29.71
C ASP A 192 -32.79 20.63 -28.51
N PRO A 193 -31.74 21.48 -28.47
CA PRO A 193 -30.73 21.46 -27.41
C PRO A 193 -31.25 21.90 -26.05
N SER A 194 -32.38 22.62 -26.04
CA SER A 194 -32.97 23.12 -24.79
C SER A 194 -33.69 22.01 -24.05
N LYS A 195 -34.02 20.92 -24.76
CA LYS A 195 -34.63 19.77 -24.13
C LYS A 195 -33.56 18.78 -23.64
N PRO A 196 -33.83 18.09 -22.51
CA PRO A 196 -32.87 17.13 -21.98
C PRO A 196 -32.78 15.90 -22.87
N GLN A 197 -31.66 15.17 -22.75
CA GLN A 197 -31.51 13.87 -23.42
C GLN A 197 -32.65 12.95 -22.99
N ASP A 198 -33.26 12.28 -23.98
CA ASP A 198 -34.36 11.35 -23.76
C ASP A 198 -33.86 10.16 -22.94
N PRO A 199 -34.40 10.00 -21.70
CA PRO A 199 -33.98 8.94 -20.78
C PRO A 199 -34.26 7.52 -21.29
N ASN A 200 -35.06 7.40 -22.35
CA ASN A 200 -35.48 6.11 -22.92
C ASN A 200 -34.59 5.62 -24.08
N VAL A 201 -33.71 6.49 -24.58
CA VAL A 201 -32.80 6.12 -25.66
C VAL A 201 -31.35 5.99 -25.15
N ASP A 202 -30.72 4.88 -25.52
CA ASP A 202 -29.33 4.61 -25.18
C ASP A 202 -28.39 5.72 -25.71
N PRO A 203 -27.69 6.41 -24.80
CA PRO A 203 -26.81 7.52 -25.18
C PRO A 203 -25.83 7.23 -26.31
N ALA A 204 -25.35 5.99 -26.41
CA ALA A 204 -24.35 5.65 -27.42
C ALA A 204 -24.93 5.77 -28.84
N THR A 205 -26.25 5.56 -28.97
CA THR A 205 -26.91 5.71 -30.27
C THR A 205 -26.95 7.16 -30.78
N GLN A 206 -26.60 8.14 -29.94
CA GLN A 206 -26.75 9.55 -30.32
C GLN A 206 -25.44 10.31 -30.52
N ILE A 207 -24.33 9.58 -30.53
CA ILE A 207 -23.03 10.19 -30.65
C ILE A 207 -22.75 10.52 -32.12
N ALA A 208 -22.14 11.68 -32.35
CA ALA A 208 -21.71 12.09 -33.65
C ALA A 208 -20.37 12.78 -33.47
N VAL A 209 -19.49 12.62 -34.45
CA VAL A 209 -18.20 13.27 -34.43
C VAL A 209 -18.13 14.15 -35.65
N LEU A 210 -17.82 15.42 -35.42
CA LEU A 210 -17.74 16.41 -36.49
C LEU A 210 -16.34 16.93 -36.59
N LEU A 211 -15.83 17.00 -37.83
CA LEU A 211 -14.48 17.46 -38.06
C LEU A 211 -14.50 18.95 -38.27
N VAL A 212 -13.74 19.67 -37.46
CA VAL A 212 -13.72 21.11 -37.46
C VAL A 212 -12.27 21.57 -37.68
N THR A 213 -12.07 22.37 -38.73
CA THR A 213 -10.75 22.87 -39.09
C THR A 213 -10.70 24.38 -38.94
N ARG A 214 -9.52 24.95 -39.13
CA ARG A 214 -9.36 26.40 -39.10
C ARG A 214 -10.21 27.11 -40.17
N GLU A 215 -10.50 26.38 -41.26
CA GLU A 215 -11.38 26.85 -42.33
C GLU A 215 -12.79 26.99 -41.80
N THR A 216 -13.31 25.92 -41.20
CA THR A 216 -14.63 25.91 -40.58
C THR A 216 -14.82 27.13 -39.66
N ILE A 217 -13.82 27.38 -38.82
CA ILE A 217 -13.87 28.47 -37.85
C ILE A 217 -13.90 29.84 -38.51
N ALA A 218 -13.08 30.01 -39.56
CA ALA A 218 -13.03 31.25 -40.32
C ALA A 218 -14.34 31.53 -41.04
N ASN A 219 -15.03 30.46 -41.45
CA ASN A 219 -16.33 30.53 -42.12
C ASN A 219 -17.54 30.74 -41.19
N ASN A 220 -17.26 30.99 -39.91
CA ASN A 220 -18.31 31.26 -38.91
C ASN A 220 -18.13 32.66 -38.34
N LYS A 221 -19.21 33.22 -37.78
CA LYS A 221 -19.12 34.49 -37.06
C LYS A 221 -18.11 34.39 -35.92
N LYS A 222 -17.41 35.49 -35.65
CA LYS A 222 -16.40 35.51 -34.60
C LYS A 222 -16.92 34.99 -33.25
N ASP A 223 -18.19 35.26 -32.94
CA ASP A 223 -18.77 34.86 -31.66
C ASP A 223 -19.32 33.42 -31.62
N ALA A 224 -19.24 32.69 -32.74
CA ALA A 224 -19.71 31.31 -32.79
C ALA A 224 -18.72 30.34 -32.12
N TYR A 225 -17.47 30.79 -31.99
CA TYR A 225 -16.39 29.97 -31.48
C TYR A 225 -15.58 30.86 -30.56
N GLN A 226 -15.70 30.62 -29.26
CA GLN A 226 -15.02 31.46 -28.26
C GLN A 226 -14.18 30.60 -27.31
N ILE A 227 -13.01 31.13 -26.98
CA ILE A 227 -12.17 30.56 -25.94
C ILE A 227 -12.45 31.38 -24.66
N LEU A 228 -13.04 30.72 -23.67
CA LEU A 228 -13.45 31.38 -22.45
C LEU A 228 -12.31 31.46 -21.42
N GLY A 229 -11.37 30.52 -21.54
CA GLY A 229 -10.21 30.50 -20.63
C GLY A 229 -9.26 29.35 -20.88
N GLU A 230 -8.14 29.41 -20.17
CA GLU A 230 -7.08 28.43 -20.26
C GLU A 230 -6.67 28.03 -18.83
N PRO A 231 -7.03 26.81 -18.39
CA PRO A 231 -6.62 26.26 -17.08
C PRO A 231 -5.12 26.37 -16.83
N GLU A 232 -4.77 26.85 -15.63
CA GLU A 232 -3.38 26.82 -15.15
C GLU A 232 -3.15 25.48 -14.46
N LEU A 233 -2.29 24.66 -15.04
CA LEU A 233 -2.13 23.28 -14.57
C LEU A 233 -1.01 23.16 -13.53
N ALA A 234 -1.17 22.20 -12.63
CA ALA A 234 -0.12 21.85 -11.67
C ALA A 234 1.18 21.48 -12.39
N GLY A 235 1.08 20.62 -13.39
CA GLY A 235 2.24 20.19 -14.18
C GLY A 235 1.88 20.16 -15.65
N HIS A 236 2.85 19.88 -16.52
CA HIS A 236 2.63 19.99 -17.96
C HIS A 236 2.17 21.41 -18.26
N ILE A 237 2.92 22.36 -17.72
CA ILE A 237 2.55 23.78 -17.68
C ILE A 237 2.65 24.50 -19.05
N THR A 238 3.15 23.78 -20.06
CA THR A 238 3.32 24.32 -21.40
C THR A 238 2.31 23.75 -22.38
N THR A 239 1.29 23.06 -21.87
CA THR A 239 0.24 22.59 -22.77
C THR A 239 -0.92 23.57 -22.83
N SER A 240 -1.79 23.35 -23.81
CA SER A 240 -2.99 24.14 -23.97
C SER A 240 -4.13 23.16 -24.10
N GLY A 241 -5.21 23.43 -23.37
CA GLY A 241 -6.42 22.65 -23.44
C GLY A 241 -7.56 23.48 -22.90
N PRO A 242 -7.94 24.55 -23.64
CA PRO A 242 -8.78 25.62 -23.14
C PRO A 242 -10.27 25.32 -22.97
N HIS A 243 -10.98 26.31 -22.42
CA HIS A 243 -12.42 26.29 -22.30
C HIS A 243 -12.98 26.93 -23.57
N THR A 244 -13.79 26.17 -24.31
CA THR A 244 -14.30 26.60 -25.61
C THR A 244 -15.82 26.57 -25.66
N ARG A 245 -16.42 27.68 -26.08
CA ARG A 245 -17.87 27.73 -26.33
C ARG A 245 -18.22 27.77 -27.83
N PHE A 246 -19.01 26.79 -28.25
CA PHE A 246 -19.68 26.76 -29.54
C PHE A 246 -21.08 27.37 -29.38
N THR A 247 -21.35 28.44 -30.14
CA THR A 247 -22.69 29.04 -30.24
C THR A 247 -23.12 29.10 -31.73
N GLU A 248 -24.15 28.33 -32.08
CA GLU A 248 -24.66 28.30 -33.46
C GLU A 248 -23.49 28.19 -34.45
N PHE A 249 -22.62 27.21 -34.18
CA PHE A 249 -21.40 26.97 -34.97
C PHE A 249 -21.74 25.98 -36.07
N HIS A 250 -21.62 26.43 -37.33
CA HIS A 250 -22.01 25.66 -38.50
C HIS A 250 -20.86 24.84 -39.09
N VAL A 251 -21.15 23.58 -39.37
CA VAL A 251 -20.20 22.62 -39.90
C VAL A 251 -20.85 21.92 -41.09
N PRO A 252 -20.13 21.81 -42.24
CA PRO A 252 -20.63 21.08 -43.42
C PRO A 252 -20.97 19.64 -43.12
N HIS A 253 -22.02 19.12 -43.75
CA HIS A 253 -22.36 17.71 -43.61
C HIS A 253 -21.22 16.80 -44.07
N GLU A 254 -20.43 17.27 -45.03
CA GLU A 254 -19.26 16.54 -45.56
C GLU A 254 -18.26 16.23 -44.45
N ASN A 255 -18.16 17.16 -43.50
CA ASN A 255 -17.26 17.05 -42.36
C ASN A 255 -17.73 16.13 -41.25
N LEU A 256 -18.88 15.48 -41.43
CA LEU A 256 -19.31 14.44 -40.51
C LEU A 256 -18.40 13.23 -40.68
N LEU A 257 -17.88 12.70 -39.57
CA LEU A 257 -16.90 11.61 -39.61
C LEU A 257 -17.50 10.29 -40.05
N CYS A 258 -18.66 9.97 -39.51
CA CYS A 258 -19.36 8.72 -39.86
C CYS A 258 -20.82 8.87 -39.47
N THR A 259 -21.59 7.80 -39.67
CA THR A 259 -22.98 7.77 -39.23
C THR A 259 -23.04 7.92 -37.70
N PRO A 260 -23.86 8.88 -37.20
CA PRO A 260 -24.10 8.98 -35.76
C PRO A 260 -24.56 7.67 -35.12
N GLY A 261 -24.23 7.49 -33.85
CA GLY A 261 -24.63 6.30 -33.13
C GLY A 261 -23.42 5.48 -32.77
N LEU A 262 -23.64 4.17 -32.68
CA LEU A 262 -22.65 3.24 -32.16
C LEU A 262 -21.34 3.30 -32.91
N LYS A 263 -21.43 3.63 -34.20
CA LYS A 263 -20.26 3.70 -35.06
C LYS A 263 -19.35 4.82 -34.60
N ALA A 264 -19.94 5.99 -34.34
CA ALA A 264 -19.19 7.15 -33.89
C ALA A 264 -18.65 6.93 -32.48
N GLN A 265 -19.45 6.32 -31.61
CA GLN A 265 -19.01 6.00 -30.26
C GLN A 265 -17.82 5.03 -30.32
N GLY A 266 -17.94 4.01 -31.17
CA GLY A 266 -16.93 2.99 -31.35
C GLY A 266 -15.58 3.56 -31.71
N LEU A 267 -15.59 4.60 -32.54
CA LEU A 267 -14.37 5.29 -32.96
C LEU A 267 -13.74 6.06 -31.82
N VAL A 268 -14.57 6.70 -31.00
CA VAL A 268 -14.09 7.44 -29.81
C VAL A 268 -13.50 6.43 -28.82
N GLU A 269 -14.26 5.37 -28.53
CA GLU A 269 -13.84 4.30 -27.62
C GLU A 269 -12.49 3.71 -28.04
N THR A 270 -12.37 3.36 -29.32
CA THR A 270 -11.15 2.76 -29.86
C THR A 270 -9.98 3.71 -29.74
N ALA A 271 -10.19 4.96 -30.14
CA ALA A 271 -9.16 6.00 -30.00
C ALA A 271 -8.66 6.11 -28.55
N PHE A 272 -9.57 6.29 -27.61
CA PHE A 272 -9.19 6.42 -26.20
C PHE A 272 -8.56 5.16 -25.60
N ALA A 273 -8.99 3.99 -26.06
CA ALA A 273 -8.36 2.72 -25.65
C ALA A 273 -6.91 2.65 -26.10
N MET A 274 -6.63 3.02 -27.34
CA MET A 274 -5.26 3.07 -27.83
C MET A 274 -4.44 4.05 -27.00
N SER A 275 -5.02 5.21 -26.68
CA SER A 275 -4.30 6.19 -25.87
C SER A 275 -4.13 5.71 -24.41
N ALA A 276 -5.02 4.83 -23.95
CA ALA A 276 -4.94 4.27 -22.59
C ALA A 276 -3.67 3.41 -22.47
N ALA A 277 -3.39 2.64 -23.52
CA ALA A 277 -2.18 1.84 -23.59
C ALA A 277 -0.93 2.72 -23.72
N LEU A 278 -0.95 3.70 -24.61
CA LEU A 278 0.22 4.55 -24.86
C LEU A 278 0.60 5.48 -23.70
N VAL A 279 -0.40 5.86 -22.91
CA VAL A 279 -0.15 6.73 -21.76
C VAL A 279 0.86 6.09 -20.79
N GLY A 280 0.81 4.77 -20.66
CA GLY A 280 1.80 4.04 -19.88
C GLY A 280 3.25 4.41 -20.20
N ALA A 281 3.55 4.67 -21.48
CA ALA A 281 4.90 4.99 -21.91
C ALA A 281 5.32 6.36 -21.41
N MET A 282 4.36 7.28 -21.39
CA MET A 282 4.58 8.63 -20.88
C MET A 282 4.83 8.59 -19.38
N ALA A 283 3.99 7.86 -18.65
CA ALA A 283 4.15 7.70 -17.19
C ALA A 283 5.50 7.07 -16.85
N ILE A 284 5.91 6.03 -17.60
CA ILE A 284 7.22 5.38 -17.46
C ILE A 284 8.35 6.37 -17.70
N GLY A 285 8.19 7.21 -18.71
CA GLY A 285 9.19 8.22 -19.01
C GLY A 285 9.42 9.12 -17.82
N THR A 286 8.34 9.68 -17.29
CA THR A 286 8.43 10.56 -16.14
C THR A 286 9.03 9.85 -14.90
N ALA A 287 8.50 8.68 -14.57
CA ALA A 287 8.96 7.94 -13.40
C ALA A 287 10.41 7.47 -13.54
N ARG A 288 10.81 7.16 -14.78
CA ARG A 288 12.18 6.71 -15.08
C ARG A 288 13.19 7.80 -14.78
N ALA A 289 12.84 9.03 -15.13
CA ALA A 289 13.69 10.18 -14.88
C ALA A 289 13.87 10.37 -13.38
N ALA A 290 12.78 10.22 -12.62
CA ALA A 290 12.84 10.25 -11.16
C ALA A 290 13.74 9.16 -10.61
N PHE A 291 13.52 7.91 -11.06
CA PHE A 291 14.31 6.77 -10.58
C PHE A 291 15.81 6.93 -10.87
N GLU A 292 16.14 7.35 -12.09
CA GLU A 292 17.55 7.47 -12.53
C GLU A 292 18.28 8.61 -11.85
N GLU A 293 17.58 9.73 -11.65
CA GLU A 293 18.13 10.83 -10.87
C GLU A 293 18.41 10.40 -9.43
N ALA A 294 17.48 9.70 -8.80
CA ALA A 294 17.70 9.19 -7.43
C ALA A 294 18.83 8.16 -7.40
N LEU A 295 18.85 7.31 -8.43
CA LEU A 295 19.86 6.26 -8.56
C LEU A 295 21.27 6.83 -8.63
N VAL A 296 21.46 7.80 -9.52
CA VAL A 296 22.76 8.43 -9.71
C VAL A 296 23.19 9.11 -8.39
N PHE A 297 22.26 9.84 -7.78
CA PHE A 297 22.52 10.49 -6.49
C PHE A 297 22.90 9.48 -5.40
N ALA A 298 22.12 8.39 -5.29
CA ALA A 298 22.35 7.35 -4.28
C ALA A 298 23.70 6.67 -4.42
N LYS A 299 24.19 6.59 -5.66
CA LYS A 299 25.44 5.95 -5.97
C LYS A 299 26.66 6.90 -5.91
N SER A 300 26.45 8.18 -5.65
CA SER A 300 27.55 9.15 -5.64
C SER A 300 27.56 10.03 -4.39
N ASP A 301 26.53 9.93 -3.58
CA ASP A 301 26.41 10.81 -2.42
C ASP A 301 26.33 10.03 -1.10
N THR A 302 27.14 10.44 -0.11
CA THR A 302 27.22 9.78 1.19
C THR A 302 26.32 10.44 2.23
N ARG A 303 25.73 11.57 1.86
CA ARG A 303 24.97 12.41 2.79
C ARG A 303 25.69 12.66 4.13
N GLY A 304 26.97 13.02 4.03
CA GLY A 304 27.79 13.31 5.20
C GLY A 304 28.09 12.10 6.07
N GLY A 305 28.06 10.91 5.48
CA GLY A 305 28.39 9.65 6.18
C GLY A 305 29.64 9.00 5.60
N SER A 306 29.80 7.70 5.80
CA SER A 306 31.01 7.01 5.40
C SER A 306 30.83 6.20 4.12
N LYS A 307 29.59 6.12 3.61
CA LYS A 307 29.33 5.30 2.42
C LYS A 307 28.18 5.87 1.61
N HIS A 308 28.19 5.56 0.31
CA HIS A 308 27.09 5.94 -0.58
C HIS A 308 25.77 5.44 -0.01
N ILE A 309 24.75 6.27 -0.12
CA ILE A 309 23.48 5.97 0.52
C ILE A 309 22.76 4.72 -0.05
N ILE A 310 23.10 4.33 -1.27
CA ILE A 310 22.56 3.09 -1.84
C ILE A 310 22.96 1.85 -1.00
N GLU A 311 23.94 2.04 -0.11
CA GLU A 311 24.37 0.98 0.79
C GLU A 311 23.53 0.90 2.05
N HIS A 312 22.55 1.78 2.20
CA HIS A 312 21.58 1.69 3.29
C HIS A 312 20.37 0.89 2.81
N GLN A 313 19.97 -0.12 3.57
CA GLN A 313 18.91 -1.03 3.12
C GLN A 313 17.60 -0.32 2.79
N SER A 314 17.22 0.68 3.61
CA SER A 314 15.97 1.42 3.39
C SER A 314 16.01 2.23 2.07
N VAL A 315 17.18 2.78 1.74
CA VAL A 315 17.36 3.50 0.47
C VAL A 315 17.28 2.53 -0.72
N ALA A 316 18.03 1.44 -0.66
CA ALA A 316 17.95 0.41 -1.71
C ALA A 316 16.55 -0.10 -1.91
N ASP A 317 15.82 -0.33 -0.80
CA ASP A 317 14.43 -0.80 -0.84
C ASP A 317 13.53 0.12 -1.68
N LYS A 318 13.65 1.43 -1.46
CA LYS A 318 12.96 2.42 -2.30
C LYS A 318 13.37 2.30 -3.78
N LEU A 319 14.67 2.19 -4.05
CA LEU A 319 15.15 2.10 -5.44
C LEU A 319 14.72 0.80 -6.13
N ILE A 320 14.72 -0.29 -5.37
CA ILE A 320 14.21 -1.57 -5.82
C ILE A 320 12.72 -1.48 -6.19
N ASP A 321 11.91 -0.89 -5.31
CA ASP A 321 10.46 -0.72 -5.56
C ASP A 321 10.19 0.10 -6.82
N CYS A 322 10.97 1.17 -6.98
CA CYS A 322 10.92 1.98 -8.19
C CYS A 322 11.21 1.14 -9.42
N LYS A 323 12.30 0.41 -9.38
CA LYS A 323 12.76 -0.36 -10.52
C LYS A 323 11.68 -1.34 -10.92
N ILE A 324 11.16 -2.08 -9.94
CA ILE A 324 10.11 -3.07 -10.17
C ILE A 324 8.85 -2.47 -10.83
N ARG A 325 8.37 -1.35 -10.30
CA ARG A 325 7.22 -0.66 -10.91
C ARG A 325 7.48 -0.28 -12.38
N LEU A 326 8.69 0.17 -12.68
CA LEU A 326 9.07 0.58 -14.03
C LEU A 326 9.12 -0.61 -14.98
N GLU A 327 9.75 -1.70 -14.54
CA GLU A 327 9.91 -2.90 -15.35
C GLU A 327 8.55 -3.53 -15.66
N THR A 328 7.77 -3.78 -14.61
CA THR A 328 6.42 -4.32 -14.77
C THR A 328 5.57 -3.43 -15.66
N SER A 329 5.69 -2.12 -15.51
CA SER A 329 4.94 -1.16 -16.31
C SER A 329 5.22 -1.26 -17.82
N ARG A 330 6.49 -1.36 -18.22
CA ARG A 330 6.86 -1.43 -19.65
C ARG A 330 6.44 -2.73 -20.27
N LEU A 331 6.62 -3.82 -19.54
CA LEU A 331 6.11 -5.14 -19.96
C LEU A 331 4.63 -5.05 -20.30
N LEU A 332 3.85 -4.42 -19.41
CA LEU A 332 2.40 -4.29 -19.59
C LEU A 332 2.01 -3.40 -20.78
N VAL A 333 2.71 -2.30 -20.97
CA VAL A 333 2.51 -1.43 -22.14
C VAL A 333 2.73 -2.21 -23.44
N TRP A 334 3.87 -2.90 -23.54
CA TRP A 334 4.24 -3.62 -24.76
C TRP A 334 3.29 -4.79 -25.00
N LYS A 335 2.83 -5.42 -23.92
CA LYS A 335 1.78 -6.44 -24.02
C LYS A 335 0.45 -5.87 -24.53
N ALA A 336 0.06 -4.71 -24.01
CA ALA A 336 -1.19 -4.06 -24.38
C ALA A 336 -1.20 -3.60 -25.83
N VAL A 337 -0.12 -2.95 -26.28
CA VAL A 337 -0.09 -2.41 -27.65
C VAL A 337 -0.05 -3.55 -28.68
N THR A 338 0.70 -4.60 -28.35
CA THR A 338 0.75 -5.82 -29.15
C THR A 338 -0.62 -6.47 -29.21
N THR A 339 -1.32 -6.49 -28.08
CA THR A 339 -2.68 -6.99 -27.99
C THR A 339 -3.62 -6.16 -28.88
N LEU A 340 -3.44 -4.84 -28.86
CA LEU A 340 -4.22 -3.94 -29.71
C LEU A 340 -4.01 -4.21 -31.21
N GLU A 341 -2.80 -4.64 -31.56
CA GLU A 341 -2.45 -4.91 -32.95
C GLU A 341 -2.80 -6.32 -33.45
N ASP A 342 -3.30 -7.18 -32.57
CA ASP A 342 -3.59 -8.57 -32.93
C ASP A 342 -5.03 -8.73 -33.43
N GLU A 343 -5.17 -8.92 -34.74
CA GLU A 343 -6.49 -9.02 -35.40
C GLU A 343 -7.28 -10.28 -35.02
N ALA A 344 -6.61 -11.27 -34.44
CA ALA A 344 -7.26 -12.50 -34.02
C ALA A 344 -8.12 -12.34 -32.74
N LEU A 345 -7.93 -11.23 -32.05
CA LEU A 345 -8.56 -11.02 -30.73
C LEU A 345 -9.83 -10.15 -30.79
N GLU A 346 -10.84 -10.52 -30.00
CA GLU A 346 -12.06 -9.71 -29.86
C GLU A 346 -11.78 -8.34 -29.21
N TRP A 347 -12.62 -7.36 -29.49
CA TRP A 347 -12.40 -6.00 -28.96
C TRP A 347 -12.36 -5.94 -27.43
N LYS A 348 -13.25 -6.66 -26.76
CA LYS A 348 -13.34 -6.62 -25.30
C LYS A 348 -12.09 -7.15 -24.60
N VAL A 349 -11.35 -8.00 -25.31
CA VAL A 349 -10.07 -8.51 -24.82
C VAL A 349 -8.99 -7.41 -24.88
N LYS A 350 -8.98 -6.70 -26.01
CA LYS A 350 -8.06 -5.59 -26.22
C LYS A 350 -8.39 -4.43 -25.31
N LEU A 351 -9.69 -4.20 -25.11
CA LEU A 351 -10.16 -3.14 -24.23
C LEU A 351 -9.74 -3.39 -22.79
N GLU A 352 -9.96 -4.61 -22.30
CA GLU A 352 -9.67 -4.94 -20.92
C GLU A 352 -8.15 -4.80 -20.65
N MET A 353 -7.33 -5.20 -21.62
CA MET A 353 -5.89 -5.10 -21.48
C MET A 353 -5.45 -3.65 -21.48
N ALA A 354 -6.07 -2.85 -22.34
CA ALA A 354 -5.76 -1.42 -22.40
C ALA A 354 -6.13 -0.74 -21.09
N MET A 355 -7.28 -1.12 -20.52
CA MET A 355 -7.76 -0.53 -19.24
C MET A 355 -6.78 -0.83 -18.11
N GLN A 356 -6.38 -2.10 -17.97
CA GLN A 356 -5.39 -2.53 -16.98
C GLN A 356 -4.11 -1.72 -17.02
N THR A 357 -3.64 -1.50 -18.24
CA THR A 357 -2.38 -0.83 -18.49
C THR A 357 -2.47 0.61 -18.03
N LYS A 358 -3.53 1.30 -18.44
CA LYS A 358 -3.69 2.70 -18.03
C LYS A 358 -3.72 2.82 -16.50
N ILE A 359 -4.54 2.01 -15.86
CA ILE A 359 -4.73 2.02 -14.41
C ILE A 359 -3.42 1.75 -13.67
N TYR A 360 -2.77 0.62 -14.00
CA TYR A 360 -1.55 0.21 -13.32
C TYR A 360 -0.43 1.21 -13.55
N THR A 361 -0.08 1.47 -14.80
CA THR A 361 1.08 2.29 -15.10
C THR A 361 1.03 3.69 -14.49
N THR A 362 -0.17 4.29 -14.47
CA THR A 362 -0.33 5.67 -14.03
C THR A 362 -0.38 5.80 -12.51
N ASP A 363 -0.99 4.81 -11.86
CA ASP A 363 -0.98 4.74 -10.40
C ASP A 363 0.41 4.50 -9.81
N VAL A 364 1.14 3.52 -10.35
CA VAL A 364 2.47 3.21 -9.80
C VAL A 364 3.54 4.23 -10.18
N ALA A 365 3.31 4.99 -11.25
CA ALA A 365 4.28 6.02 -11.65
C ALA A 365 4.38 7.09 -10.56
N VAL A 366 3.25 7.46 -9.98
CA VAL A 366 3.20 8.43 -8.86
C VAL A 366 4.01 7.92 -7.65
N GLU A 367 3.77 6.67 -7.26
CA GLU A 367 4.53 5.98 -6.19
C GLU A 367 6.04 5.99 -6.45
N CYS A 368 6.40 5.70 -7.70
CA CYS A 368 7.81 5.67 -8.11
C CYS A 368 8.51 7.04 -7.94
N VAL A 369 7.82 8.12 -8.30
CA VAL A 369 8.39 9.47 -8.15
C VAL A 369 8.53 9.86 -6.65
N ILE A 370 7.48 9.61 -5.87
CA ILE A 370 7.47 9.92 -4.43
C ILE A 370 8.57 9.16 -3.67
N ASP A 371 8.68 7.85 -3.90
CA ASP A 371 9.71 7.02 -3.26
C ASP A 371 11.12 7.49 -3.62
N ALA A 372 11.34 7.88 -4.88
CA ALA A 372 12.65 8.39 -5.34
C ALA A 372 12.99 9.67 -4.59
N MET A 373 11.99 10.52 -4.36
CA MET A 373 12.16 11.75 -3.57
C MET A 373 12.50 11.41 -2.12
N LYS A 374 11.78 10.44 -1.55
CA LYS A 374 12.04 9.98 -0.17
C LYS A 374 13.47 9.49 0.02
N ALA A 375 13.97 8.75 -0.98
CA ALA A 375 15.32 8.22 -1.01
C ALA A 375 16.38 9.30 -1.12
N VAL A 376 16.18 10.26 -2.03
CA VAL A 376 17.10 11.40 -2.16
C VAL A 376 17.06 12.29 -0.92
N GLY A 377 15.87 12.43 -0.31
CA GLY A 377 15.67 13.23 0.89
C GLY A 377 15.32 14.69 0.62
N MET A 378 15.69 15.54 1.56
CA MET A 378 15.37 16.98 1.50
C MET A 378 15.77 17.64 0.17
N LYS A 379 16.94 17.29 -0.35
CA LYS A 379 17.42 17.85 -1.62
C LYS A 379 16.42 17.75 -2.79
N SER A 380 15.59 16.71 -2.78
CA SER A 380 14.62 16.44 -3.88
C SER A 380 13.52 17.51 -3.97
N TYR A 381 13.38 18.30 -2.91
CA TYR A 381 12.31 19.31 -2.79
C TYR A 381 12.66 20.68 -3.39
N ALA A 382 13.92 20.86 -3.79
CA ALA A 382 14.37 22.13 -4.35
C ALA A 382 14.54 22.01 -5.87
N LYS A 383 14.33 23.12 -6.56
CA LYS A 383 14.21 23.13 -8.02
C LYS A 383 15.55 23.09 -8.75
N ASP A 384 16.65 22.91 -8.00
CA ASP A 384 17.92 22.52 -8.63
C ASP A 384 18.00 21.01 -8.91
N MET A 385 16.94 20.28 -8.54
CA MET A 385 16.74 18.89 -8.94
C MET A 385 15.45 18.77 -9.76
N SER A 386 15.32 17.71 -10.57
CA SER A 386 14.13 17.51 -11.42
C SER A 386 12.82 17.23 -10.68
N PHE A 387 12.91 16.71 -9.46
CA PHE A 387 11.73 16.13 -8.78
C PHE A 387 10.51 17.02 -8.65
N PRO A 388 10.68 18.31 -8.24
CA PRO A 388 9.50 19.17 -8.17
C PRO A 388 8.66 19.20 -9.45
N ARG A 389 9.31 19.28 -10.62
CA ARG A 389 8.60 19.25 -11.89
C ARG A 389 7.98 17.87 -12.13
N LEU A 390 8.74 16.82 -11.85
CA LEU A 390 8.29 15.44 -12.09
C LEU A 390 7.06 15.06 -11.26
N LEU A 391 7.05 15.50 -10.00
CA LEU A 391 5.96 15.27 -9.07
C LEU A 391 4.65 15.82 -9.61
N ASN A 392 4.67 17.08 -10.02
CA ASN A 392 3.50 17.72 -10.60
C ASN A 392 3.12 17.05 -11.92
N GLU A 393 4.12 16.78 -12.77
CA GLU A 393 3.86 16.12 -14.04
C GLU A 393 3.26 14.74 -13.87
N VAL A 394 3.82 13.95 -12.93
CA VAL A 394 3.37 12.55 -12.79
C VAL A 394 1.91 12.45 -12.32
N MET A 395 1.45 13.44 -11.55
CA MET A 395 0.09 13.41 -11.02
C MET A 395 -1.02 13.63 -12.06
N CYS A 396 -0.62 14.06 -13.25
CA CYS A 396 -1.54 14.21 -14.38
C CYS A 396 -2.06 12.88 -14.88
N TYR A 397 -1.18 11.89 -14.90
CA TYR A 397 -1.47 10.60 -15.55
C TYR A 397 -2.63 9.74 -15.00
N PRO A 398 -2.75 9.60 -13.66
CA PRO A 398 -3.91 8.86 -13.18
C PRO A 398 -5.25 9.57 -13.43
N LEU A 399 -5.18 10.87 -13.66
CA LEU A 399 -6.34 11.74 -13.75
C LEU A 399 -6.84 11.97 -15.18
N PHE A 400 -5.88 12.12 -16.11
CA PHE A 400 -6.18 12.47 -17.49
C PHE A 400 -6.32 11.24 -18.35
N ASP A 401 -6.67 11.43 -19.62
CA ASP A 401 -6.89 10.32 -20.56
C ASP A 401 -7.94 9.35 -20.03
N GLY A 402 -8.98 9.90 -19.41
CA GLY A 402 -9.98 9.11 -18.70
C GLY A 402 -9.43 8.69 -17.36
N GLY A 403 -9.89 9.32 -16.29
CA GLY A 403 -9.36 9.05 -14.96
C GLY A 403 -9.57 7.60 -14.61
N ASN A 404 -8.67 7.03 -13.79
CA ASN A 404 -8.77 5.63 -13.37
C ASN A 404 -10.05 5.35 -12.60
N ILE A 405 -10.46 6.30 -11.77
CA ILE A 405 -11.56 6.06 -10.83
C ILE A 405 -12.94 6.07 -11.50
N GLY A 406 -13.24 7.12 -12.27
CA GLY A 406 -14.56 7.27 -12.90
C GLY A 406 -14.74 6.56 -14.23
N LEU A 407 -13.64 6.41 -14.96
CA LEU A 407 -13.72 5.90 -16.34
C LEU A 407 -13.05 4.53 -16.55
N ARG A 408 -11.73 4.46 -16.43
CA ARG A 408 -11.04 3.21 -16.82
C ARG A 408 -11.44 2.02 -15.96
N ARG A 409 -11.53 2.18 -14.64
CA ARG A 409 -11.99 1.06 -13.78
C ARG A 409 -13.42 0.64 -14.12
N ARG A 410 -14.23 1.58 -14.54
CA ARG A 410 -15.63 1.32 -14.90
C ARG A 410 -15.74 0.63 -16.26
N GLN A 411 -14.89 1.01 -17.22
CA GLN A 411 -14.80 0.32 -18.51
C GLN A 411 -14.30 -1.11 -18.32
N MET A 412 -13.29 -1.28 -17.46
CA MET A 412 -12.81 -2.63 -17.19
C MET A 412 -13.85 -3.47 -16.43
N GLN A 413 -14.50 -2.87 -15.44
CA GLN A 413 -15.56 -3.55 -14.69
C GLN A 413 -16.67 -4.10 -15.59
N ARG A 414 -17.10 -3.28 -16.55
CA ARG A 414 -18.16 -3.63 -17.52
C ARG A 414 -17.79 -4.89 -18.30
N VAL A 415 -16.54 -4.96 -18.78
CA VAL A 415 -16.05 -6.14 -19.51
C VAL A 415 -16.03 -7.38 -18.59
N MET A 416 -15.48 -7.24 -17.40
CA MET A 416 -15.37 -8.38 -16.48
C MET A 416 -16.73 -8.99 -16.13
N ALA A 417 -17.78 -8.16 -16.17
CA ALA A 417 -19.12 -8.59 -15.80
C ALA A 417 -19.88 -9.33 -16.92
N LEU A 418 -19.41 -9.19 -18.15
CA LEU A 418 -20.01 -9.89 -19.31
C LEU A 418 -19.94 -11.40 -19.13
N GLU A 419 -21.01 -12.08 -19.55
CA GLU A 419 -21.13 -13.53 -19.43
C GLU A 419 -20.06 -14.30 -20.20
N ASP A 420 -19.58 -13.73 -21.30
CA ASP A 420 -18.56 -14.39 -22.11
C ASP A 420 -17.15 -13.83 -21.86
N TYR A 421 -16.94 -13.27 -20.66
CA TYR A 421 -15.63 -12.75 -20.28
C TYR A 421 -14.58 -13.85 -20.22
N GLU A 422 -13.47 -13.64 -20.91
CA GLU A 422 -12.35 -14.55 -20.89
C GLU A 422 -11.12 -13.80 -20.37
N PRO A 423 -10.83 -13.94 -19.06
CA PRO A 423 -9.76 -13.17 -18.42
C PRO A 423 -8.38 -13.31 -19.10
N TRP A 424 -8.08 -14.52 -19.58
CA TRP A 424 -6.74 -14.84 -20.07
C TRP A 424 -6.60 -14.93 -21.58
N ALA A 425 -7.63 -14.48 -22.29
CA ALA A 425 -7.71 -14.61 -23.76
C ALA A 425 -6.57 -13.94 -24.54
N ALA A 426 -6.02 -12.85 -24.00
CA ALA A 426 -4.90 -12.13 -24.63
C ALA A 426 -3.58 -12.89 -24.49
N THR A 427 -3.58 -13.91 -23.63
CA THR A 427 -2.36 -14.63 -23.32
C THR A 427 -2.43 -16.02 -23.91
N TYR A 428 -3.49 -16.71 -23.55
CA TYR A 428 -3.65 -18.12 -23.83
C TYR A 428 -4.66 -18.38 -24.96
N GLY A 429 -5.23 -17.30 -25.50
CA GLY A 429 -6.22 -17.42 -26.59
C GLY A 429 -7.63 -17.69 -26.10
N SER A 430 -8.58 -17.63 -27.03
CA SER A 430 -10.01 -17.75 -26.72
C SER A 430 -10.44 -19.19 -26.54
N VAL B 1 -9.06 7.74 30.99
CA VAL B 1 -8.78 8.29 29.62
C VAL B 1 -9.90 9.18 29.08
N ASP B 2 -9.50 10.28 28.46
CA ASP B 2 -10.42 11.37 28.13
C ASP B 2 -10.06 12.02 26.79
N PHE B 3 -11.07 12.32 25.98
CA PHE B 3 -10.86 12.97 24.68
C PHE B 3 -11.57 14.31 24.53
N LYS B 4 -12.29 14.70 25.58
CA LYS B 4 -13.04 15.95 25.58
C LYS B 4 -12.11 17.14 25.69
N LEU B 5 -12.48 18.22 25.00
CA LEU B 5 -11.66 19.45 25.01
C LEU B 5 -12.20 20.43 26.03
N SER B 6 -11.28 21.15 26.67
CA SER B 6 -11.63 22.17 27.64
C SER B 6 -12.11 23.47 26.95
N PRO B 7 -12.78 24.37 27.70
CA PRO B 7 -13.13 25.65 27.08
C PRO B 7 -11.93 26.38 26.44
N SER B 8 -10.76 26.36 27.08
CA SER B 8 -9.59 27.06 26.56
C SER B 8 -9.03 26.43 25.27
N GLN B 9 -9.10 25.10 25.20
CA GLN B 9 -8.74 24.36 24.00
C GLN B 9 -9.71 24.68 22.86
N LEU B 10 -11.00 24.68 23.16
CA LEU B 10 -12.01 25.12 22.19
C LEU B 10 -11.84 26.57 21.74
N GLU B 11 -11.46 27.45 22.68
CA GLU B 11 -11.16 28.85 22.37
C GLU B 11 -9.91 28.99 21.50
N ALA B 12 -8.88 28.18 21.78
CA ALA B 12 -7.65 28.25 20.99
C ALA B 12 -7.93 27.90 19.54
N ARG B 13 -8.90 27.01 19.33
CA ARG B 13 -9.33 26.62 17.98
C ARG B 13 -10.08 27.76 17.28
N ARG B 14 -11.05 28.36 17.98
CA ARG B 14 -11.80 29.50 17.44
C ARG B 14 -10.85 30.64 17.11
N HIS B 15 -9.93 30.94 18.02
CA HIS B 15 -8.96 32.01 17.81
C HIS B 15 -8.07 31.76 16.58
N ALA B 16 -7.54 30.53 16.47
CA ALA B 16 -6.69 30.14 15.35
C ALA B 16 -7.48 30.18 14.03
N GLN B 17 -8.72 29.73 14.08
CA GLN B 17 -9.62 29.77 12.93
C GLN B 17 -9.90 31.20 12.45
N ALA B 18 -10.26 32.09 13.40
CA ALA B 18 -10.52 33.51 13.09
C ALA B 18 -9.30 34.16 12.47
N PHE B 19 -8.13 33.93 13.06
CA PHE B 19 -6.90 34.48 12.51
C PHE B 19 -6.58 33.95 11.11
N ALA B 20 -6.73 32.65 10.88
CA ALA B 20 -6.52 32.08 9.56
C ALA B 20 -7.46 32.72 8.54
N ASN B 21 -8.75 32.79 8.87
CA ASN B 21 -9.77 33.27 7.93
C ASN B 21 -9.76 34.77 7.64
N THR B 22 -9.56 35.58 8.68
CA THR B 22 -9.55 37.04 8.52
C THR B 22 -8.19 37.58 8.08
N VAL B 23 -7.12 36.90 8.45
CA VAL B 23 -5.78 37.40 8.15
C VAL B 23 -5.03 36.60 7.09
N LEU B 24 -4.83 35.29 7.34
CA LEU B 24 -3.95 34.49 6.46
C LEU B 24 -4.50 34.32 5.05
N THR B 25 -5.83 34.28 4.91
CA THR B 25 -6.48 34.22 3.59
C THR B 25 -6.06 35.38 2.66
N LYS B 26 -5.64 36.50 3.23
CA LYS B 26 -5.24 37.69 2.47
C LYS B 26 -3.78 37.64 2.03
N ALA B 27 -3.04 36.63 2.48
CA ALA B 27 -1.59 36.57 2.22
C ALA B 27 -1.27 36.33 0.76
N SER B 28 -2.08 35.47 0.12
CA SER B 28 -1.83 35.02 -1.24
C SER B 28 -1.76 36.17 -2.24
N ALA B 29 -2.72 37.09 -2.14
CA ALA B 29 -2.78 38.27 -2.99
C ALA B 29 -1.45 39.02 -2.99
N GLU B 30 -0.72 38.95 -1.88
CA GLU B 30 0.55 39.68 -1.72
C GLU B 30 1.78 38.90 -2.17
N TYR B 31 1.90 37.63 -1.77
CA TYR B 31 3.05 36.82 -2.19
C TYR B 31 3.01 36.29 -3.62
N SER B 32 1.81 36.02 -4.15
CA SER B 32 1.66 35.47 -5.51
C SER B 32 2.28 36.31 -6.63
N THR B 33 2.43 37.62 -6.40
CA THR B 33 3.00 38.53 -7.40
C THR B 33 4.53 38.60 -7.39
N GLN B 34 5.15 38.07 -6.33
CA GLN B 34 6.60 38.16 -6.21
C GLN B 34 7.31 37.12 -7.06
N LYS B 35 8.57 37.39 -7.40
CA LYS B 35 9.25 36.60 -8.43
C LYS B 35 10.22 35.53 -7.92
N ASP B 36 10.58 35.61 -6.64
CA ASP B 36 11.48 34.62 -6.07
C ASP B 36 11.17 34.32 -4.61
N GLN B 37 11.79 33.25 -4.10
CA GLN B 37 11.51 32.72 -2.77
C GLN B 37 11.63 33.79 -1.66
N LEU B 38 12.74 34.51 -1.64
CA LEU B 38 12.95 35.61 -0.66
C LEU B 38 11.88 36.71 -0.73
N SER B 39 11.54 37.15 -1.95
CA SER B 39 10.52 38.20 -2.13
C SER B 39 9.17 37.76 -1.60
N ARG B 40 8.80 36.51 -1.89
CA ARG B 40 7.58 35.91 -1.37
C ARG B 40 7.60 35.83 0.17
N PHE B 41 8.72 35.38 0.74
CA PHE B 41 8.93 35.44 2.20
C PHE B 41 8.72 36.87 2.74
N GLN B 42 9.45 37.84 2.16
CA GLN B 42 9.34 39.25 2.56
C GLN B 42 7.91 39.80 2.50
N ALA B 43 7.14 39.34 1.52
CA ALA B 43 5.74 39.74 1.36
C ALA B 43 4.82 39.24 2.48
N THR B 44 5.28 38.27 3.26
CA THR B 44 4.46 37.73 4.36
C THR B 44 4.74 38.45 5.68
N ARG B 45 5.74 39.32 5.69
CA ARG B 45 6.12 40.04 6.91
C ARG B 45 4.93 40.71 7.61
N PRO B 46 4.07 41.44 6.87
CA PRO B 46 2.90 42.02 7.54
C PRO B 46 1.96 41.00 8.17
N PHE B 47 1.98 39.79 7.64
CA PHE B 47 1.11 38.73 8.17
C PHE B 47 1.69 38.11 9.46
N TYR B 48 3.01 37.92 9.47
CA TYR B 48 3.71 37.57 10.70
C TYR B 48 3.53 38.65 11.80
N ARG B 49 3.60 39.93 11.41
CA ARG B 49 3.29 41.04 12.34
C ARG B 49 1.91 40.87 12.99
N GLU B 50 0.90 40.54 12.19
CA GLU B 50 -0.44 40.27 12.72
C GLU B 50 -0.51 39.04 13.61
N ALA B 51 0.34 38.06 13.33
CA ALA B 51 0.44 36.84 14.16
C ALA B 51 0.96 37.20 15.53
N VAL B 52 2.03 37.99 15.57
CA VAL B 52 2.59 38.54 16.81
C VAL B 52 1.51 39.29 17.58
N ARG B 53 0.81 40.19 16.87
CA ARG B 53 -0.23 41.03 17.45
C ARG B 53 -1.34 40.18 18.06
N HIS B 54 -1.66 39.06 17.41
CA HIS B 54 -2.66 38.11 17.92
C HIS B 54 -2.12 37.18 19.02
N GLY B 55 -0.86 37.40 19.41
CA GLY B 55 -0.21 36.65 20.50
C GLY B 55 0.28 35.24 20.16
N LEU B 56 0.43 34.95 18.88
CA LEU B 56 0.77 33.61 18.41
C LEU B 56 2.25 33.27 18.54
N ILE B 57 3.11 34.28 18.59
CA ILE B 57 4.53 34.05 18.82
C ILE B 57 4.77 33.86 20.32
N LYS B 58 4.07 34.65 21.13
CA LYS B 58 4.11 34.50 22.57
C LYS B 58 3.65 33.09 22.97
N ALA B 59 2.69 32.55 22.21
CA ALA B 59 2.09 31.23 22.51
C ALA B 59 3.00 30.04 22.18
N GLN B 60 4.18 30.33 21.66
CA GLN B 60 5.19 29.33 21.35
C GLN B 60 6.18 29.17 22.52
N VAL B 61 5.96 29.94 23.60
CA VAL B 61 6.84 29.94 24.78
C VAL B 61 6.00 29.54 26.00
N PRO B 62 6.49 28.58 26.80
CA PRO B 62 5.80 28.15 28.03
C PRO B 62 5.48 29.30 29.00
N ILE B 63 4.35 29.20 29.68
CA ILE B 63 3.93 30.15 30.71
C ILE B 63 5.04 30.49 31.74
N PRO B 64 5.71 29.46 32.34
CA PRO B 64 6.80 29.74 33.31
C PRO B 64 7.98 30.56 32.77
N LEU B 65 8.10 30.66 31.44
CA LEU B 65 9.14 31.45 30.79
C LEU B 65 8.59 32.80 30.31
N GLY B 66 7.35 33.10 30.70
CA GLY B 66 6.71 34.37 30.37
C GLY B 66 5.88 34.38 29.08
N GLY B 67 5.73 33.20 28.46
CA GLY B 67 4.90 33.10 27.27
C GLY B 67 3.48 32.72 27.65
N THR B 68 2.72 32.28 26.65
CA THR B 68 1.30 31.99 26.84
C THR B 68 0.90 30.58 26.39
N MET B 69 1.88 29.75 25.97
CA MET B 69 1.58 28.37 25.57
C MET B 69 0.89 27.60 26.70
N GLU B 70 -0.34 27.14 26.46
CA GLU B 70 -1.11 26.49 27.52
C GLU B 70 -0.80 24.99 27.63
N SER B 71 -0.52 24.36 26.48
CA SER B 71 -0.09 22.98 26.38
C SER B 71 0.24 22.63 24.93
N LEU B 72 0.86 21.49 24.72
CA LEU B 72 1.19 21.01 23.38
C LEU B 72 -0.05 20.53 22.59
N VAL B 73 -1.10 20.12 23.29
CA VAL B 73 -2.39 19.85 22.66
C VAL B 73 -3.01 21.15 22.13
N HIS B 74 -2.96 22.22 22.93
CA HIS B 74 -3.40 23.54 22.46
C HIS B 74 -2.63 23.90 21.20
N GLU B 75 -1.32 23.76 21.24
CA GLU B 75 -0.45 24.04 20.09
C GLU B 75 -0.86 23.21 18.86
N SER B 76 -1.18 21.94 19.08
CA SER B 76 -1.52 21.01 17.99
C SER B 76 -2.81 21.46 17.33
N ILE B 77 -3.77 21.87 18.15
CA ILE B 77 -5.04 22.38 17.67
C ILE B 77 -4.79 23.64 16.81
N ILE B 78 -4.06 24.59 17.35
CA ILE B 78 -3.73 25.82 16.62
C ILE B 78 -3.10 25.53 15.24
N LEU B 79 -2.06 24.69 15.20
CA LEU B 79 -1.32 24.41 13.97
C LEU B 79 -2.16 23.73 12.89
N GLU B 80 -3.02 22.81 13.30
CA GLU B 80 -3.94 22.17 12.35
C GLU B 80 -4.88 23.20 11.68
N GLU B 81 -5.41 24.14 12.46
CA GLU B 81 -6.32 25.13 11.90
C GLU B 81 -5.60 26.08 10.94
N LEU B 82 -4.43 26.56 11.34
CA LEU B 82 -3.60 27.41 10.49
C LEU B 82 -3.23 26.72 9.18
N PHE B 83 -2.75 25.48 9.27
CA PHE B 83 -2.27 24.79 8.09
C PHE B 83 -3.39 24.33 7.17
N ALA B 84 -4.58 24.12 7.74
CA ALA B 84 -5.79 23.88 6.94
C ALA B 84 -6.12 25.02 5.96
N VAL B 85 -5.61 26.23 6.23
CA VAL B 85 -5.97 27.41 5.45
C VAL B 85 -4.79 27.93 4.66
N GLU B 86 -3.68 28.21 5.34
CA GLU B 86 -2.56 28.87 4.70
C GLU B 86 -1.30 28.57 5.48
N PRO B 87 -0.42 27.73 4.93
CA PRO B 87 0.90 27.49 5.54
C PRO B 87 1.86 28.69 5.50
N ALA B 88 1.59 29.68 4.63
CA ALA B 88 2.41 30.89 4.61
C ALA B 88 2.24 31.56 5.96
N THR B 89 3.34 32.06 6.53
CA THR B 89 3.35 32.66 7.89
C THR B 89 3.16 31.63 9.02
N SER B 90 2.18 30.73 8.88
CA SER B 90 2.05 29.60 9.80
C SER B 90 3.41 28.87 9.95
N ILE B 91 4.06 28.59 8.83
CA ILE B 91 5.39 27.96 8.83
C ILE B 91 6.45 28.79 9.57
N THR B 92 6.36 30.11 9.46
CA THR B 92 7.33 30.99 10.10
C THR B 92 7.21 30.90 11.61
N ILE B 93 5.96 30.87 12.08
CA ILE B 93 5.64 30.78 13.51
C ILE B 93 6.21 29.51 14.15
N VAL B 94 5.88 28.35 13.59
CA VAL B 94 6.40 27.08 14.05
C VAL B 94 7.92 26.93 13.86
N ALA B 95 8.49 27.54 12.81
CA ALA B 95 9.93 27.50 12.63
C ALA B 95 10.64 28.32 13.70
N THR B 96 9.98 29.40 14.13
CA THR B 96 10.45 30.24 15.25
C THR B 96 10.39 29.42 16.53
N ALA B 97 9.28 28.71 16.75
CA ALA B 97 9.12 27.88 17.96
C ALA B 97 10.29 26.91 18.11
N LEU B 98 10.62 26.23 17.02
CA LEU B 98 11.75 25.33 16.98
C LEU B 98 13.08 26.04 17.26
N GLY B 99 13.29 27.22 16.65
CA GLY B 99 14.47 28.02 16.91
C GLY B 99 14.59 28.46 18.37
N LEU B 100 13.44 28.64 19.03
CA LEU B 100 13.40 28.94 20.47
C LEU B 100 13.60 27.76 21.43
N MET B 101 13.31 26.55 20.94
N MET B 101 13.32 26.54 20.95
CA MET B 101 13.32 25.34 21.79
CA MET B 101 13.30 25.36 21.83
C MET B 101 14.61 25.06 22.57
C MET B 101 14.61 25.03 22.58
N PRO B 102 15.79 25.15 21.93
CA PRO B 102 17.04 24.94 22.68
C PRO B 102 17.21 25.87 23.89
N VAL B 103 16.74 27.11 23.77
CA VAL B 103 16.80 28.05 24.89
C VAL B 103 15.73 27.72 25.94
N ILE B 104 14.56 27.33 25.46
CA ILE B 104 13.43 27.01 26.31
C ILE B 104 13.74 25.77 27.18
N LEU B 105 14.49 24.83 26.61
CA LEU B 105 14.81 23.56 27.25
C LEU B 105 16.10 23.58 28.06
N CYS B 106 16.93 24.63 27.91
CA CYS B 106 18.18 24.71 28.67
C CYS B 106 17.92 24.99 30.16
N ASP B 107 18.96 24.86 30.98
CA ASP B 107 18.77 25.04 32.43
C ASP B 107 19.38 26.35 32.94
N SER B 108 19.45 27.35 32.07
CA SER B 108 20.03 28.64 32.42
C SER B 108 18.98 29.74 32.40
N PRO B 109 18.48 30.13 33.59
CA PRO B 109 17.49 31.22 33.69
C PRO B 109 17.92 32.56 33.12
N SER B 110 19.22 32.90 33.24
CA SER B 110 19.72 34.19 32.75
C SER B 110 19.65 34.24 31.24
N LEU B 111 20.09 33.16 30.60
CA LEU B 111 20.06 33.01 29.14
C LEU B 111 18.63 33.03 28.59
N GLN B 112 17.70 32.37 29.28
CA GLN B 112 16.28 32.37 28.90
C GLN B 112 15.61 33.75 29.04
N GLU B 113 15.92 34.44 30.14
CA GLU B 113 15.35 35.76 30.42
C GLU B 113 15.77 36.75 29.34
N LYS B 114 17.06 36.75 29.04
CA LYS B 114 17.66 37.60 28.03
C LYS B 114 17.16 37.29 26.60
N PHE B 115 17.31 36.04 26.19
CA PHE B 115 17.11 35.67 24.78
C PHE B 115 15.67 35.48 24.34
N LEU B 116 14.79 35.14 25.27
CA LEU B 116 13.39 34.92 24.92
C LEU B 116 12.56 36.19 24.94
N LYS B 117 13.16 37.28 25.42
CA LYS B 117 12.41 38.51 25.69
C LYS B 117 11.67 39.10 24.49
N PRO B 118 12.37 39.33 23.35
CA PRO B 118 11.64 39.89 22.20
C PRO B 118 10.46 39.03 21.76
N PHE B 119 10.55 37.72 21.98
CA PHE B 119 9.56 36.78 21.51
C PHE B 119 8.31 36.73 22.38
N ILE B 120 8.41 37.22 23.62
CA ILE B 120 7.22 37.28 24.49
C ILE B 120 6.70 38.70 24.67
N SER B 121 7.28 39.65 23.95
CA SER B 121 6.94 41.07 24.07
C SER B 121 5.57 41.41 23.48
N GLY B 122 5.16 40.70 22.43
CA GLY B 122 3.90 40.97 21.75
C GLY B 122 4.04 42.10 20.74
N GLU B 123 5.27 42.37 20.33
CA GLU B 123 5.55 43.47 19.42
C GLU B 123 6.67 43.14 18.43
N GLY B 124 6.71 43.85 17.30
CA GLY B 124 7.71 43.62 16.27
C GLY B 124 7.38 42.37 15.47
N GLU B 125 8.40 41.85 14.77
CA GLU B 125 8.31 40.59 14.04
C GLU B 125 9.57 39.77 14.28
N PRO B 126 9.84 39.37 15.54
CA PRO B 126 11.09 38.67 15.82
C PRO B 126 11.07 37.25 15.25
N LEU B 127 12.20 36.84 14.68
CA LEU B 127 12.39 35.53 14.08
C LEU B 127 13.45 34.72 14.83
N ALA B 128 13.21 33.41 14.97
CA ALA B 128 14.22 32.50 15.54
C ALA B 128 14.48 31.36 14.57
N SER B 129 15.69 30.78 14.62
CA SER B 129 16.08 29.70 13.73
C SER B 129 17.00 28.66 14.41
N LEU B 130 16.64 27.38 14.29
CA LEU B 130 17.55 26.32 14.69
C LEU B 130 18.38 25.91 13.48
N MET B 131 19.65 26.33 13.49
CA MET B 131 20.54 26.16 12.35
C MET B 131 21.36 24.88 12.51
N HIS B 132 20.79 23.77 12.03
CA HIS B 132 21.41 22.46 12.13
C HIS B 132 21.83 21.94 10.75
N SER B 133 20.89 21.95 9.80
CA SER B 133 21.09 21.31 8.49
C SER B 133 22.19 21.95 7.63
N GLU B 134 22.75 21.15 6.73
CA GLU B 134 23.96 21.50 5.99
C GLU B 134 23.90 21.02 4.53
N PRO B 135 24.69 21.66 3.65
CA PRO B 135 24.77 21.23 2.25
C PRO B 135 25.03 19.75 2.06
N ASN B 136 25.96 19.18 2.82
CA ASN B 136 26.35 17.78 2.68
C ASN B 136 25.40 16.76 3.34
N GLY B 137 24.36 17.22 4.01
CA GLY B 137 23.46 16.32 4.76
C GLY B 137 23.71 16.28 6.26
N THR B 138 22.72 15.78 7.02
CA THR B 138 22.86 15.64 8.47
C THR B 138 22.35 14.32 9.02
N ALA B 139 21.88 13.43 8.13
CA ALA B 139 21.32 12.17 8.57
C ALA B 139 22.36 11.42 9.41
N ASN B 140 23.62 11.66 9.09
CA ASN B 140 24.75 10.91 9.66
C ASN B 140 25.61 11.75 10.59
N TRP B 141 25.08 12.88 11.05
CA TRP B 141 25.87 13.83 11.85
C TRP B 141 26.47 13.23 13.13
N LEU B 142 25.82 12.20 13.68
CA LEU B 142 26.30 11.57 14.91
C LEU B 142 27.04 10.26 14.68
N GLN B 143 27.25 9.89 13.42
CA GLN B 143 27.95 8.64 13.10
C GLN B 143 29.44 8.67 13.49
N LYS B 144 29.84 7.75 14.36
CA LYS B 144 31.23 7.65 14.79
C LYS B 144 32.08 7.14 13.65
N GLY B 145 33.19 7.83 13.42
CA GLY B 145 34.05 7.51 12.29
C GLY B 145 33.67 8.22 11.01
N GLY B 146 32.57 8.99 11.03
CA GLY B 146 32.11 9.78 9.87
C GLY B 146 32.64 11.21 9.90
N PRO B 147 32.43 11.98 8.82
CA PRO B 147 32.91 13.37 8.77
C PRO B 147 32.27 14.32 9.78
N GLY B 148 31.02 14.07 10.17
CA GLY B 148 30.32 14.93 11.14
C GLY B 148 29.93 16.28 10.59
N LEU B 149 29.37 17.15 11.43
CA LEU B 149 29.00 18.49 11.01
C LEU B 149 30.20 19.21 10.35
N GLN B 150 29.92 19.98 9.29
CA GLN B 150 30.98 20.72 8.61
C GLN B 150 30.96 22.19 9.02
N THR B 151 29.97 22.56 9.81
CA THR B 151 30.05 23.79 10.58
C THR B 151 30.75 23.45 11.90
N THR B 152 31.98 23.92 12.04
CA THR B 152 32.78 23.65 13.23
C THR B 152 32.95 24.92 14.06
N ALA B 153 33.41 24.74 15.30
CA ALA B 153 33.71 25.85 16.20
C ALA B 153 34.95 25.53 17.01
N ARG B 154 35.75 26.57 17.27
CA ARG B 154 36.94 26.49 18.14
C ARG B 154 36.93 27.70 19.08
N LYS B 155 37.45 27.51 20.28
CA LYS B 155 37.52 28.58 21.28
C LYS B 155 38.88 29.27 21.19
N VAL B 156 38.86 30.59 21.01
CA VAL B 156 40.09 31.39 20.93
C VAL B 156 39.94 32.62 21.83
N GLY B 157 40.65 32.63 22.95
CA GLY B 157 40.45 33.65 23.98
C GLY B 157 39.14 33.45 24.70
N ASN B 158 38.39 34.54 24.92
CA ASN B 158 37.03 34.45 25.46
C ASN B 158 35.94 34.40 24.36
N GLU B 159 36.29 33.82 23.22
CA GLU B 159 35.37 33.77 22.08
C GLU B 159 35.36 32.41 21.40
N TRP B 160 34.30 32.16 20.63
CA TRP B 160 34.21 31.03 19.73
C TRP B 160 34.22 31.51 18.29
N VAL B 161 34.92 30.75 17.43
CA VAL B 161 35.00 31.04 16.02
C VAL B 161 34.39 29.93 15.17
N ILE B 162 33.34 30.30 14.44
CA ILE B 162 32.57 29.38 13.62
C ILE B 162 33.06 29.41 12.17
N SER B 163 33.25 28.22 11.61
CA SER B 163 33.63 28.03 10.23
C SER B 163 32.71 26.99 9.61
N GLY B 164 32.14 27.28 8.45
CA GLY B 164 31.39 26.29 7.68
C GLY B 164 30.06 26.80 7.18
N GLU B 165 29.28 25.90 6.57
CA GLU B 165 28.01 26.26 5.92
C GLU B 165 26.77 25.51 6.45
N LYS B 166 25.67 26.25 6.57
CA LYS B 166 24.33 25.70 6.81
C LYS B 166 23.47 25.88 5.57
N LEU B 167 22.48 25.00 5.40
CA LEU B 167 21.52 25.03 4.30
C LEU B 167 20.20 24.55 4.86
N TRP B 168 19.09 25.23 4.51
CA TRP B 168 17.72 24.82 4.91
C TRP B 168 17.12 25.48 6.16
N PRO B 169 17.93 25.94 7.14
CA PRO B 169 17.29 26.41 8.37
C PRO B 169 16.32 27.58 8.18
N SER B 170 15.06 27.33 8.50
CA SER B 170 14.00 28.31 8.44
C SER B 170 14.33 29.65 9.12
N ASN B 171 14.08 30.75 8.42
CA ASN B 171 14.23 32.11 8.98
C ASN B 171 15.66 32.50 9.33
N SER B 172 16.64 31.66 9.02
CA SER B 172 17.98 31.85 9.56
C SER B 172 18.61 33.21 9.26
N GLY B 173 18.27 33.77 8.10
CA GLY B 173 18.82 35.05 7.66
C GLY B 173 17.99 36.24 8.08
N GLY B 174 16.88 35.98 8.77
CA GLY B 174 15.90 37.01 9.06
C GLY B 174 15.26 37.55 7.79
N TRP B 175 14.51 38.64 7.94
CA TRP B 175 13.77 39.25 6.85
C TRP B 175 14.63 39.89 5.78
N ASP B 176 15.88 40.19 6.09
CA ASP B 176 16.70 41.06 5.23
C ASP B 176 18.11 40.53 4.99
N TYR B 177 18.35 39.30 5.42
CA TYR B 177 19.67 38.64 5.36
C TYR B 177 20.70 39.27 6.28
N LYS B 178 20.23 40.06 7.25
CA LYS B 178 21.11 40.56 8.31
C LYS B 178 20.97 39.73 9.59
N GLY B 179 20.23 38.62 9.47
CA GLY B 179 20.16 37.58 10.50
C GLY B 179 18.81 37.46 11.17
N ALA B 180 18.50 36.24 11.61
CA ALA B 180 17.34 36.00 12.46
C ALA B 180 17.59 36.70 13.79
N ASP B 181 16.53 37.11 14.46
CA ASP B 181 16.69 37.76 15.76
C ASP B 181 17.39 36.86 16.80
N LEU B 182 17.11 35.56 16.77
CA LEU B 182 17.90 34.58 17.52
C LEU B 182 18.14 33.33 16.67
N ALA B 183 19.40 33.02 16.36
CA ALA B 183 19.77 31.77 15.72
C ALA B 183 20.53 30.86 16.70
N CYS B 184 20.10 29.60 16.82
CA CYS B 184 20.85 28.58 17.59
C CYS B 184 21.70 27.76 16.63
N VAL B 185 22.99 28.05 16.57
CA VAL B 185 23.88 27.45 15.56
C VAL B 185 24.56 26.20 16.11
N VAL B 186 24.26 25.05 15.52
CA VAL B 186 24.78 23.77 15.98
C VAL B 186 26.09 23.48 15.29
N CYS B 187 27.15 23.33 16.09
CA CYS B 187 28.51 23.17 15.60
C CYS B 187 29.17 21.93 16.17
N ARG B 188 30.09 21.36 15.39
CA ARG B 188 31.04 20.39 15.91
C ARG B 188 32.31 21.10 16.39
N VAL B 189 32.75 20.80 17.61
CA VAL B 189 33.98 21.39 18.13
C VAL B 189 35.19 20.79 17.43
N SER B 190 36.03 21.65 16.87
CA SER B 190 37.24 21.24 16.16
C SER B 190 38.29 22.33 16.29
N ASP B 191 39.44 22.00 16.88
CA ASP B 191 40.50 23.01 17.03
C ASP B 191 41.15 23.38 15.71
N ASP B 192 41.51 22.39 14.90
CA ASP B 192 41.92 22.64 13.51
C ASP B 192 40.86 22.11 12.54
N PRO B 193 40.01 23.01 12.00
CA PRO B 193 38.90 22.63 11.13
C PRO B 193 39.28 21.94 9.81
N SER B 194 40.56 21.99 9.44
CA SER B 194 41.04 21.31 8.24
C SER B 194 41.37 19.84 8.52
N LYS B 195 41.32 19.46 9.80
CA LYS B 195 41.51 18.07 10.21
C LYS B 195 40.16 17.35 10.35
N PRO B 196 40.10 16.08 9.91
CA PRO B 196 38.85 15.31 9.98
C PRO B 196 38.44 15.05 11.42
N GLN B 197 37.15 14.85 11.65
CA GLN B 197 36.67 14.39 12.93
C GLN B 197 37.46 13.15 13.35
N ASP B 198 37.89 13.15 14.61
CA ASP B 198 38.63 12.02 15.19
C ASP B 198 37.72 10.78 15.20
N PRO B 199 38.11 9.71 14.48
CA PRO B 199 37.25 8.52 14.40
C PRO B 199 37.15 7.70 15.70
N ASN B 200 37.94 8.07 16.70
CA ASN B 200 37.93 7.38 17.98
C ASN B 200 37.15 8.10 19.06
N VAL B 201 36.61 9.27 18.74
CA VAL B 201 35.79 10.02 19.70
C VAL B 201 34.34 10.08 19.24
N ASP B 202 33.43 9.86 20.19
CA ASP B 202 31.99 9.87 19.95
C ASP B 202 31.52 11.26 19.53
N PRO B 203 31.00 11.38 18.28
CA PRO B 203 30.55 12.67 17.73
C PRO B 203 29.67 13.48 18.65
N ALA B 204 28.77 12.82 19.38
CA ALA B 204 27.86 13.52 20.30
C ALA B 204 28.61 14.28 21.38
N THR B 205 29.83 13.85 21.74
CA THR B 205 30.60 14.53 22.80
C THR B 205 31.18 15.87 22.35
N GLN B 206 31.16 16.12 21.03
CA GLN B 206 31.74 17.31 20.43
C GLN B 206 30.73 18.39 19.97
N ILE B 207 29.45 18.23 20.32
CA ILE B 207 28.43 19.17 19.86
C ILE B 207 28.35 20.43 20.72
N ALA B 208 28.37 21.59 20.06
CA ALA B 208 28.19 22.89 20.70
C ALA B 208 27.01 23.62 20.09
N VAL B 209 26.27 24.37 20.90
CA VAL B 209 25.25 25.28 20.38
C VAL B 209 25.62 26.74 20.74
N LEU B 210 25.79 27.57 19.72
CA LEU B 210 26.16 28.96 19.90
C LEU B 210 25.02 29.87 19.47
N LEU B 211 24.62 30.77 20.36
CA LEU B 211 23.55 31.71 20.06
C LEU B 211 24.12 32.87 19.24
N VAL B 212 23.43 33.21 18.16
CA VAL B 212 23.89 34.23 17.20
C VAL B 212 22.73 35.16 16.90
N THR B 213 22.86 36.41 17.33
CA THR B 213 21.82 37.41 17.12
C THR B 213 22.25 38.35 16.00
N ARG B 214 21.42 39.33 15.69
CA ARG B 214 21.78 40.35 14.69
C ARG B 214 22.97 41.20 15.14
N GLU B 215 23.05 41.44 16.45
CA GLU B 215 24.19 42.15 17.01
C GLU B 215 25.48 41.38 16.76
N THR B 216 25.48 40.08 17.04
CA THR B 216 26.66 39.24 16.78
C THR B 216 27.15 39.43 15.36
N ILE B 217 26.20 39.40 14.42
CA ILE B 217 26.51 39.49 12.99
C ILE B 217 27.07 40.87 12.65
N ALA B 218 26.44 41.91 13.20
CA ALA B 218 26.91 43.28 13.04
C ALA B 218 28.32 43.52 13.62
N ASN B 219 28.73 42.71 14.60
CA ASN B 219 30.06 42.86 15.21
C ASN B 219 31.16 42.11 14.47
N ASN B 220 30.78 41.44 13.39
CA ASN B 220 31.74 40.72 12.56
C ASN B 220 31.99 41.42 11.24
N LYS B 221 33.13 41.14 10.60
CA LYS B 221 33.40 41.55 9.21
C LYS B 221 32.25 41.13 8.31
N LYS B 222 32.07 41.83 7.19
CA LYS B 222 30.97 41.55 6.27
C LYS B 222 31.06 40.16 5.65
N ASP B 223 32.26 39.76 5.27
CA ASP B 223 32.48 38.47 4.62
C ASP B 223 32.46 37.27 5.57
N ALA B 224 32.23 37.53 6.86
CA ALA B 224 32.24 36.50 7.88
C ALA B 224 30.88 35.76 7.98
N TYR B 225 29.86 36.39 7.43
CA TYR B 225 28.51 35.85 7.41
C TYR B 225 27.91 36.24 6.08
N GLN B 226 27.87 35.30 5.14
CA GLN B 226 27.23 35.57 3.86
C GLN B 226 26.20 34.54 3.42
N ILE B 227 25.11 35.05 2.86
CA ILE B 227 24.07 34.21 2.27
C ILE B 227 24.45 33.94 0.82
N LEU B 228 24.63 32.67 0.48
CA LEU B 228 25.12 32.29 -0.83
C LEU B 228 23.98 31.94 -1.77
N GLY B 229 22.80 31.73 -1.22
CA GLY B 229 21.67 31.27 -2.02
C GLY B 229 20.41 31.01 -1.21
N GLU B 230 19.33 30.76 -1.93
CA GLU B 230 18.00 30.60 -1.37
C GLU B 230 17.26 29.60 -2.27
N PRO B 231 17.11 28.36 -1.78
CA PRO B 231 16.45 27.31 -2.54
C PRO B 231 15.04 27.71 -2.97
N GLU B 232 14.70 27.37 -4.20
CA GLU B 232 13.35 27.52 -4.73
C GLU B 232 12.66 26.20 -4.49
N LEU B 233 11.67 26.20 -3.59
CA LEU B 233 11.06 24.96 -3.12
C LEU B 233 9.82 24.59 -3.94
N ALA B 234 9.55 23.29 -4.05
CA ALA B 234 8.33 22.80 -4.70
C ALA B 234 7.08 23.40 -4.09
N GLY B 235 7.08 23.58 -2.75
CA GLY B 235 5.92 24.04 -2.00
C GLY B 235 6.40 24.77 -0.77
N HIS B 236 5.48 25.34 0.02
CA HIS B 236 5.86 26.32 1.05
C HIS B 236 6.79 27.35 0.39
N ILE B 237 6.25 27.98 -0.66
CA ILE B 237 7.06 28.83 -1.54
C ILE B 237 7.38 30.19 -0.93
N THR B 238 6.76 30.49 0.21
CA THR B 238 6.93 31.76 0.92
C THR B 238 7.82 31.69 2.18
N THR B 239 8.51 30.57 2.39
CA THR B 239 9.41 30.46 3.51
C THR B 239 10.85 30.82 3.07
N SER B 240 11.71 31.13 4.05
CA SER B 240 13.14 31.32 3.76
C SER B 240 13.97 30.34 4.58
N GLY B 241 14.93 29.69 3.93
CA GLY B 241 15.84 28.74 4.57
C GLY B 241 17.14 28.73 3.79
N PRO B 242 17.92 29.82 3.89
CA PRO B 242 19.05 30.08 3.00
C PRO B 242 20.25 29.15 3.12
N HIS B 243 21.16 29.28 2.15
CA HIS B 243 22.47 28.70 2.20
C HIS B 243 23.37 29.78 2.82
N THR B 244 23.96 29.46 3.98
CA THR B 244 24.78 30.41 4.74
C THR B 244 26.20 29.90 4.88
N ARG B 245 27.17 30.80 4.74
CA ARG B 245 28.56 30.46 5.02
C ARG B 245 29.10 31.32 6.15
N PHE B 246 29.72 30.65 7.14
CA PHE B 246 30.41 31.32 8.23
C PHE B 246 31.90 31.25 7.92
N THR B 247 32.57 32.40 7.93
CA THR B 247 34.02 32.41 7.76
C THR B 247 34.66 33.21 8.89
N GLU B 248 35.30 32.50 9.82
CA GLU B 248 35.94 33.09 11.01
C GLU B 248 34.99 33.99 11.78
N PHE B 249 33.77 33.50 11.96
CA PHE B 249 32.68 34.25 12.60
C PHE B 249 32.76 34.19 14.14
N HIS B 250 32.98 35.35 14.76
CA HIS B 250 33.24 35.45 16.20
C HIS B 250 32.00 35.57 17.05
N VAL B 251 31.93 34.77 18.11
CA VAL B 251 30.78 34.76 19.01
C VAL B 251 31.30 34.83 20.46
N PRO B 252 30.64 35.62 21.32
CA PRO B 252 31.08 35.69 22.73
C PRO B 252 30.87 34.37 23.47
N HIS B 253 31.84 33.97 24.29
CA HIS B 253 31.67 32.79 25.15
C HIS B 253 30.34 32.83 25.91
N GLU B 254 29.92 34.03 26.28
CA GLU B 254 28.62 34.26 26.95
C GLU B 254 27.40 33.76 26.15
N ASN B 255 27.60 33.52 24.84
CA ASN B 255 26.52 33.08 23.96
C ASN B 255 26.47 31.56 23.75
N LEU B 256 27.40 30.85 24.39
CA LEU B 256 27.40 29.40 24.39
C LEU B 256 26.24 28.90 25.24
N LEU B 257 25.36 28.11 24.64
CA LEU B 257 24.11 27.68 25.28
C LEU B 257 24.32 26.84 26.54
N CYS B 258 25.36 26.01 26.50
CA CYS B 258 25.68 25.09 27.57
C CYS B 258 27.01 24.45 27.24
N THR B 259 27.55 23.68 28.18
CA THR B 259 28.83 23.04 28.00
C THR B 259 28.76 22.10 26.80
N PRO B 260 29.76 22.16 25.89
CA PRO B 260 29.73 21.26 24.74
C PRO B 260 29.72 19.81 25.17
N GLY B 261 29.15 18.96 24.32
CA GLY B 261 29.10 17.54 24.58
C GLY B 261 27.69 17.00 24.54
N LEU B 262 27.48 15.92 25.29
CA LEU B 262 26.21 15.20 25.30
C LEU B 262 25.03 16.05 25.69
N LYS B 263 25.23 17.01 26.59
CA LYS B 263 24.12 17.84 27.04
C LYS B 263 23.62 18.79 25.93
N ALA B 264 24.58 19.30 25.16
CA ALA B 264 24.29 20.14 23.99
C ALA B 264 23.56 19.35 22.89
N GLN B 265 24.04 18.14 22.61
CA GLN B 265 23.39 17.24 21.65
C GLN B 265 21.99 16.88 22.14
N GLY B 266 21.86 16.66 23.45
CA GLY B 266 20.56 16.35 24.06
C GLY B 266 19.51 17.42 23.85
N LEU B 267 19.94 18.69 23.90
CA LEU B 267 19.01 19.83 23.68
C LEU B 267 18.51 19.87 22.26
N VAL B 268 19.41 19.58 21.32
CA VAL B 268 19.04 19.51 19.89
C VAL B 268 18.06 18.37 19.65
N GLU B 269 18.37 17.20 20.20
CA GLU B 269 17.52 16.01 20.04
C GLU B 269 16.13 16.23 20.61
N THR B 270 16.06 16.80 21.81
CA THR B 270 14.78 17.05 22.46
C THR B 270 13.95 18.05 21.66
N ALA B 271 14.62 19.09 21.16
CA ALA B 271 13.95 20.13 20.38
C ALA B 271 13.35 19.48 19.11
N PHE B 272 14.18 18.76 18.38
CA PHE B 272 13.75 18.06 17.17
C PHE B 272 12.75 16.92 17.43
N ALA B 273 12.78 16.33 18.63
CA ALA B 273 11.77 15.35 19.01
C ALA B 273 10.41 15.99 19.24
N MET B 274 10.41 17.16 19.89
CA MET B 274 9.19 17.89 20.09
C MET B 274 8.55 18.31 18.76
N SER B 275 9.38 18.79 17.84
CA SER B 275 8.91 19.19 16.52
C SER B 275 8.44 18.00 15.67
N ALA B 276 9.07 16.83 15.86
CA ALA B 276 8.61 15.59 15.23
C ALA B 276 7.15 15.27 15.56
N ALA B 277 6.75 15.56 16.80
CA ALA B 277 5.37 15.33 17.22
C ALA B 277 4.42 16.38 16.63
N LEU B 278 4.83 17.65 16.68
CA LEU B 278 3.99 18.77 16.22
C LEU B 278 3.78 18.84 14.70
N VAL B 279 4.79 18.42 13.95
CA VAL B 279 4.72 18.35 12.51
C VAL B 279 3.47 17.58 12.06
N GLY B 280 3.05 16.62 12.88
CA GLY B 280 1.88 15.82 12.56
C GLY B 280 0.63 16.67 12.39
N ALA B 281 0.51 17.73 13.19
CA ALA B 281 -0.63 18.64 13.10
C ALA B 281 -0.58 19.50 11.82
N MET B 282 0.63 19.82 11.38
CA MET B 282 0.83 20.55 10.13
C MET B 282 0.38 19.70 8.96
N ALA B 283 0.81 18.44 8.96
CA ALA B 283 0.45 17.48 7.92
C ALA B 283 -1.06 17.21 7.96
N ILE B 284 -1.65 17.13 9.16
CA ILE B 284 -3.10 16.95 9.26
C ILE B 284 -3.88 18.15 8.65
N GLY B 285 -3.42 19.38 8.93
CA GLY B 285 -4.05 20.56 8.34
C GLY B 285 -4.07 20.51 6.82
N THR B 286 -2.89 20.28 6.21
CA THR B 286 -2.78 20.19 4.74
C THR B 286 -3.65 19.07 4.14
N ALA B 287 -3.56 17.86 4.70
CA ALA B 287 -4.36 16.73 4.20
C ALA B 287 -5.86 16.96 4.42
N ARG B 288 -6.21 17.58 5.56
CA ARG B 288 -7.59 17.89 5.92
C ARG B 288 -8.23 18.86 4.92
N ALA B 289 -7.46 19.85 4.49
CA ALA B 289 -7.93 20.78 3.47
C ALA B 289 -8.25 20.02 2.18
N ALA B 290 -7.36 19.09 1.82
CA ALA B 290 -7.57 18.22 0.67
C ALA B 290 -8.84 17.39 0.84
N PHE B 291 -8.96 16.71 1.98
CA PHE B 291 -10.15 15.88 2.25
C PHE B 291 -11.43 16.71 2.16
N GLU B 292 -11.42 17.90 2.77
CA GLU B 292 -12.64 18.70 2.88
C GLU B 292 -13.08 19.26 1.54
N GLU B 293 -12.14 19.80 0.78
CA GLU B 293 -12.43 20.21 -0.58
C GLU B 293 -13.03 19.06 -1.43
N ALA B 294 -12.42 17.88 -1.37
CA ALA B 294 -12.95 16.74 -2.12
C ALA B 294 -14.34 16.30 -1.65
N LEU B 295 -14.55 16.33 -0.33
CA LEU B 295 -15.82 15.95 0.25
C LEU B 295 -16.96 16.89 -0.17
N VAL B 296 -16.69 18.20 -0.15
CA VAL B 296 -17.69 19.20 -0.54
C VAL B 296 -18.03 19.02 -2.03
N PHE B 297 -16.99 18.85 -2.83
CA PHE B 297 -17.16 18.62 -4.27
C PHE B 297 -17.96 17.36 -4.54
N ALA B 298 -17.60 16.27 -3.86
CA ALA B 298 -18.24 14.96 -4.05
C ALA B 298 -19.70 14.95 -3.67
N LYS B 299 -20.07 15.82 -2.73
CA LYS B 299 -21.46 15.85 -2.25
C LYS B 299 -22.30 16.90 -2.95
N SER B 300 -21.69 17.72 -3.81
CA SER B 300 -22.46 18.69 -4.59
C SER B 300 -22.27 18.60 -6.10
N ASP B 301 -21.50 17.61 -6.58
CA ASP B 301 -21.24 17.47 -8.02
C ASP B 301 -21.55 16.07 -8.53
N THR B 302 -22.21 16.00 -9.69
CA THR B 302 -22.64 14.73 -10.28
C THR B 302 -21.70 14.30 -11.42
N ARG B 303 -20.81 15.22 -11.80
CA ARG B 303 -19.91 15.02 -12.95
C ARG B 303 -20.69 14.49 -14.18
N GLY B 304 -21.78 15.16 -14.50
CA GLY B 304 -22.59 14.82 -15.67
C GLY B 304 -23.37 13.53 -15.55
N GLY B 305 -23.52 13.03 -14.33
CA GLY B 305 -24.36 11.89 -14.06
C GLY B 305 -25.68 12.28 -13.42
N SER B 306 -26.32 11.33 -12.77
CA SER B 306 -27.65 11.52 -12.19
C SER B 306 -27.63 11.47 -10.67
N LYS B 307 -26.44 11.34 -10.08
CA LYS B 307 -26.30 11.42 -8.62
C LYS B 307 -24.94 12.02 -8.25
N HIS B 308 -24.87 12.59 -7.06
CA HIS B 308 -23.61 13.10 -6.52
C HIS B 308 -22.58 11.96 -6.48
N ILE B 309 -21.34 12.27 -6.87
CA ILE B 309 -20.29 11.25 -7.00
C ILE B 309 -19.90 10.53 -5.70
N ILE B 310 -20.22 11.11 -4.54
CA ILE B 310 -20.00 10.43 -3.26
C ILE B 310 -20.84 9.16 -3.19
N GLU B 311 -21.83 9.07 -4.05
CA GLU B 311 -22.73 7.92 -4.12
C GLU B 311 -22.11 6.78 -4.94
N HIS B 312 -20.92 7.00 -5.51
CA HIS B 312 -20.17 5.92 -6.17
C HIS B 312 -19.20 5.26 -5.17
N GLN B 313 -19.30 3.95 -4.99
CA GLN B 313 -18.47 3.21 -4.00
C GLN B 313 -16.97 3.52 -4.07
N SER B 314 -16.41 3.59 -5.27
CA SER B 314 -14.98 3.88 -5.42
C SER B 314 -14.64 5.28 -4.92
N VAL B 315 -15.55 6.24 -5.11
CA VAL B 315 -15.35 7.62 -4.61
C VAL B 315 -15.47 7.66 -3.08
N ALA B 316 -16.56 7.12 -2.54
CA ALA B 316 -16.68 6.91 -1.10
C ALA B 316 -15.43 6.25 -0.51
N ASP B 317 -14.92 5.19 -1.14
CA ASP B 317 -13.74 4.47 -0.62
C ASP B 317 -12.53 5.39 -0.45
N LYS B 318 -12.26 6.26 -1.43
CA LYS B 318 -11.16 7.24 -1.30
C LYS B 318 -11.42 8.21 -0.13
N LEU B 319 -12.66 8.71 -0.02
CA LEU B 319 -12.97 9.68 1.05
C LEU B 319 -12.88 9.02 2.42
N ILE B 320 -13.33 7.76 2.49
CA ILE B 320 -13.22 6.96 3.72
C ILE B 320 -11.75 6.79 4.13
N ASP B 321 -10.91 6.42 3.17
CA ASP B 321 -9.48 6.20 3.42
C ASP B 321 -8.81 7.49 3.89
N CYS B 322 -9.17 8.62 3.27
CA CYS B 322 -8.69 9.94 3.71
C CYS B 322 -9.09 10.22 5.15
N LYS B 323 -10.38 10.08 5.42
CA LYS B 323 -10.96 10.30 6.74
C LYS B 323 -10.23 9.48 7.80
N ILE B 324 -10.00 8.20 7.52
CA ILE B 324 -9.36 7.30 8.47
C ILE B 324 -7.93 7.70 8.77
N ARG B 325 -7.18 8.09 7.75
CA ARG B 325 -5.82 8.59 7.92
C ARG B 325 -5.78 9.84 8.77
N LEU B 326 -6.75 10.73 8.56
CA LEU B 326 -6.77 11.99 9.28
C LEU B 326 -7.09 11.74 10.77
N GLU B 327 -8.07 10.90 11.01
CA GLU B 327 -8.50 10.55 12.35
C GLU B 327 -7.38 9.86 13.15
N THR B 328 -6.80 8.82 12.56
CA THR B 328 -5.70 8.10 13.20
C THR B 328 -4.52 9.05 13.42
N SER B 329 -4.21 9.88 12.41
CA SER B 329 -3.14 10.86 12.56
C SER B 329 -3.30 11.82 13.78
N ARG B 330 -4.48 12.41 13.96
CA ARG B 330 -4.68 13.38 15.08
C ARG B 330 -4.60 12.71 16.46
N LEU B 331 -5.14 11.51 16.56
CA LEU B 331 -5.04 10.72 17.77
C LEU B 331 -3.57 10.52 18.14
N LEU B 332 -2.77 10.13 17.15
CA LEU B 332 -1.38 9.84 17.35
C LEU B 332 -0.62 11.09 17.80
N VAL B 333 -0.86 12.22 17.13
CA VAL B 333 -0.24 13.49 17.50
C VAL B 333 -0.56 13.81 18.96
N TRP B 334 -1.84 13.77 19.32
CA TRP B 334 -2.26 14.10 20.69
C TRP B 334 -1.68 13.14 21.71
N LYS B 335 -1.63 11.85 21.37
CA LYS B 335 -0.92 10.87 22.18
C LYS B 335 0.54 11.26 22.38
N ALA B 336 1.19 11.69 21.31
CA ALA B 336 2.62 11.95 21.35
C ALA B 336 3.00 13.18 22.19
N VAL B 337 2.22 14.26 22.09
CA VAL B 337 2.57 15.48 22.81
C VAL B 337 2.24 15.32 24.29
N THR B 338 1.18 14.58 24.58
CA THR B 338 0.77 14.17 25.92
C THR B 338 1.88 13.33 26.57
N THR B 339 2.39 12.37 25.82
CA THR B 339 3.54 11.56 26.23
C THR B 339 4.77 12.41 26.56
N LEU B 340 5.11 13.32 25.64
CA LEU B 340 6.24 14.23 25.82
C LEU B 340 6.13 15.07 27.07
N GLU B 341 4.90 15.39 27.48
CA GLU B 341 4.67 16.22 28.66
C GLU B 341 4.61 15.39 29.95
N ASP B 342 4.68 14.07 29.83
CA ASP B 342 4.50 13.18 30.98
C ASP B 342 5.81 13.00 31.75
N GLU B 343 5.92 13.66 32.91
CA GLU B 343 7.17 13.66 33.69
C GLU B 343 7.56 12.27 34.20
N ALA B 344 6.58 11.39 34.30
CA ALA B 344 6.80 10.04 34.81
C ALA B 344 7.45 9.10 33.79
N LEU B 345 7.65 9.55 32.55
CA LEU B 345 8.17 8.65 31.51
C LEU B 345 9.62 8.91 31.11
N GLU B 346 10.33 7.84 30.77
CA GLU B 346 11.72 7.89 30.36
C GLU B 346 11.85 8.54 28.99
N TRP B 347 12.98 9.23 28.74
CA TRP B 347 13.17 9.92 27.46
C TRP B 347 12.99 8.98 26.26
N LYS B 348 13.57 7.79 26.32
CA LYS B 348 13.51 6.85 25.19
C LYS B 348 12.07 6.50 24.80
N VAL B 349 11.18 6.48 25.78
CA VAL B 349 9.78 6.20 25.58
C VAL B 349 9.08 7.36 24.84
N LYS B 350 9.37 8.58 25.29
CA LYS B 350 8.86 9.80 24.66
C LYS B 350 9.37 9.92 23.22
N LEU B 351 10.67 9.69 23.03
CA LEU B 351 11.31 9.80 21.74
C LEU B 351 10.72 8.81 20.73
N GLU B 352 10.59 7.55 21.14
CA GLU B 352 10.04 6.49 20.28
C GLU B 352 8.65 6.89 19.81
N MET B 353 7.83 7.43 20.71
CA MET B 353 6.49 7.85 20.37
C MET B 353 6.48 9.03 19.40
N ALA B 354 7.44 9.94 19.54
CA ALA B 354 7.54 11.10 18.65
C ALA B 354 7.98 10.70 17.24
N MET B 355 8.86 9.70 17.17
CA MET B 355 9.35 9.21 15.88
C MET B 355 8.24 8.58 15.07
N GLN B 356 7.50 7.67 15.70
CA GLN B 356 6.27 7.02 15.17
C GLN B 356 5.29 8.04 14.62
N THR B 357 5.03 9.06 15.42
CA THR B 357 4.11 10.12 15.07
C THR B 357 4.54 10.83 13.78
N LYS B 358 5.79 11.25 13.73
CA LYS B 358 6.32 11.94 12.57
C LYS B 358 6.27 11.06 11.30
N ILE B 359 6.75 9.82 11.42
CA ILE B 359 6.79 8.91 10.28
C ILE B 359 5.40 8.68 9.72
N TYR B 360 4.44 8.31 10.60
CA TYR B 360 3.08 7.95 10.19
C TYR B 360 2.33 9.15 9.62
N THR B 361 2.25 10.24 10.40
CA THR B 361 1.41 11.37 10.00
C THR B 361 1.83 11.98 8.66
N THR B 362 3.14 12.02 8.40
CA THR B 362 3.67 12.68 7.22
C THR B 362 3.60 11.81 5.96
N ASP B 363 3.86 10.51 6.11
CA ASP B 363 3.68 9.58 4.99
C ASP B 363 2.21 9.55 4.56
N VAL B 364 1.33 9.42 5.54
CA VAL B 364 -0.08 9.23 5.32
C VAL B 364 -0.81 10.50 4.81
N ALA B 365 -0.29 11.68 5.18
CA ALA B 365 -0.82 12.96 4.64
C ALA B 365 -0.75 13.00 3.13
N VAL B 366 0.39 12.57 2.59
CA VAL B 366 0.62 12.52 1.16
C VAL B 366 -0.42 11.64 0.43
N GLU B 367 -0.61 10.42 0.91
CA GLU B 367 -1.67 9.52 0.41
C GLU B 367 -3.06 10.17 0.46
N CYS B 368 -3.33 10.90 1.54
CA CYS B 368 -4.60 11.56 1.72
C CYS B 368 -4.85 12.62 0.62
N VAL B 369 -3.84 13.43 0.33
CA VAL B 369 -3.96 14.47 -0.68
C VAL B 369 -4.18 13.83 -2.06
N ILE B 370 -3.34 12.86 -2.37
CA ILE B 370 -3.42 12.19 -3.66
C ILE B 370 -4.76 11.46 -3.90
N ASP B 371 -5.26 10.77 -2.87
CA ASP B 371 -6.57 10.12 -2.96
C ASP B 371 -7.71 11.12 -3.14
N ALA B 372 -7.67 12.23 -2.41
CA ALA B 372 -8.67 13.30 -2.61
C ALA B 372 -8.63 13.83 -4.05
N MET B 373 -7.44 13.99 -4.61
CA MET B 373 -7.29 14.42 -6.01
C MET B 373 -7.87 13.41 -7.01
N LYS B 374 -7.61 12.13 -6.78
CA LYS B 374 -8.15 11.05 -7.61
C LYS B 374 -9.67 11.00 -7.61
N ALA B 375 -10.27 11.32 -6.46
CA ALA B 375 -11.73 11.27 -6.30
C ALA B 375 -12.44 12.44 -6.98
N VAL B 376 -11.83 13.63 -6.90
CA VAL B 376 -12.33 14.82 -7.58
C VAL B 376 -12.12 14.69 -9.10
N GLY B 377 -10.97 14.10 -9.48
CA GLY B 377 -10.68 13.81 -10.88
C GLY B 377 -9.90 14.93 -11.53
N MET B 378 -10.14 15.13 -12.83
CA MET B 378 -9.35 16.05 -13.63
C MET B 378 -9.30 17.45 -13.08
N LYS B 379 -10.43 17.93 -12.57
CA LYS B 379 -10.54 19.29 -12.05
C LYS B 379 -9.55 19.60 -10.93
N SER B 380 -9.10 18.58 -10.19
CA SER B 380 -8.17 18.80 -9.06
C SER B 380 -6.79 19.23 -9.54
N TYR B 381 -6.54 19.01 -10.84
CA TYR B 381 -5.24 19.28 -11.43
C TYR B 381 -5.02 20.74 -11.85
N ALA B 382 -6.09 21.55 -11.81
CA ALA B 382 -6.02 22.96 -12.22
C ALA B 382 -6.03 23.88 -11.01
N LYS B 383 -5.35 25.02 -11.12
CA LYS B 383 -5.11 25.91 -9.97
C LYS B 383 -6.31 26.76 -9.52
N ASP B 384 -7.49 26.53 -10.09
CA ASP B 384 -8.70 27.13 -9.57
C ASP B 384 -9.28 26.29 -8.40
N MET B 385 -8.62 25.16 -8.15
CA MET B 385 -8.82 24.35 -6.94
C MET B 385 -7.51 24.36 -6.12
N SER B 386 -7.59 23.89 -4.86
CA SER B 386 -6.45 23.98 -3.91
C SER B 386 -5.37 22.95 -4.11
N PHE B 387 -5.76 21.83 -4.72
CA PHE B 387 -4.93 20.63 -4.71
C PHE B 387 -3.53 20.84 -5.28
N PRO B 388 -3.40 21.57 -6.40
CA PRO B 388 -2.04 21.78 -6.87
C PRO B 388 -1.11 22.33 -5.78
N ARG B 389 -1.58 23.32 -5.01
CA ARG B 389 -0.80 23.85 -3.89
C ARG B 389 -0.60 22.78 -2.79
N LEU B 390 -1.68 22.13 -2.38
CA LEU B 390 -1.64 21.12 -1.31
C LEU B 390 -0.70 19.94 -1.60
N LEU B 391 -0.67 19.50 -2.86
CA LEU B 391 0.20 18.40 -3.32
C LEU B 391 1.69 18.71 -3.12
N ASN B 392 2.10 19.89 -3.55
CA ASN B 392 3.47 20.34 -3.35
C ASN B 392 3.83 20.58 -1.89
N GLU B 393 2.92 21.22 -1.16
CA GLU B 393 3.08 21.44 0.29
C GLU B 393 3.17 20.16 1.12
N VAL B 394 2.29 19.18 0.85
CA VAL B 394 2.29 17.92 1.59
C VAL B 394 3.57 17.07 1.42
N MET B 395 4.23 17.18 0.27
CA MET B 395 5.45 16.40 0.02
C MET B 395 6.64 16.89 0.82
N CYS B 396 6.53 18.08 1.37
CA CYS B 396 7.58 18.59 2.25
C CYS B 396 7.69 17.75 3.53
N TYR B 397 6.56 17.27 4.02
CA TYR B 397 6.47 16.77 5.38
C TYR B 397 7.24 15.46 5.65
N PRO B 398 7.11 14.45 4.76
CA PRO B 398 7.96 13.27 5.01
C PRO B 398 9.44 13.56 4.87
N LEU B 399 9.79 14.71 4.28
CA LEU B 399 11.19 15.02 3.96
C LEU B 399 11.89 15.90 4.98
N PHE B 400 11.18 16.92 5.47
CA PHE B 400 11.76 17.88 6.36
C PHE B 400 11.61 17.44 7.82
N ASP B 401 12.07 18.29 8.75
CA ASP B 401 12.02 17.98 10.18
C ASP B 401 12.64 16.62 10.49
N GLY B 402 13.76 16.32 9.84
CA GLY B 402 14.41 15.01 9.91
C GLY B 402 13.62 14.03 9.07
N GLY B 403 14.13 13.71 7.89
CA GLY B 403 13.38 12.86 6.96
C GLY B 403 13.12 11.49 7.55
N ASN B 404 12.02 10.88 7.13
CA ASN B 404 11.61 9.59 7.65
C ASN B 404 12.61 8.48 7.37
N ILE B 405 13.19 8.46 6.18
CA ILE B 405 14.06 7.35 5.75
C ILE B 405 15.44 7.36 6.44
N GLY B 406 16.10 8.51 6.44
CA GLY B 406 17.47 8.63 6.94
C GLY B 406 17.56 8.86 8.43
N LEU B 407 16.59 9.61 8.97
CA LEU B 407 16.66 10.06 10.36
C LEU B 407 15.65 9.42 11.30
N ARG B 408 14.35 9.62 11.08
CA ARG B 408 13.36 9.27 12.11
C ARG B 408 13.22 7.74 12.25
N ARG B 409 13.29 7.02 11.14
CA ARG B 409 13.25 5.54 11.19
C ARG B 409 14.50 4.99 11.92
N ARG B 410 15.63 5.65 11.72
CA ARG B 410 16.89 5.30 12.38
C ARG B 410 16.91 5.63 13.86
N GLN B 411 16.39 6.79 14.24
CA GLN B 411 16.26 7.11 15.67
C GLN B 411 15.35 6.10 16.36
N MET B 412 14.21 5.79 15.74
CA MET B 412 13.30 4.79 16.27
C MET B 412 13.94 3.38 16.38
N GLN B 413 14.55 2.91 15.30
CA GLN B 413 15.23 1.61 15.25
C GLN B 413 16.22 1.45 16.40
N ARG B 414 16.98 2.52 16.66
CA ARG B 414 18.01 2.55 17.68
C ARG B 414 17.36 2.30 19.04
N VAL B 415 16.25 3.00 19.32
CA VAL B 415 15.49 2.80 20.57
C VAL B 415 14.97 1.36 20.69
N MET B 416 14.40 0.83 19.62
CA MET B 416 13.83 -0.52 19.61
C MET B 416 14.88 -1.59 19.86
N ALA B 417 16.11 -1.32 19.46
CA ALA B 417 17.20 -2.28 19.60
C ALA B 417 17.80 -2.36 21.01
N LEU B 418 17.45 -1.43 21.90
CA LEU B 418 18.02 -1.40 23.25
C LEU B 418 17.46 -2.56 24.08
N GLU B 419 18.29 -3.08 24.97
CA GLU B 419 17.91 -4.20 25.85
C GLU B 419 16.70 -3.91 26.73
N ASP B 420 16.60 -2.68 27.21
CA ASP B 420 15.55 -2.31 28.14
C ASP B 420 14.35 -1.66 27.43
N TYR B 421 14.23 -1.89 26.13
CA TYR B 421 13.16 -1.33 25.32
C TYR B 421 11.83 -1.81 25.83
N GLU B 422 10.95 -0.87 26.10
CA GLU B 422 9.60 -1.15 26.56
C GLU B 422 8.60 -0.60 25.55
N PRO B 423 8.11 -1.48 24.65
CA PRO B 423 7.22 -1.04 23.56
C PRO B 423 5.93 -0.33 24.00
N TRP B 424 5.32 -0.77 25.10
CA TRP B 424 4.04 -0.21 25.54
C TRP B 424 4.10 0.71 26.77
N ALA B 425 5.30 1.16 27.13
CA ALA B 425 5.45 1.98 28.33
C ALA B 425 4.62 3.26 28.30
N ALA B 426 4.48 3.90 27.13
CA ALA B 426 3.66 5.13 27.07
C ALA B 426 2.16 4.87 27.24
N THR B 427 1.76 3.60 27.20
CA THR B 427 0.34 3.28 27.32
C THR B 427 0.03 2.56 28.62
N TYR B 428 0.81 1.52 28.92
CA TYR B 428 0.50 0.64 30.04
C TYR B 428 1.46 0.84 31.20
N GLY B 429 2.22 1.93 31.17
CA GLY B 429 3.23 2.18 32.19
C GLY B 429 4.46 1.29 32.07
N SER B 430 5.43 1.52 32.94
CA SER B 430 6.68 0.77 32.94
C SER B 430 6.67 -0.30 34.02
N SER B 431 7.44 -1.37 33.81
CA SER B 431 7.59 -2.42 34.81
C SER B 431 9.00 -2.43 35.41
N VAL C 1 9.57 -7.85 -30.70
CA VAL C 1 8.87 -8.32 -29.48
C VAL C 1 7.52 -8.98 -29.83
N ASP C 2 7.24 -10.08 -29.15
CA ASP C 2 6.19 -11.01 -29.56
C ASP C 2 5.74 -11.75 -28.30
N PHE C 3 4.43 -11.88 -28.11
CA PHE C 3 3.89 -12.57 -26.93
C PHE C 3 3.10 -13.82 -27.28
N LYS C 4 3.05 -14.15 -28.57
CA LYS C 4 2.24 -15.27 -29.03
C LYS C 4 2.91 -16.60 -28.67
N LEU C 5 2.07 -17.58 -28.33
CA LEU C 5 2.55 -18.89 -27.90
C LEU C 5 2.58 -19.87 -29.07
N SER C 6 3.55 -20.77 -29.03
CA SER C 6 3.70 -21.79 -30.07
C SER C 6 2.70 -22.91 -29.81
N PRO C 7 2.47 -23.80 -30.81
CA PRO C 7 1.64 -24.99 -30.57
C PRO C 7 2.17 -25.88 -29.44
N SER C 8 3.50 -25.95 -29.27
CA SER C 8 4.12 -26.76 -28.22
C SER C 8 3.92 -26.13 -26.84
N GLN C 9 3.97 -24.80 -26.79
CA GLN C 9 3.66 -24.06 -25.56
C GLN C 9 2.20 -24.27 -25.19
N LEU C 10 1.32 -24.27 -26.19
CA LEU C 10 -0.10 -24.54 -25.97
C LEU C 10 -0.36 -25.98 -25.50
N GLU C 11 0.38 -26.94 -26.07
CA GLU C 11 0.26 -28.34 -25.65
C GLU C 11 0.77 -28.54 -24.23
N ALA C 12 1.87 -27.88 -23.91
CA ALA C 12 2.43 -27.88 -22.56
C ALA C 12 1.36 -27.46 -21.54
N ARG C 13 0.63 -26.39 -21.87
CA ARG C 13 -0.50 -25.94 -21.05
C ARG C 13 -1.61 -26.99 -20.92
N ARG C 14 -2.14 -27.43 -22.08
CA ARG C 14 -3.15 -28.50 -22.12
C ARG C 14 -2.72 -29.73 -21.34
N HIS C 15 -1.50 -30.20 -21.60
CA HIS C 15 -0.97 -31.41 -20.95
C HIS C 15 -0.93 -31.21 -19.42
N ALA C 16 -0.45 -30.06 -18.98
CA ALA C 16 -0.36 -29.74 -17.55
C ALA C 16 -1.74 -29.62 -16.87
N GLN C 17 -2.65 -28.92 -17.53
CA GLN C 17 -4.07 -28.85 -17.11
C GLN C 17 -4.72 -30.23 -16.97
N ALA C 18 -4.59 -31.08 -18.00
CA ALA C 18 -5.16 -32.43 -17.91
C ALA C 18 -4.56 -33.22 -16.75
N PHE C 19 -3.24 -33.17 -16.58
CA PHE C 19 -2.61 -33.91 -15.49
C PHE C 19 -3.15 -33.45 -14.14
N ALA C 20 -3.18 -32.12 -13.95
CA ALA C 20 -3.70 -31.54 -12.70
C ALA C 20 -5.16 -31.93 -12.47
N ASN C 21 -5.97 -31.76 -13.51
CA ASN C 21 -7.40 -32.09 -13.46
C ASN C 21 -7.71 -33.57 -13.15
N THR C 22 -6.99 -34.48 -13.82
CA THR C 22 -7.29 -35.91 -13.73
C THR C 22 -6.55 -36.63 -12.62
N VAL C 23 -5.35 -36.16 -12.30
CA VAL C 23 -4.50 -36.83 -11.32
C VAL C 23 -4.47 -36.07 -10.00
N LEU C 24 -3.98 -34.84 -10.05
CA LEU C 24 -3.74 -34.04 -8.84
C LEU C 24 -4.98 -33.81 -7.97
N THR C 25 -6.13 -33.60 -8.61
CA THR C 25 -7.40 -33.43 -7.90
C THR C 25 -7.73 -34.58 -6.95
N LYS C 26 -7.17 -35.77 -7.20
CA LYS C 26 -7.44 -36.93 -6.35
C LYS C 26 -6.54 -36.99 -5.12
N ALA C 27 -5.55 -36.10 -5.02
CA ALA C 27 -4.54 -36.20 -3.97
C ALA C 27 -5.09 -35.90 -2.58
N SER C 28 -5.94 -34.87 -2.48
CA SER C 28 -6.51 -34.46 -1.19
C SER C 28 -7.19 -35.58 -0.44
N ALA C 29 -7.97 -36.40 -1.16
CA ALA C 29 -8.67 -37.55 -0.56
C ALA C 29 -7.72 -38.43 0.22
N GLU C 30 -6.49 -38.54 -0.30
CA GLU C 30 -5.47 -39.41 0.28
C GLU C 30 -4.66 -38.75 1.40
N TYR C 31 -4.14 -37.55 1.16
CA TYR C 31 -3.33 -36.89 2.19
C TYR C 31 -4.09 -36.27 3.36
N SER C 32 -5.37 -35.92 3.17
CA SER C 32 -6.16 -35.29 4.25
C SER C 32 -6.42 -36.19 5.47
N THR C 33 -6.30 -37.50 5.28
CA THR C 33 -6.52 -38.45 6.37
C THR C 33 -5.29 -38.67 7.24
N GLN C 34 -4.14 -38.21 6.76
CA GLN C 34 -2.85 -38.48 7.42
C GLN C 34 -2.56 -37.51 8.58
N LYS C 35 -1.90 -38.02 9.60
CA LYS C 35 -1.75 -37.33 10.89
C LYS C 35 -0.64 -36.25 10.99
N ASP C 36 0.35 -36.31 10.11
CA ASP C 36 1.54 -35.47 10.23
C ASP C 36 2.17 -35.18 8.86
N GLN C 37 3.12 -34.25 8.84
CA GLN C 37 3.73 -33.78 7.59
C GLN C 37 4.32 -34.92 6.74
N LEU C 38 5.17 -35.75 7.34
CA LEU C 38 5.78 -36.92 6.63
C LEU C 38 4.73 -37.86 6.04
N SER C 39 3.74 -38.24 6.87
CA SER C 39 2.64 -39.10 6.42
C SER C 39 1.91 -38.50 5.23
N ARG C 40 1.67 -37.20 5.28
CA ARG C 40 1.01 -36.51 4.16
C ARG C 40 1.87 -36.54 2.90
N PHE C 41 3.17 -36.26 3.03
CA PHE C 41 4.16 -36.46 1.96
C PHE C 41 4.14 -37.89 1.38
N GLN C 42 4.29 -38.89 2.24
CA GLN C 42 4.25 -40.30 1.79
C GLN C 42 2.97 -40.59 0.98
N ALA C 43 1.81 -40.12 1.47
CA ALA C 43 0.51 -40.27 0.78
C ALA C 43 0.46 -39.68 -0.64
N THR C 44 1.49 -38.88 -0.94
CA THR C 44 1.58 -38.14 -2.18
C THR C 44 2.41 -38.91 -3.25
N ARG C 45 3.11 -39.94 -2.79
CA ARG C 45 4.00 -40.75 -3.64
C ARG C 45 3.36 -41.31 -4.92
N PRO C 46 2.14 -41.92 -4.80
CA PRO C 46 1.46 -42.40 -6.02
C PRO C 46 1.21 -41.34 -7.10
N PHE C 47 1.11 -40.07 -6.70
CA PHE C 47 0.85 -38.97 -7.63
C PHE C 47 2.12 -38.43 -8.28
N TYR C 48 3.23 -38.45 -7.53
CA TYR C 48 4.56 -38.18 -8.11
C TYR C 48 4.90 -39.31 -9.12
N ARG C 49 4.54 -40.55 -8.76
CA ARG C 49 4.66 -41.70 -9.67
C ARG C 49 4.02 -41.38 -11.03
N GLU C 50 2.75 -40.97 -11.01
CA GLU C 50 2.01 -40.57 -12.20
C GLU C 50 2.60 -39.36 -12.92
N ALA C 51 3.22 -38.45 -12.16
CA ALA C 51 3.91 -37.31 -12.76
C ALA C 51 5.10 -37.76 -13.58
N VAL C 52 5.86 -38.71 -13.03
CA VAL C 52 6.97 -39.35 -13.74
C VAL C 52 6.40 -40.01 -15.02
N ARG C 53 5.30 -40.75 -14.87
CA ARG C 53 4.71 -41.48 -15.99
C ARG C 53 4.22 -40.51 -17.05
N HIS C 54 3.73 -39.35 -16.62
CA HIS C 54 3.34 -38.29 -17.53
C HIS C 54 4.52 -37.48 -18.08
N GLY C 55 5.74 -37.88 -17.69
CA GLY C 55 6.96 -37.29 -18.24
C GLY C 55 7.40 -35.97 -17.62
N LEU C 56 6.84 -35.61 -16.47
CA LEU C 56 7.03 -34.26 -15.92
C LEU C 56 8.38 -34.06 -15.23
N ILE C 57 8.96 -35.15 -14.75
CA ILE C 57 10.29 -35.14 -14.13
C ILE C 57 11.41 -35.08 -15.19
N LYS C 58 11.25 -35.82 -16.28
CA LYS C 58 12.14 -35.71 -17.45
C LYS C 58 12.10 -34.30 -18.06
N ALA C 59 10.93 -33.66 -17.99
CA ALA C 59 10.77 -32.28 -18.49
C ALA C 59 11.52 -31.23 -17.66
N GLN C 60 12.04 -31.65 -16.51
CA GLN C 60 12.84 -30.78 -15.66
C GLN C 60 14.34 -30.75 -16.06
N VAL C 61 14.70 -31.54 -17.09
CA VAL C 61 16.10 -31.68 -17.54
C VAL C 61 16.18 -31.23 -19.01
N PRO C 62 17.18 -30.39 -19.35
CA PRO C 62 17.34 -29.94 -20.75
C PRO C 62 17.52 -31.10 -21.74
N ILE C 63 17.12 -30.84 -22.98
CA ILE C 63 17.16 -31.84 -24.06
C ILE C 63 18.59 -32.35 -24.37
N PRO C 64 19.61 -31.43 -24.44
CA PRO C 64 20.99 -31.88 -24.64
C PRO C 64 21.51 -32.82 -23.55
N LEU C 65 20.82 -32.90 -22.42
CA LEU C 65 21.23 -33.77 -21.31
C LEU C 65 20.34 -35.00 -21.19
N GLY C 66 19.51 -35.24 -22.20
CA GLY C 66 18.66 -36.43 -22.25
C GLY C 66 17.27 -36.16 -21.73
N GLY C 67 17.01 -34.90 -21.36
CA GLY C 67 15.72 -34.51 -20.81
C GLY C 67 14.75 -34.07 -21.89
N THR C 68 13.62 -33.49 -21.49
CA THR C 68 12.60 -33.04 -22.46
C THR C 68 12.15 -31.60 -22.25
N MET C 69 12.88 -30.86 -21.40
CA MET C 69 12.57 -29.44 -21.20
C MET C 69 12.68 -28.68 -22.51
N GLU C 70 11.57 -28.09 -22.95
CA GLU C 70 11.53 -27.36 -24.23
C GLU C 70 12.05 -25.94 -24.09
N SER C 71 11.62 -25.25 -23.03
CA SER C 71 12.17 -23.96 -22.61
C SER C 71 11.67 -23.63 -21.21
N LEU C 72 12.16 -22.53 -20.67
CA LEU C 72 11.73 -22.02 -19.37
C LEU C 72 10.33 -21.39 -19.42
N VAL C 73 9.91 -20.91 -20.60
CA VAL C 73 8.52 -20.41 -20.75
C VAL C 73 7.52 -21.56 -20.72
N HIS C 74 7.86 -22.66 -21.42
CA HIS C 74 7.13 -23.92 -21.31
C HIS C 74 7.06 -24.31 -19.82
N GLU C 75 8.19 -24.24 -19.12
CA GLU C 75 8.24 -24.58 -17.70
C GLU C 75 7.31 -23.68 -16.86
N SER C 76 7.39 -22.38 -17.10
CA SER C 76 6.59 -21.37 -16.39
C SER C 76 5.10 -21.59 -16.62
N ILE C 77 4.74 -22.01 -17.84
CA ILE C 77 3.36 -22.35 -18.21
C ILE C 77 2.87 -23.60 -17.49
N ILE C 78 3.70 -24.64 -17.44
CA ILE C 78 3.35 -25.87 -16.72
C ILE C 78 3.15 -25.59 -15.23
N LEU C 79 4.10 -24.89 -14.62
CA LEU C 79 4.04 -24.60 -13.19
C LEU C 79 2.77 -23.83 -12.77
N GLU C 80 2.38 -22.82 -13.55
CA GLU C 80 1.14 -22.07 -13.29
C GLU C 80 -0.09 -22.98 -13.27
N GLU C 81 -0.22 -23.85 -14.25
CA GLU C 81 -1.36 -24.78 -14.31
C GLU C 81 -1.39 -25.78 -13.16
N LEU C 82 -0.22 -26.25 -12.75
CA LEU C 82 -0.16 -27.21 -11.66
C LEU C 82 -0.55 -26.57 -10.33
N PHE C 83 -0.04 -25.35 -10.11
CA PHE C 83 -0.21 -24.65 -8.83
C PHE C 83 -1.59 -24.00 -8.71
N ALA C 84 -2.18 -23.66 -9.85
CA ALA C 84 -3.59 -23.24 -9.95
C ALA C 84 -4.56 -24.29 -9.40
N VAL C 85 -4.11 -25.55 -9.35
CA VAL C 85 -4.99 -26.67 -8.96
C VAL C 85 -4.59 -27.29 -7.63
N GLU C 86 -3.31 -27.62 -7.48
CA GLU C 86 -2.84 -28.41 -6.34
C GLU C 86 -1.30 -28.41 -6.29
N PRO C 87 -0.72 -27.66 -5.33
CA PRO C 87 0.72 -27.67 -5.00
C PRO C 87 1.27 -28.99 -4.49
N ALA C 88 0.42 -29.86 -3.95
CA ALA C 88 0.87 -31.19 -3.51
C ALA C 88 1.41 -31.92 -4.75
N THR C 89 2.57 -32.57 -4.63
CA THR C 89 3.26 -33.20 -5.78
C THR C 89 3.87 -32.16 -6.74
N SER C 90 3.11 -31.15 -7.11
CA SER C 90 3.65 -30.03 -7.91
C SER C 90 4.92 -29.41 -7.29
N ILE C 91 4.91 -29.28 -5.96
CA ILE C 91 6.07 -28.76 -5.21
C ILE C 91 7.25 -29.74 -5.27
N THR C 92 6.94 -31.04 -5.24
CA THR C 92 7.95 -32.10 -5.28
C THR C 92 8.71 -32.08 -6.62
N ILE C 93 7.98 -31.89 -7.72
CA ILE C 93 8.55 -31.81 -9.05
C ILE C 93 9.55 -30.66 -9.13
N VAL C 94 9.14 -29.49 -8.63
CA VAL C 94 9.93 -28.29 -8.82
C VAL C 94 11.12 -28.27 -7.84
N ALA C 95 10.94 -28.84 -6.66
CA ALA C 95 12.03 -29.00 -5.70
C ALA C 95 13.08 -29.97 -6.25
N THR C 96 12.62 -31.02 -6.95
CA THR C 96 13.51 -31.94 -7.66
C THR C 96 14.29 -31.21 -8.74
N ALA C 97 13.60 -30.39 -9.53
CA ALA C 97 14.23 -29.59 -10.59
C ALA C 97 15.39 -28.77 -10.05
N LEU C 98 15.19 -28.15 -8.90
CA LEU C 98 16.19 -27.29 -8.25
C LEU C 98 17.34 -28.14 -7.73
N GLY C 99 17.02 -29.31 -7.19
CA GLY C 99 18.03 -30.27 -6.73
C GLY C 99 18.90 -30.81 -7.86
N LEU C 100 18.36 -30.77 -9.08
CA LEU C 100 19.10 -31.23 -10.27
C LEU C 100 19.93 -30.12 -10.93
N MET C 101 19.55 -28.86 -10.70
CA MET C 101 20.18 -27.70 -11.36
C MET C 101 21.71 -27.60 -11.22
N PRO C 102 22.27 -27.79 -10.02
CA PRO C 102 23.74 -27.72 -9.92
C PRO C 102 24.47 -28.71 -10.84
N VAL C 103 23.88 -29.89 -11.04
CA VAL C 103 24.43 -30.89 -11.95
C VAL C 103 24.19 -30.52 -13.41
N ILE C 104 22.99 -30.03 -13.71
CA ILE C 104 22.63 -29.50 -15.02
C ILE C 104 23.58 -28.37 -15.41
N LEU C 105 23.96 -27.53 -14.44
CA LEU C 105 24.76 -26.34 -14.74
C LEU C 105 26.29 -26.56 -14.74
N CYS C 106 26.78 -27.65 -14.16
CA CYS C 106 28.24 -27.87 -14.07
C CYS C 106 28.92 -28.17 -15.42
N ASP C 107 30.24 -28.08 -15.47
CA ASP C 107 30.99 -28.39 -16.71
C ASP C 107 31.58 -29.80 -16.72
N SER C 108 30.80 -30.77 -16.21
CA SER C 108 31.30 -32.13 -16.04
C SER C 108 30.39 -33.15 -16.74
N PRO C 109 30.68 -33.46 -18.01
CA PRO C 109 29.85 -34.42 -18.74
C PRO C 109 29.71 -35.79 -18.08
N SER C 110 30.77 -36.31 -17.47
CA SER C 110 30.71 -37.61 -16.81
C SER C 110 29.75 -37.61 -15.62
N LEU C 111 29.83 -36.54 -14.81
CA LEU C 111 28.97 -36.37 -13.64
C LEU C 111 27.50 -36.24 -14.05
N GLN C 112 27.24 -35.43 -15.07
CA GLN C 112 25.89 -35.29 -15.63
C GLN C 112 25.29 -36.63 -16.07
N GLU C 113 26.00 -37.37 -16.92
CA GLU C 113 25.58 -38.72 -17.33
C GLU C 113 25.22 -39.60 -16.16
N LYS C 114 26.11 -39.64 -15.18
CA LYS C 114 25.96 -40.55 -14.06
C LYS C 114 24.75 -40.21 -13.20
N PHE C 115 24.63 -38.94 -12.80
CA PHE C 115 23.66 -38.59 -11.78
C PHE C 115 22.27 -38.22 -12.28
N LEU C 116 22.18 -37.74 -13.52
CA LEU C 116 20.90 -37.36 -14.11
C LEU C 116 20.16 -38.56 -14.67
N LYS C 117 20.86 -39.68 -14.81
CA LYS C 117 20.28 -40.90 -15.40
C LYS C 117 18.87 -41.27 -14.86
N PRO C 118 18.72 -41.45 -13.53
CA PRO C 118 17.41 -41.93 -13.05
C PRO C 118 16.26 -40.95 -13.27
N PHE C 119 16.60 -39.68 -13.50
CA PHE C 119 15.60 -38.62 -13.63
C PHE C 119 15.09 -38.45 -15.04
N ILE C 120 15.86 -38.95 -16.01
CA ILE C 120 15.44 -38.93 -17.42
C ILE C 120 14.90 -40.29 -17.94
N SER C 121 14.70 -41.23 -17.01
CA SER C 121 14.32 -42.61 -17.35
C SER C 121 12.81 -42.85 -17.57
N GLY C 122 11.97 -42.01 -16.95
CA GLY C 122 10.52 -42.17 -17.08
C GLY C 122 9.99 -43.18 -16.08
N GLU C 123 10.84 -43.61 -15.17
CA GLU C 123 10.54 -44.70 -14.25
C GLU C 123 10.75 -44.32 -12.79
N GLY C 124 10.05 -45.04 -11.91
CA GLY C 124 10.14 -44.87 -10.46
C GLY C 124 9.66 -43.51 -9.96
N GLU C 125 10.06 -43.17 -8.74
CA GLU C 125 9.69 -41.89 -8.15
C GLU C 125 10.97 -41.25 -7.61
N PRO C 126 11.89 -40.84 -8.50
CA PRO C 126 13.17 -40.37 -7.99
C PRO C 126 13.12 -38.90 -7.54
N LEU C 127 13.70 -38.62 -6.39
CA LEU C 127 13.71 -37.28 -5.78
C LEU C 127 15.10 -36.67 -5.74
N ALA C 128 15.17 -35.37 -6.04
CA ALA C 128 16.39 -34.58 -5.86
C ALA C 128 16.17 -33.42 -4.88
N SER C 129 17.27 -32.92 -4.32
CA SER C 129 17.23 -31.89 -3.30
C SER C 129 18.52 -31.08 -3.31
N LEU C 130 18.38 -29.76 -3.39
CA LEU C 130 19.49 -28.88 -3.12
C LEU C 130 19.47 -28.53 -1.62
N MET C 131 20.44 -29.07 -0.89
CA MET C 131 20.48 -28.95 0.57
C MET C 131 21.41 -27.81 0.97
N HIS C 132 20.83 -26.62 1.10
CA HIS C 132 21.57 -25.44 1.40
C HIS C 132 21.15 -24.91 2.78
N SER C 133 19.84 -24.76 3.01
CA SER C 133 19.32 -24.11 4.23
C SER C 133 19.66 -24.83 5.53
N GLU C 134 19.70 -24.07 6.62
CA GLU C 134 20.25 -24.54 7.89
C GLU C 134 19.44 -24.01 9.08
N PRO C 135 19.50 -24.69 10.24
CA PRO C 135 18.83 -24.24 11.46
C PRO C 135 19.10 -22.78 11.83
N ASN C 136 20.36 -22.35 11.70
CA ASN C 136 20.76 -21.01 12.10
C ASN C 136 20.45 -19.91 11.06
N GLY C 137 19.96 -20.29 9.89
CA GLY C 137 19.72 -19.34 8.82
C GLY C 137 20.79 -19.40 7.75
N THR C 138 20.49 -18.82 6.59
CA THR C 138 21.44 -18.73 5.48
C THR C 138 21.53 -17.35 4.83
N ALA C 139 20.75 -16.38 5.28
CA ALA C 139 20.76 -15.04 4.63
C ALA C 139 22.17 -14.42 4.60
N ASN C 140 22.98 -14.78 5.60
CA ASN C 140 24.32 -14.24 5.75
C ASN C 140 25.44 -15.24 5.46
N TRP C 141 25.11 -16.30 4.72
CA TRP C 141 26.08 -17.37 4.47
C TRP C 141 27.36 -16.89 3.79
N LEU C 142 27.26 -15.77 3.06
CA LEU C 142 28.41 -15.25 2.32
C LEU C 142 29.03 -14.01 2.97
N GLN C 143 28.58 -13.65 4.16
CA GLN C 143 29.13 -12.50 4.88
C GLN C 143 30.54 -12.78 5.39
N LYS C 144 31.50 -12.02 4.88
CA LYS C 144 32.88 -12.11 5.33
C LYS C 144 32.97 -11.70 6.79
N GLY C 145 33.62 -12.52 7.61
CA GLY C 145 33.74 -12.25 9.03
C GLY C 145 32.60 -12.83 9.87
N GLY C 146 31.59 -13.39 9.22
CA GLY C 146 30.50 -14.08 9.91
C GLY C 146 30.78 -15.56 10.10
N PRO C 147 29.89 -16.27 10.81
CA PRO C 147 30.16 -17.67 11.10
C PRO C 147 30.09 -18.59 9.88
N GLY C 148 29.35 -18.20 8.85
CA GLY C 148 29.22 -19.01 7.63
C GLY C 148 28.37 -20.24 7.79
N LEU C 149 28.25 -21.03 6.73
CA LEU C 149 27.48 -22.28 6.79
C LEU C 149 27.99 -23.15 7.94
N GLN C 150 27.06 -23.73 8.68
CA GLN C 150 27.44 -24.62 9.79
C GLN C 150 27.53 -26.09 9.38
N THR C 151 27.17 -26.36 8.14
CA THR C 151 27.47 -27.66 7.54
C THR C 151 28.81 -27.53 6.82
N THR C 152 29.82 -28.23 7.33
CA THR C 152 31.18 -28.15 6.81
C THR C 152 31.65 -29.48 6.24
N ALA C 153 32.68 -29.41 5.40
CA ALA C 153 33.34 -30.58 4.84
C ALA C 153 34.87 -30.40 4.92
N ARG C 154 35.57 -31.52 5.14
CA ARG C 154 37.02 -31.59 5.12
C ARG C 154 37.40 -32.81 4.30
N LYS C 155 38.52 -32.72 3.59
CA LYS C 155 38.99 -33.85 2.80
C LYS C 155 39.90 -34.74 3.64
N VAL C 156 39.61 -36.04 3.63
CA VAL C 156 40.43 -37.06 4.29
C VAL C 156 40.66 -38.18 3.27
N GLY C 157 41.91 -38.33 2.82
CA GLY C 157 42.22 -39.30 1.78
C GLY C 157 41.43 -38.97 0.52
N ASN C 158 40.84 -39.99 -0.09
CA ASN C 158 40.01 -39.79 -1.28
C ASN C 158 38.52 -39.59 -0.95
N GLU C 159 38.24 -39.07 0.24
CA GLU C 159 36.87 -38.84 0.69
C GLU C 159 36.73 -37.46 1.35
N TRP C 160 35.51 -36.93 1.34
CA TRP C 160 35.17 -35.75 2.14
C TRP C 160 34.33 -36.18 3.32
N VAL C 161 34.48 -35.47 4.45
CA VAL C 161 33.74 -35.78 5.65
C VAL C 161 32.87 -34.59 6.06
N ILE C 162 31.55 -34.78 5.95
CA ILE C 162 30.57 -33.76 6.26
C ILE C 162 30.18 -33.82 7.73
N SER C 163 30.14 -32.64 8.36
CA SER C 163 29.71 -32.43 9.73
C SER C 163 28.68 -31.29 9.73
N GLY C 164 27.52 -31.48 10.35
CA GLY C 164 26.61 -30.36 10.55
C GLY C 164 25.17 -30.61 10.20
N GLU C 165 24.35 -29.55 10.28
CA GLU C 165 22.89 -29.72 10.17
C GLU C 165 22.26 -28.89 9.04
N LYS C 166 21.33 -29.50 8.31
CA LYS C 166 20.48 -28.79 7.34
C LYS C 166 19.04 -28.76 7.81
N LEU C 167 18.26 -27.77 7.37
CA LEU C 167 16.84 -27.63 7.74
C LEU C 167 16.13 -27.01 6.58
N TRP C 168 14.93 -27.49 6.25
CA TRP C 168 14.08 -26.99 5.15
C TRP C 168 14.20 -27.66 3.76
N PRO C 169 15.38 -28.21 3.40
CA PRO C 169 15.54 -28.54 1.96
C PRO C 169 14.55 -29.61 1.47
N SER C 170 13.73 -29.24 0.49
CA SER C 170 12.67 -30.09 -0.06
C SER C 170 13.19 -31.46 -0.46
N ASN C 171 12.45 -32.50 -0.09
CA ASN C 171 12.72 -33.87 -0.57
C ASN C 171 13.98 -34.50 0.03
N SER C 172 14.69 -33.80 0.90
CA SER C 172 16.08 -34.18 1.20
C SER C 172 16.26 -35.59 1.78
N GLY C 173 15.30 -36.01 2.62
CA GLY C 173 15.32 -37.33 3.24
C GLY C 173 14.66 -38.41 2.41
N GLY C 174 14.22 -38.05 1.20
CA GLY C 174 13.47 -38.95 0.34
C GLY C 174 12.13 -39.38 0.94
N TRP C 175 11.55 -40.46 0.41
CA TRP C 175 10.23 -40.93 0.83
C TRP C 175 10.24 -41.57 2.21
N ASP C 176 11.40 -42.07 2.64
CA ASP C 176 11.50 -42.96 3.81
C ASP C 176 12.56 -42.54 4.83
N TYR C 177 13.10 -41.34 4.66
CA TYR C 177 14.21 -40.84 5.49
C TYR C 177 15.53 -41.61 5.29
N LYS C 178 15.65 -42.29 4.15
CA LYS C 178 16.91 -42.93 3.76
C LYS C 178 17.62 -42.14 2.65
N GLY C 179 17.06 -40.99 2.30
CA GLY C 179 17.74 -40.03 1.43
C GLY C 179 17.02 -39.81 0.13
N ALA C 180 17.17 -38.60 -0.40
CA ALA C 180 16.76 -38.31 -1.76
C ALA C 180 17.63 -39.16 -2.67
N ASP C 181 17.11 -39.47 -3.84
CA ASP C 181 17.89 -40.17 -4.85
C ASP C 181 19.15 -39.39 -5.22
N LEU C 182 19.06 -38.07 -5.17
CA LEU C 182 20.21 -37.20 -5.35
C LEU C 182 20.08 -35.92 -4.52
N ALA C 183 21.00 -35.72 -3.59
CA ALA C 183 21.09 -34.46 -2.84
C ALA C 183 22.40 -33.75 -3.17
N CYS C 184 22.32 -32.44 -3.45
CA CYS C 184 23.51 -31.61 -3.59
C CYS C 184 23.69 -30.88 -2.28
N VAL C 185 24.68 -31.27 -1.50
CA VAL C 185 24.89 -30.75 -0.16
C VAL C 185 25.91 -29.61 -0.23
N VAL C 186 25.46 -28.41 0.13
CA VAL C 186 26.31 -27.22 0.09
C VAL C 186 27.00 -27.05 1.43
N CYS C 187 28.33 -27.05 1.39
CA CYS C 187 29.18 -27.04 2.58
C CYS C 187 30.20 -25.93 2.50
N ARG C 188 30.62 -25.47 3.67
CA ARG C 188 31.78 -24.64 3.80
C ARG C 188 32.97 -25.54 4.16
N VAL C 189 34.07 -25.40 3.42
CA VAL C 189 35.28 -26.17 3.70
C VAL C 189 35.89 -25.72 5.04
N SER C 190 36.18 -26.70 5.88
CA SER C 190 36.82 -26.48 7.18
C SER C 190 37.53 -27.76 7.59
N ASP C 191 38.87 -27.69 7.66
CA ASP C 191 39.68 -28.84 8.13
C ASP C 191 39.51 -29.14 9.61
N ASP C 192 38.99 -28.16 10.35
CA ASP C 192 38.69 -28.32 11.76
C ASP C 192 37.38 -27.59 12.07
N PRO C 193 36.26 -28.34 12.04
CA PRO C 193 34.93 -27.75 12.30
C PRO C 193 34.74 -27.11 13.69
N SER C 194 35.71 -27.27 14.59
CA SER C 194 35.60 -26.68 15.93
C SER C 194 36.01 -25.20 15.97
N LYS C 195 36.76 -24.79 14.95
CA LYS C 195 37.31 -23.43 14.84
C LYS C 195 36.43 -22.57 13.90
N PRO C 196 36.30 -21.26 14.20
CA PRO C 196 35.46 -20.35 13.41
C PRO C 196 35.94 -20.24 11.97
N GLN C 197 35.05 -19.82 11.07
CA GLN C 197 35.45 -19.46 9.72
C GLN C 197 36.49 -18.34 9.81
N ASP C 198 37.54 -18.45 9.01
CA ASP C 198 38.59 -17.42 8.97
C ASP C 198 37.99 -16.08 8.50
N PRO C 199 38.00 -15.05 9.36
CA PRO C 199 37.41 -13.78 8.98
C PRO C 199 38.19 -12.97 7.92
N ASN C 200 39.39 -13.42 7.58
CA ASN C 200 40.15 -12.77 6.50
C ASN C 200 40.05 -13.53 5.19
N VAL C 201 39.19 -14.55 5.17
CA VAL C 201 38.95 -15.33 3.95
C VAL C 201 37.53 -15.10 3.44
N ASP C 202 37.43 -14.71 2.18
CA ASP C 202 36.15 -14.56 1.50
C ASP C 202 35.33 -15.87 1.56
N PRO C 203 34.16 -15.87 2.24
CA PRO C 203 33.33 -17.07 2.36
C PRO C 203 33.05 -17.83 1.06
N ALA C 204 32.83 -17.09 -0.02
CA ALA C 204 32.58 -17.68 -1.33
C ALA C 204 33.70 -18.59 -1.82
N THR C 205 34.95 -18.31 -1.42
CA THR C 205 36.09 -19.13 -1.84
C THR C 205 36.12 -20.52 -1.16
N GLN C 206 35.24 -20.73 -0.19
CA GLN C 206 35.29 -21.95 0.63
C GLN C 206 34.07 -22.86 0.47
N ILE C 207 33.30 -22.62 -0.58
CA ILE C 207 32.06 -23.34 -0.78
C ILE C 207 32.37 -24.60 -1.57
N ALA C 208 31.91 -25.74 -1.07
CA ALA C 208 31.96 -27.00 -1.80
C ALA C 208 30.54 -27.58 -1.93
N VAL C 209 30.27 -28.26 -3.04
CA VAL C 209 29.02 -28.97 -3.21
C VAL C 209 29.30 -30.48 -3.41
N LEU C 210 28.71 -31.30 -2.54
CA LEU C 210 28.94 -32.73 -2.53
C LEU C 210 27.68 -33.48 -2.87
N LEU C 211 27.77 -34.38 -3.85
CA LEU C 211 26.63 -35.19 -4.27
C LEU C 211 26.46 -36.40 -3.34
N VAL C 212 25.26 -36.52 -2.78
CA VAL C 212 24.91 -37.58 -1.82
C VAL C 212 23.66 -38.33 -2.32
N THR C 213 23.81 -39.65 -2.55
CA THR C 213 22.72 -40.51 -2.99
C THR C 213 22.30 -41.45 -1.87
N ARG C 214 21.29 -42.26 -2.10
CA ARG C 214 20.88 -43.28 -1.15
C ARG C 214 22.00 -44.32 -0.89
N GLU C 215 22.81 -44.58 -1.92
CA GLU C 215 24.00 -45.43 -1.79
C GLU C 215 25.07 -44.85 -0.87
N THR C 216 25.37 -43.56 -1.02
CA THR C 216 26.29 -42.87 -0.11
C THR C 216 25.88 -43.03 1.36
N ILE C 217 24.57 -42.86 1.61
CA ILE C 217 24.01 -42.96 2.96
C ILE C 217 24.11 -44.40 3.50
N ALA C 218 23.77 -45.36 2.66
CA ALA C 218 23.82 -46.79 3.00
C ALA C 218 25.25 -47.25 3.29
N ASN C 219 26.23 -46.60 2.66
CA ASN C 219 27.65 -46.91 2.87
C ASN C 219 28.29 -46.27 4.10
N ASN C 220 27.50 -45.49 4.84
CA ASN C 220 27.93 -44.85 6.07
C ASN C 220 27.32 -45.51 7.29
N LYS C 221 27.98 -45.39 8.44
CA LYS C 221 27.44 -45.87 9.72
C LYS C 221 26.03 -45.40 10.00
N LYS C 222 25.35 -46.09 10.91
CA LYS C 222 23.94 -45.84 11.19
C LYS C 222 23.63 -44.39 11.56
N ASP C 223 24.24 -43.86 12.62
CA ASP C 223 23.90 -42.48 12.98
C ASP C 223 24.80 -41.39 12.38
N ALA C 224 25.37 -41.66 11.22
CA ALA C 224 26.15 -40.66 10.50
C ALA C 224 25.20 -39.70 9.78
N TYR C 225 24.01 -40.20 9.44
CA TYR C 225 22.94 -39.47 8.80
C TYR C 225 21.69 -39.70 9.63
N GLN C 226 21.18 -38.63 10.23
CA GLN C 226 20.02 -38.71 11.12
C GLN C 226 18.99 -37.64 10.77
N ILE C 227 17.73 -38.05 10.70
CA ILE C 227 16.62 -37.09 10.56
C ILE C 227 16.11 -36.78 11.96
N LEU C 228 16.28 -35.53 12.36
CA LEU C 228 15.97 -35.09 13.73
C LEU C 228 14.56 -34.55 13.88
N GLY C 229 13.91 -34.25 12.78
CA GLY C 229 12.58 -33.65 12.83
C GLY C 229 12.04 -33.26 11.48
N GLU C 230 10.75 -32.94 11.47
CA GLU C 230 10.01 -32.58 10.27
C GLU C 230 9.09 -31.40 10.64
N PRO C 231 9.43 -30.18 10.16
CA PRO C 231 8.59 -29.01 10.46
C PRO C 231 7.15 -29.18 9.99
N GLU C 232 6.20 -28.81 10.84
CA GLU C 232 4.80 -28.77 10.42
C GLU C 232 4.52 -27.37 9.83
N LEU C 233 4.23 -27.33 8.54
CA LEU C 233 4.10 -26.05 7.83
C LEU C 233 2.66 -25.53 7.86
N ALA C 234 2.53 -24.21 7.82
CA ALA C 234 1.22 -23.57 7.73
C ALA C 234 0.52 -24.00 6.45
N GLY C 235 1.24 -23.95 5.34
CA GLY C 235 0.74 -24.35 4.01
C GLY C 235 1.72 -25.30 3.33
N HIS C 236 1.35 -25.84 2.16
CA HIS C 236 2.14 -26.90 1.52
C HIS C 236 2.39 -28.03 2.53
N ILE C 237 1.29 -28.47 3.14
CA ILE C 237 1.31 -29.41 4.25
C ILE C 237 1.76 -30.84 3.87
N THR C 238 1.90 -31.08 2.58
CA THR C 238 2.32 -32.39 2.07
C THR C 238 3.75 -32.43 1.51
N THR C 239 4.51 -31.35 1.64
CA THR C 239 5.94 -31.44 1.31
C THR C 239 6.77 -31.93 2.49
N SER C 240 7.98 -32.39 2.22
CA SER C 240 8.92 -32.78 3.25
C SER C 240 10.21 -31.99 3.03
N GLY C 241 10.73 -31.41 4.11
CA GLY C 241 11.96 -30.62 4.08
C GLY C 241 12.57 -30.69 5.46
N PRO C 242 13.12 -31.86 5.82
CA PRO C 242 13.45 -32.15 7.21
C PRO C 242 14.68 -31.45 7.84
N HIS C 243 14.81 -31.66 9.14
CA HIS C 243 15.99 -31.29 9.92
C HIS C 243 16.93 -32.51 9.93
N THR C 244 18.08 -32.36 9.26
CA THR C 244 19.03 -33.45 9.05
C THR C 244 20.33 -33.14 9.79
N ARG C 245 20.91 -34.16 10.42
CA ARG C 245 22.24 -34.04 10.99
C ARG C 245 23.24 -34.99 10.33
N PHE C 246 24.34 -34.42 9.86
CA PHE C 246 25.50 -35.20 9.37
C PHE C 246 26.56 -35.29 10.47
N THR C 247 27.00 -36.51 10.78
CA THR C 247 28.06 -36.73 11.76
C THR C 247 29.10 -37.66 11.12
N GLU C 248 30.28 -37.09 10.83
CA GLU C 248 31.38 -37.84 10.24
C GLU C 248 30.88 -38.65 9.05
N PHE C 249 30.16 -37.95 8.18
CA PHE C 249 29.52 -38.56 7.04
C PHE C 249 30.45 -38.53 5.83
N HIS C 250 30.89 -39.72 5.40
CA HIS C 250 31.90 -39.87 4.34
C HIS C 250 31.30 -39.89 2.95
N VAL C 251 31.92 -39.15 2.04
CA VAL C 251 31.48 -39.07 0.64
C VAL C 251 32.70 -39.21 -0.30
N PRO C 252 32.59 -40.00 -1.38
CA PRO C 252 33.74 -40.10 -2.26
C PRO C 252 34.07 -38.76 -2.89
N HIS C 253 35.36 -38.45 -2.96
CA HIS C 253 35.86 -37.31 -3.71
C HIS C 253 35.30 -37.20 -5.13
N GLU C 254 35.03 -38.35 -5.77
CA GLU C 254 34.46 -38.35 -7.13
C GLU C 254 33.07 -37.67 -7.18
N ASN C 255 32.42 -37.58 -6.02
CA ASN C 255 31.08 -36.99 -5.90
C ASN C 255 31.10 -35.46 -5.67
N LEU C 256 32.29 -34.87 -5.66
CA LEU C 256 32.45 -33.43 -5.44
C LEU C 256 32.13 -32.77 -6.77
N LEU C 257 31.17 -31.86 -6.77
CA LEU C 257 30.59 -31.35 -8.03
C LEU C 257 31.60 -30.61 -8.91
N CYS C 258 32.56 -29.94 -8.26
CA CYS C 258 33.59 -29.17 -8.94
C CYS C 258 34.59 -28.75 -7.89
N THR C 259 35.69 -28.14 -8.34
CA THR C 259 36.69 -27.59 -7.43
C THR C 259 36.00 -26.64 -6.45
N PRO C 260 36.23 -26.82 -5.14
CA PRO C 260 35.66 -25.91 -4.16
C PRO C 260 36.09 -24.47 -4.39
N GLY C 261 35.20 -23.52 -4.09
CA GLY C 261 35.52 -22.12 -4.27
C GLY C 261 34.44 -21.39 -5.02
N LEU C 262 34.84 -20.33 -5.71
CA LEU C 262 33.91 -19.41 -6.36
C LEU C 262 33.01 -20.05 -7.39
N LYS C 263 33.52 -21.07 -8.06
CA LYS C 263 32.75 -21.79 -9.08
C LYS C 263 31.64 -22.63 -8.46
N ALA C 264 31.92 -23.21 -7.30
CA ALA C 264 30.89 -23.92 -6.53
C ALA C 264 29.78 -22.97 -6.07
N GLN C 265 30.18 -21.84 -5.48
CA GLN C 265 29.24 -20.79 -5.10
C GLN C 265 28.43 -20.34 -6.32
N GLY C 266 29.12 -20.16 -7.44
CA GLY C 266 28.48 -19.78 -8.70
C GLY C 266 27.36 -20.73 -9.13
N LEU C 267 27.56 -22.03 -8.95
CA LEU C 267 26.56 -23.02 -9.33
C LEU C 267 25.31 -22.94 -8.43
N VAL C 268 25.55 -22.72 -7.14
CA VAL C 268 24.48 -22.54 -6.16
C VAL C 268 23.68 -21.27 -6.50
N GLU C 269 24.41 -20.16 -6.66
CA GLU C 269 23.81 -18.87 -7.01
C GLU C 269 22.96 -18.96 -8.27
N THR C 270 23.48 -19.63 -9.30
CA THR C 270 22.80 -19.74 -10.58
C THR C 270 21.53 -20.56 -10.44
N ALA C 271 21.62 -21.71 -9.76
CA ALA C 271 20.45 -22.53 -9.51
C ALA C 271 19.35 -21.74 -8.78
N PHE C 272 19.73 -21.02 -7.74
CA PHE C 272 18.74 -20.27 -6.96
C PHE C 272 18.15 -19.07 -7.72
N ALA C 273 18.90 -18.55 -8.71
CA ALA C 273 18.44 -17.43 -9.52
C ALA C 273 17.45 -17.91 -10.57
N MET C 274 17.71 -19.08 -11.16
CA MET C 274 16.73 -19.71 -12.02
C MET C 274 15.43 -19.99 -11.28
N SER C 275 15.53 -20.48 -10.05
CA SER C 275 14.34 -20.79 -9.27
C SER C 275 13.63 -19.52 -8.77
N ALA C 276 14.39 -18.43 -8.61
CA ALA C 276 13.81 -17.14 -8.25
C ALA C 276 12.80 -16.70 -9.31
N ALA C 277 13.14 -16.94 -10.59
CA ALA C 277 12.26 -16.60 -11.71
C ALA C 277 11.07 -17.55 -11.79
N LEU C 278 11.35 -18.84 -11.68
CA LEU C 278 10.31 -19.86 -11.80
C LEU C 278 9.25 -19.81 -10.71
N VAL C 279 9.69 -19.53 -9.47
CA VAL C 279 8.79 -19.36 -8.32
C VAL C 279 7.60 -18.43 -8.61
N GLY C 280 7.82 -17.42 -9.45
CA GLY C 280 6.78 -16.48 -9.82
C GLY C 280 5.58 -17.20 -10.44
N ALA C 281 5.86 -18.26 -11.19
CA ALA C 281 4.81 -19.01 -11.87
C ALA C 281 3.99 -19.81 -10.86
N MET C 282 4.66 -20.23 -9.79
CA MET C 282 4.01 -20.92 -8.69
C MET C 282 3.06 -19.97 -7.93
N ALA C 283 3.58 -18.79 -7.60
CA ALA C 283 2.82 -17.73 -6.95
C ALA C 283 1.62 -17.33 -7.81
N ILE C 284 1.87 -17.14 -9.10
CA ILE C 284 0.78 -16.85 -10.05
C ILE C 284 -0.30 -17.91 -10.00
N GLY C 285 0.09 -19.19 -10.04
CA GLY C 285 -0.87 -20.30 -9.99
C GLY C 285 -1.76 -20.24 -8.76
N THR C 286 -1.16 -20.04 -7.60
CA THR C 286 -1.92 -19.94 -6.36
C THR C 286 -2.86 -18.73 -6.40
N ALA C 287 -2.33 -17.55 -6.74
CA ALA C 287 -3.13 -16.33 -6.72
C ALA C 287 -4.26 -16.37 -7.77
N ARG C 288 -3.96 -16.95 -8.94
CA ARG C 288 -4.95 -17.12 -10.01
C ARG C 288 -6.16 -17.94 -9.57
N ALA C 289 -5.90 -19.02 -8.83
CA ALA C 289 -6.97 -19.87 -8.33
C ALA C 289 -7.90 -19.07 -7.42
N ALA C 290 -7.29 -18.22 -6.59
CA ALA C 290 -7.98 -17.31 -5.69
C ALA C 290 -8.80 -16.31 -6.49
N PHE C 291 -8.15 -15.60 -7.42
CA PHE C 291 -8.85 -14.65 -8.29
C PHE C 291 -10.04 -15.28 -9.01
N GLU C 292 -9.83 -16.45 -9.63
CA GLU C 292 -10.89 -17.07 -10.43
C GLU C 292 -12.05 -17.55 -9.55
N GLU C 293 -11.75 -18.11 -8.39
CA GLU C 293 -12.81 -18.54 -7.49
C GLU C 293 -13.62 -17.32 -7.05
N ALA C 294 -12.94 -16.21 -6.77
CA ALA C 294 -13.62 -14.98 -6.38
C ALA C 294 -14.42 -14.41 -7.54
N LEU C 295 -13.87 -14.48 -8.75
CA LEU C 295 -14.53 -13.94 -9.94
C LEU C 295 -15.85 -14.67 -10.28
N VAL C 296 -15.80 -16.00 -10.27
CA VAL C 296 -17.00 -16.82 -10.50
C VAL C 296 -18.08 -16.49 -9.46
N PHE C 297 -17.71 -16.51 -8.18
CA PHE C 297 -18.63 -16.15 -7.08
C PHE C 297 -19.28 -14.79 -7.33
N ALA C 298 -18.45 -13.80 -7.63
CA ALA C 298 -18.87 -12.42 -7.82
C ALA C 298 -19.86 -12.26 -8.96
N LYS C 299 -19.77 -13.15 -9.94
CA LYS C 299 -20.62 -13.05 -11.13
C LYS C 299 -21.81 -13.98 -11.08
N SER C 300 -21.93 -14.76 -10.01
CA SER C 300 -23.07 -15.63 -9.87
C SER C 300 -23.84 -15.42 -8.58
N ASP C 301 -23.30 -14.60 -7.67
CA ASP C 301 -23.91 -14.47 -6.35
C ASP C 301 -24.22 -13.00 -6.03
N THR C 302 -25.44 -12.78 -5.53
CA THR C 302 -25.97 -11.43 -5.26
C THR C 302 -25.83 -11.08 -3.78
N ARG C 303 -25.42 -12.06 -2.98
CA ARG C 303 -25.36 -11.93 -1.53
C ARG C 303 -26.63 -11.29 -0.96
N GLY C 304 -27.77 -11.88 -1.32
CA GLY C 304 -29.09 -11.43 -0.86
C GLY C 304 -29.54 -10.08 -1.38
N GLY C 305 -28.87 -9.55 -2.39
CA GLY C 305 -29.23 -8.27 -3.00
C GLY C 305 -29.98 -8.47 -4.29
N SER C 306 -29.99 -7.45 -5.14
CA SER C 306 -30.73 -7.53 -6.40
C SER C 306 -29.82 -7.72 -7.62
N LYS C 307 -28.52 -7.62 -7.43
CA LYS C 307 -27.57 -7.77 -8.54
C LYS C 307 -26.33 -8.55 -8.10
N HIS C 308 -25.65 -9.17 -9.06
CA HIS C 308 -24.40 -9.91 -8.80
C HIS C 308 -23.38 -8.96 -8.18
N ILE C 309 -22.58 -9.46 -7.24
CA ILE C 309 -21.73 -8.54 -6.47
C ILE C 309 -20.63 -7.87 -7.26
N ILE C 310 -20.28 -8.44 -8.42
CA ILE C 310 -19.34 -7.78 -9.33
C ILE C 310 -19.84 -6.40 -9.80
N GLU C 311 -21.15 -6.18 -9.65
CA GLU C 311 -21.74 -4.90 -10.03
C GLU C 311 -21.55 -3.76 -8.99
N HIS C 312 -21.06 -4.11 -7.80
CA HIS C 312 -20.64 -3.12 -6.81
C HIS C 312 -19.21 -2.63 -7.08
N GLN C 313 -19.02 -1.32 -7.19
CA GLN C 313 -17.70 -0.75 -7.52
C GLN C 313 -16.56 -1.23 -6.60
N SER C 314 -16.80 -1.32 -5.29
CA SER C 314 -15.79 -1.85 -4.36
C SER C 314 -15.36 -3.32 -4.66
N VAL C 315 -16.32 -4.15 -5.06
CA VAL C 315 -16.03 -5.56 -5.36
C VAL C 315 -15.20 -5.65 -6.65
N ALA C 316 -15.65 -4.96 -7.69
CA ALA C 316 -14.93 -4.89 -8.95
C ALA C 316 -13.51 -4.35 -8.78
N ASP C 317 -13.34 -3.30 -7.97
CA ASP C 317 -12.02 -2.76 -7.66
C ASP C 317 -11.05 -3.82 -7.13
N LYS C 318 -11.53 -4.70 -6.27
CA LYS C 318 -10.70 -5.77 -5.72
C LYS C 318 -10.28 -6.75 -6.82
N LEU C 319 -11.24 -7.19 -7.64
CA LEU C 319 -10.98 -8.13 -8.74
C LEU C 319 -10.07 -7.51 -9.79
N ILE C 320 -10.21 -6.20 -9.99
CA ILE C 320 -9.35 -5.46 -10.89
C ILE C 320 -7.91 -5.46 -10.41
N ASP C 321 -7.71 -5.18 -9.12
CA ASP C 321 -6.36 -5.18 -8.53
C ASP C 321 -5.74 -6.58 -8.59
N CYS C 322 -6.54 -7.61 -8.31
CA CYS C 322 -6.11 -9.00 -8.51
C CYS C 322 -5.64 -9.28 -9.94
N LYS C 323 -6.50 -8.97 -10.93
CA LYS C 323 -6.20 -9.28 -12.32
C LYS C 323 -4.91 -8.57 -12.74
N ILE C 324 -4.78 -7.30 -12.41
CA ILE C 324 -3.59 -6.51 -12.70
C ILE C 324 -2.29 -7.12 -12.13
N ARG C 325 -2.35 -7.54 -10.87
CA ARG C 325 -1.23 -8.20 -10.22
C ARG C 325 -0.84 -9.49 -10.93
N LEU C 326 -1.85 -10.26 -11.37
CA LEU C 326 -1.59 -11.54 -12.02
C LEU C 326 -1.00 -11.32 -13.40
N GLU C 327 -1.49 -10.31 -14.10
CA GLU C 327 -1.07 -10.05 -15.48
C GLU C 327 0.38 -9.53 -15.53
N THR C 328 0.69 -8.55 -14.69
CA THR C 328 2.04 -8.03 -14.56
C THR C 328 3.02 -9.07 -14.02
N SER C 329 2.59 -9.86 -13.03
CA SER C 329 3.41 -10.97 -12.56
C SER C 329 3.84 -11.93 -13.70
N ARG C 330 2.90 -12.34 -14.54
CA ARG C 330 3.18 -13.34 -15.61
C ARG C 330 4.10 -12.77 -16.66
N LEU C 331 3.85 -11.54 -17.08
CA LEU C 331 4.75 -10.82 -17.98
C LEU C 331 6.18 -10.77 -17.44
N LEU C 332 6.32 -10.54 -16.13
CA LEU C 332 7.63 -10.38 -15.51
C LEU C 332 8.37 -11.69 -15.48
N VAL C 333 7.66 -12.76 -15.14
CA VAL C 333 8.23 -14.12 -15.15
C VAL C 333 8.74 -14.53 -16.53
N TRP C 334 7.92 -14.31 -17.55
CA TRP C 334 8.32 -14.63 -18.93
C TRP C 334 9.52 -13.77 -19.35
N LYS C 335 9.45 -12.47 -19.11
CA LYS C 335 10.60 -11.60 -19.28
C LYS C 335 11.86 -12.16 -18.59
N ALA C 336 11.72 -12.63 -17.34
CA ALA C 336 12.86 -13.10 -16.55
C ALA C 336 13.50 -14.39 -17.06
N VAL C 337 12.67 -15.36 -17.43
CA VAL C 337 13.19 -16.66 -17.85
C VAL C 337 13.84 -16.58 -19.24
N THR C 338 13.28 -15.69 -20.06
CA THR C 338 13.78 -15.34 -21.38
C THR C 338 15.12 -14.60 -21.28
N THR C 339 15.24 -13.74 -20.28
CA THR C 339 16.49 -13.06 -19.98
C THR C 339 17.56 -14.07 -19.52
N LEU C 340 17.15 -15.04 -18.70
CA LEU C 340 18.08 -16.07 -18.22
C LEU C 340 18.65 -16.90 -19.39
N GLU C 341 17.82 -17.13 -20.41
CA GLU C 341 18.17 -17.96 -21.55
C GLU C 341 18.96 -17.18 -22.62
N ASP C 342 19.19 -15.89 -22.36
CA ASP C 342 19.84 -15.02 -23.36
C ASP C 342 21.35 -14.99 -23.18
N GLU C 343 22.04 -15.65 -24.11
CA GLU C 343 23.49 -15.80 -24.06
C GLU C 343 24.28 -14.49 -24.21
N ALA C 344 23.64 -13.48 -24.77
CA ALA C 344 24.28 -12.18 -25.00
C ALA C 344 24.41 -11.31 -23.76
N LEU C 345 23.63 -11.61 -22.72
CA LEU C 345 23.57 -10.76 -21.53
C LEU C 345 24.48 -11.29 -20.45
N GLU C 346 25.11 -10.39 -19.71
CA GLU C 346 25.99 -10.85 -18.64
C GLU C 346 25.20 -11.21 -17.40
N TRP C 347 25.81 -12.06 -16.56
CA TRP C 347 25.13 -12.64 -15.41
C TRP C 347 24.42 -11.62 -14.52
N LYS C 348 25.09 -10.51 -14.21
CA LYS C 348 24.50 -9.52 -13.31
C LYS C 348 23.16 -8.95 -13.82
N VAL C 349 23.00 -8.85 -15.14
CA VAL C 349 21.74 -8.40 -15.72
C VAL C 349 20.65 -9.47 -15.54
N LYS C 350 21.00 -10.73 -15.79
CA LYS C 350 20.09 -11.85 -15.57
C LYS C 350 19.72 -12.00 -14.10
N LEU C 351 20.71 -11.80 -13.21
CA LEU C 351 20.50 -11.92 -11.79
C LEU C 351 19.54 -10.83 -11.27
N GLU C 352 19.80 -9.58 -11.63
CA GLU C 352 18.95 -8.47 -11.19
C GLU C 352 17.49 -8.66 -11.63
N MET C 353 17.31 -9.18 -12.84
CA MET C 353 15.97 -9.41 -13.37
C MET C 353 15.27 -10.54 -12.61
N ALA C 354 16.01 -11.59 -12.27
CA ALA C 354 15.45 -12.71 -11.51
C ALA C 354 15.08 -12.29 -10.10
N MET C 355 15.90 -11.45 -9.48
CA MET C 355 15.61 -10.95 -8.13
C MET C 355 14.29 -10.18 -8.12
N GLN C 356 14.15 -9.22 -9.04
CA GLN C 356 12.93 -8.40 -9.22
C GLN C 356 11.71 -9.27 -9.33
N THR C 357 11.82 -10.29 -10.17
CA THR C 357 10.74 -11.21 -10.44
C THR C 357 10.32 -11.89 -9.16
N LYS C 358 11.29 -12.41 -8.41
CA LYS C 358 10.96 -13.16 -7.20
C LYS C 358 10.26 -12.23 -6.22
N ILE C 359 10.87 -11.07 -5.99
CA ILE C 359 10.33 -10.09 -5.04
C ILE C 359 8.90 -9.71 -5.38
N TYR C 360 8.68 -9.28 -6.62
CA TYR C 360 7.39 -8.72 -7.03
C TYR C 360 6.30 -9.77 -6.97
N THR C 361 6.51 -10.87 -7.67
CA THR C 361 5.45 -11.85 -7.89
C THR C 361 5.02 -12.47 -6.56
N THR C 362 5.98 -12.68 -5.66
CA THR C 362 5.64 -13.38 -4.43
C THR C 362 4.94 -12.46 -3.44
N ASP C 363 5.33 -11.17 -3.39
CA ASP C 363 4.66 -10.18 -2.52
C ASP C 363 3.22 -9.93 -2.99
N VAL C 364 3.02 -9.71 -4.29
CA VAL C 364 1.68 -9.36 -4.78
C VAL C 364 0.74 -10.55 -4.88
N ALA C 365 1.30 -11.76 -4.89
CA ALA C 365 0.46 -12.95 -4.87
C ALA C 365 -0.31 -13.02 -3.55
N VAL C 366 0.35 -12.66 -2.46
CA VAL C 366 -0.29 -12.58 -1.13
C VAL C 366 -1.47 -11.60 -1.14
N GLU C 367 -1.25 -10.37 -1.60
CA GLU C 367 -2.28 -9.33 -1.71
C GLU C 367 -3.47 -9.76 -2.59
N CYS C 368 -3.18 -10.45 -3.69
CA CYS C 368 -4.20 -10.99 -4.58
C CYS C 368 -5.14 -12.00 -3.86
N VAL C 369 -4.55 -12.94 -3.13
CA VAL C 369 -5.37 -13.91 -2.38
C VAL C 369 -6.23 -13.21 -1.30
N ILE C 370 -5.62 -12.25 -0.61
CA ILE C 370 -6.30 -11.49 0.44
C ILE C 370 -7.48 -10.64 -0.09
N ASP C 371 -7.26 -9.92 -1.18
CA ASP C 371 -8.33 -9.13 -1.84
C ASP C 371 -9.48 -10.00 -2.36
N ALA C 372 -9.12 -11.17 -2.89
CA ALA C 372 -10.11 -12.15 -3.36
C ALA C 372 -11.01 -12.55 -2.20
N MET C 373 -10.42 -12.83 -1.05
CA MET C 373 -11.17 -13.18 0.14
C MET C 373 -12.05 -12.02 0.64
N LYS C 374 -11.54 -10.79 0.57
CA LYS C 374 -12.31 -9.63 1.01
C LYS C 374 -13.54 -9.38 0.10
N ALA C 375 -13.36 -9.66 -1.19
CA ALA C 375 -14.42 -9.54 -2.19
C ALA C 375 -15.53 -10.60 -2.00
N VAL C 376 -15.15 -11.82 -1.64
CA VAL C 376 -16.10 -12.91 -1.41
C VAL C 376 -16.79 -12.74 -0.07
N GLY C 377 -16.03 -12.23 0.92
CA GLY C 377 -16.56 -12.00 2.25
C GLY C 377 -16.42 -13.17 3.20
N MET C 378 -17.38 -13.27 4.13
CA MET C 378 -17.31 -14.27 5.18
C MET C 378 -17.14 -15.69 4.64
N LYS C 379 -17.79 -15.97 3.51
CA LYS C 379 -17.76 -17.31 2.94
C LYS C 379 -16.32 -17.80 2.64
N SER C 380 -15.41 -16.87 2.39
CA SER C 380 -14.03 -17.22 2.03
C SER C 380 -13.26 -17.88 3.18
N TYR C 381 -13.82 -17.80 4.38
CA TYR C 381 -13.11 -18.18 5.61
C TYR C 381 -13.40 -19.62 6.04
N ALA C 382 -14.34 -20.27 5.37
CA ALA C 382 -14.70 -21.66 5.66
C ALA C 382 -14.13 -22.60 4.59
N LYS C 383 -13.81 -23.81 5.01
CA LYS C 383 -13.03 -24.72 4.17
C LYS C 383 -13.85 -25.43 3.09
N ASP C 384 -15.11 -25.03 2.91
CA ASP C 384 -15.86 -25.52 1.76
C ASP C 384 -15.55 -24.65 0.53
N MET C 385 -14.74 -23.60 0.74
CA MET C 385 -14.10 -22.84 -0.35
C MET C 385 -12.56 -23.09 -0.31
N SER C 386 -11.85 -22.76 -1.41
CA SER C 386 -10.37 -22.96 -1.46
C SER C 386 -9.52 -22.00 -0.62
N PHE C 387 -10.04 -20.81 -0.38
CA PHE C 387 -9.25 -19.73 0.22
C PHE C 387 -8.46 -20.06 1.47
N PRO C 388 -9.06 -20.76 2.46
CA PRO C 388 -8.20 -21.11 3.60
C PRO C 388 -6.90 -21.81 3.17
N ARG C 389 -6.98 -22.78 2.25
CA ARG C 389 -5.79 -23.48 1.74
C ARG C 389 -4.85 -22.50 1.04
N LEU C 390 -5.41 -21.74 0.10
CA LEU C 390 -4.63 -20.76 -0.67
C LEU C 390 -3.91 -19.67 0.15
N LEU C 391 -4.58 -19.18 1.19
CA LEU C 391 -3.98 -18.21 2.09
C LEU C 391 -2.71 -18.76 2.76
N ASN C 392 -2.79 -19.95 3.36
CA ASN C 392 -1.60 -20.57 3.96
C ASN C 392 -0.50 -20.88 2.92
N GLU C 393 -0.93 -21.28 1.72
CA GLU C 393 0.00 -21.62 0.64
C GLU C 393 0.75 -20.41 0.08
N VAL C 394 0.03 -19.33 -0.21
CA VAL C 394 0.63 -18.13 -0.79
C VAL C 394 1.66 -17.44 0.11
N MET C 395 1.45 -17.52 1.43
CA MET C 395 2.41 -16.94 2.39
C MET C 395 3.77 -17.64 2.44
N CYS C 396 3.85 -18.84 1.86
CA CYS C 396 5.16 -19.52 1.70
C CYS C 396 6.10 -18.75 0.79
N TYR C 397 5.55 -18.17 -0.26
CA TYR C 397 6.36 -17.75 -1.41
C TYR C 397 7.29 -16.53 -1.18
N PRO C 398 6.82 -15.50 -0.44
CA PRO C 398 7.77 -14.41 -0.19
C PRO C 398 8.82 -14.82 0.83
N LEU C 399 8.55 -15.92 1.55
CA LEU C 399 9.45 -16.37 2.59
C LEU C 399 10.49 -17.38 2.13
N PHE C 400 10.09 -18.27 1.22
CA PHE C 400 10.95 -19.38 0.83
C PHE C 400 11.73 -19.06 -0.45
N ASP C 401 12.46 -20.05 -0.97
CA ASP C 401 13.30 -19.84 -2.15
C ASP C 401 14.19 -18.61 -2.01
N GLY C 402 14.73 -18.38 -0.80
CA GLY C 402 15.46 -17.14 -0.50
C GLY C 402 14.50 -15.99 -0.22
N GLY C 403 14.30 -15.67 1.05
CA GLY C 403 13.30 -14.64 1.42
C GLY C 403 13.60 -13.28 0.81
N ASN C 404 12.54 -12.52 0.55
CA ASN C 404 12.68 -11.21 -0.10
C ASN C 404 13.50 -10.24 0.73
N ILE C 405 13.30 -10.27 2.03
CA ILE C 405 13.85 -9.24 2.91
C ILE C 405 15.34 -9.44 3.16
N GLY C 406 15.73 -10.67 3.43
CA GLY C 406 17.10 -10.99 3.84
C GLY C 406 18.02 -11.35 2.70
N LEU C 407 17.47 -12.06 1.71
CA LEU C 407 18.25 -12.56 0.58
C LEU C 407 18.03 -11.79 -0.72
N ARG C 408 16.83 -11.87 -1.28
CA ARG C 408 16.66 -11.38 -2.68
C ARG C 408 16.86 -9.86 -2.83
N ARG C 409 16.33 -9.08 -1.90
CA ARG C 409 16.51 -7.62 -1.95
C ARG C 409 17.98 -7.26 -1.76
N ARG C 410 18.68 -8.03 -0.93
CA ARG C 410 20.13 -7.84 -0.73
C ARG C 410 20.95 -8.18 -1.97
N GLN C 411 20.65 -9.32 -2.61
CA GLN C 411 21.26 -9.68 -3.89
C GLN C 411 21.05 -8.60 -4.93
N MET C 412 19.81 -8.11 -5.06
CA MET C 412 19.51 -7.00 -5.99
C MET C 412 20.24 -5.68 -5.65
N GLN C 413 20.20 -5.29 -4.38
CA GLN C 413 20.93 -4.12 -3.88
C GLN C 413 22.41 -4.15 -4.28
N ARG C 414 23.04 -5.31 -4.12
CA ARG C 414 24.47 -5.50 -4.39
C ARG C 414 24.79 -5.20 -5.87
N VAL C 415 23.95 -5.71 -6.76
CA VAL C 415 24.09 -5.51 -8.22
C VAL C 415 23.87 -4.03 -8.61
N MET C 416 22.85 -3.41 -7.99
CA MET C 416 22.51 -2.01 -8.26
C MET C 416 23.64 -1.07 -7.79
N ALA C 417 24.43 -1.53 -6.84
CA ALA C 417 25.47 -0.70 -6.23
C ALA C 417 26.77 -0.72 -7.01
N LEU C 418 26.90 -1.67 -7.95
CA LEU C 418 28.09 -1.81 -8.78
C LEU C 418 28.27 -0.64 -9.74
N GLU C 419 29.51 -0.20 -9.91
CA GLU C 419 29.82 0.96 -10.73
C GLU C 419 29.31 0.81 -12.15
N ASP C 420 29.42 -0.39 -12.70
CA ASP C 420 29.00 -0.59 -14.09
C ASP C 420 27.57 -1.15 -14.26
N TYR C 421 26.73 -0.96 -13.24
CA TYR C 421 25.31 -1.37 -13.28
C TYR C 421 24.61 -0.70 -14.43
N GLU C 422 23.91 -1.50 -15.23
CA GLU C 422 23.09 -1.03 -16.33
C GLU C 422 21.63 -1.43 -16.10
N PRO C 423 20.80 -0.50 -15.57
CA PRO C 423 19.41 -0.80 -15.23
C PRO C 423 18.57 -1.44 -16.35
N TRP C 424 18.76 -0.99 -17.59
CA TRP C 424 17.88 -1.38 -18.70
C TRP C 424 18.51 -2.33 -19.69
N ALA C 425 19.65 -2.92 -19.30
CA ALA C 425 20.39 -3.80 -20.20
C ALA C 425 19.58 -4.99 -20.73
N ALA C 426 18.65 -5.53 -19.94
CA ALA C 426 17.79 -6.66 -20.37
C ALA C 426 16.72 -6.26 -21.40
N THR C 427 16.58 -4.97 -21.62
CA THR C 427 15.53 -4.42 -22.46
C THR C 427 16.13 -3.79 -23.71
N TYR C 428 17.04 -2.84 -23.49
CA TYR C 428 17.55 -1.98 -24.54
C TYR C 428 18.99 -2.35 -24.95
N GLY C 429 19.53 -3.38 -24.32
CA GLY C 429 20.89 -3.86 -24.59
C GLY C 429 21.95 -3.15 -23.77
N SER C 430 23.18 -3.68 -23.81
CA SER C 430 24.32 -3.09 -23.12
C SER C 430 24.96 -1.99 -23.96
N VAL D 1 -7.87 16.46 27.61
CA VAL D 1 -7.49 15.15 26.99
C VAL D 1 -6.35 14.47 27.75
N ASP D 2 -6.60 13.20 28.06
CA ASP D 2 -5.80 12.43 28.98
C ASP D 2 -5.77 10.98 28.48
N PHE D 3 -4.63 10.31 28.62
CA PHE D 3 -4.55 8.90 28.24
C PHE D 3 -4.23 8.00 29.41
N LYS D 4 -4.14 8.58 30.60
CA LYS D 4 -3.67 7.84 31.77
C LYS D 4 -4.69 6.81 32.25
N LEU D 5 -4.18 5.65 32.66
CA LEU D 5 -5.06 4.58 33.13
C LEU D 5 -5.30 4.69 34.63
N SER D 6 -6.56 4.53 35.02
CA SER D 6 -6.97 4.50 36.42
C SER D 6 -6.46 3.24 37.09
N PRO D 7 -6.44 3.21 38.44
CA PRO D 7 -6.09 1.95 39.07
C PRO D 7 -6.98 0.78 38.65
N SER D 8 -8.27 1.04 38.42
CA SER D 8 -9.20 -0.03 38.07
C SER D 8 -8.97 -0.56 36.65
N GLN D 9 -8.43 0.29 35.77
CA GLN D 9 -8.08 -0.10 34.41
C GLN D 9 -6.78 -0.90 34.36
N LEU D 10 -5.81 -0.55 35.21
CA LEU D 10 -4.58 -1.32 35.31
C LEU D 10 -4.84 -2.67 36.01
N GLU D 11 -5.74 -2.67 36.98
CA GLU D 11 -6.18 -3.92 37.60
C GLU D 11 -6.87 -4.84 36.58
N ALA D 12 -7.79 -4.27 35.78
CA ALA D 12 -8.46 -5.03 34.70
C ALA D 12 -7.45 -5.68 33.78
N ARG D 13 -6.39 -4.93 33.47
CA ARG D 13 -5.32 -5.45 32.63
C ARG D 13 -4.61 -6.61 33.33
N ARG D 14 -4.25 -6.40 34.60
CA ARG D 14 -3.54 -7.41 35.38
C ARG D 14 -4.37 -8.68 35.50
N HIS D 15 -5.66 -8.51 35.81
CA HIS D 15 -6.61 -9.63 35.93
C HIS D 15 -6.72 -10.41 34.62
N ALA D 16 -6.86 -9.70 33.50
CA ALA D 16 -6.96 -10.35 32.18
C ALA D 16 -5.68 -11.10 31.82
N GLN D 17 -4.53 -10.49 32.08
CA GLN D 17 -3.23 -11.13 31.85
C GLN D 17 -3.09 -12.41 32.68
N ALA D 18 -3.42 -12.33 33.97
CA ALA D 18 -3.32 -13.48 34.86
C ALA D 18 -4.22 -14.63 34.40
N PHE D 19 -5.45 -14.29 34.01
CA PHE D 19 -6.38 -15.31 33.56
C PHE D 19 -5.89 -15.98 32.27
N ALA D 20 -5.48 -15.16 31.31
CA ALA D 20 -4.95 -15.66 30.04
C ALA D 20 -3.73 -16.57 30.22
N ASN D 21 -2.79 -16.14 31.07
CA ASN D 21 -1.56 -16.89 31.35
C ASN D 21 -1.79 -18.19 32.15
N THR D 22 -2.51 -18.08 33.27
CA THR D 22 -2.76 -19.24 34.12
C THR D 22 -3.83 -20.18 33.57
N VAL D 23 -4.84 -19.64 32.90
CA VAL D 23 -5.92 -20.51 32.40
C VAL D 23 -5.87 -20.76 30.91
N LEU D 24 -5.90 -19.70 30.10
CA LEU D 24 -6.07 -19.86 28.65
C LEU D 24 -4.92 -20.58 27.96
N THR D 25 -3.73 -20.53 28.56
CA THR D 25 -2.56 -21.20 27.99
C THR D 25 -2.66 -22.73 28.00
N LYS D 26 -3.50 -23.27 28.91
CA LYS D 26 -3.73 -24.71 28.99
C LYS D 26 -4.76 -25.23 27.99
N ALA D 27 -5.45 -24.32 27.30
CA ALA D 27 -6.55 -24.70 26.39
C ALA D 27 -6.14 -25.55 25.19
N SER D 28 -5.04 -25.14 24.55
CA SER D 28 -4.56 -25.79 23.33
C SER D 28 -4.35 -27.30 23.48
N ALA D 29 -3.80 -27.72 24.63
CA ALA D 29 -3.52 -29.13 24.88
C ALA D 29 -4.79 -29.96 24.87
N GLU D 30 -5.92 -29.33 25.23
CA GLU D 30 -7.24 -29.97 25.19
C GLU D 30 -7.93 -29.91 23.83
N TYR D 31 -8.02 -28.74 23.21
CA TYR D 31 -8.72 -28.65 21.93
C TYR D 31 -7.96 -29.21 20.72
N SER D 32 -6.63 -29.23 20.79
CA SER D 32 -5.80 -29.60 19.62
C SER D 32 -5.95 -31.06 19.21
N THR D 33 -6.30 -31.90 20.18
CA THR D 33 -6.48 -33.33 19.97
C THR D 33 -7.84 -33.69 19.35
N GLN D 34 -8.74 -32.70 19.25
CA GLN D 34 -10.11 -32.94 18.75
C GLN D 34 -10.19 -32.86 17.23
N LYS D 35 -11.12 -33.61 16.63
CA LYS D 35 -11.13 -33.86 15.19
C LYS D 35 -11.99 -32.92 14.33
N ASP D 36 -12.85 -32.14 14.97
CA ASP D 36 -13.69 -31.20 14.22
C ASP D 36 -14.06 -29.95 15.03
N GLN D 37 -14.64 -28.96 14.35
CA GLN D 37 -14.99 -27.67 14.95
C GLN D 37 -15.81 -27.76 16.24
N LEU D 38 -16.93 -28.48 16.23
CA LEU D 38 -17.73 -28.65 17.46
C LEU D 38 -16.97 -29.26 18.62
N SER D 39 -16.24 -30.36 18.35
CA SER D 39 -15.44 -31.03 19.38
C SER D 39 -14.40 -30.12 20.00
N ARG D 40 -13.75 -29.30 19.17
CA ARG D 40 -12.82 -28.30 19.66
C ARG D 40 -13.53 -27.27 20.55
N PHE D 41 -14.70 -26.81 20.11
CA PHE D 41 -15.50 -25.90 20.89
C PHE D 41 -15.87 -26.50 22.25
N GLN D 42 -16.39 -27.73 22.25
CA GLN D 42 -16.78 -28.41 23.48
C GLN D 42 -15.60 -28.63 24.42
N ALA D 43 -14.39 -28.76 23.86
CA ALA D 43 -13.17 -28.88 24.67
C ALA D 43 -12.84 -27.60 25.42
N THR D 44 -13.31 -26.46 24.92
CA THR D 44 -13.09 -25.16 25.58
C THR D 44 -14.04 -24.93 26.77
N ARG D 45 -15.09 -25.76 26.90
CA ARG D 45 -16.07 -25.57 27.98
C ARG D 45 -15.45 -25.36 29.37
N PRO D 46 -14.51 -26.23 29.81
CA PRO D 46 -13.93 -25.95 31.12
C PRO D 46 -13.26 -24.58 31.24
N PHE D 47 -12.80 -24.02 30.12
CA PHE D 47 -12.07 -22.75 30.17
C PHE D 47 -13.02 -21.56 30.26
N TYR D 48 -14.17 -21.68 29.58
CA TYR D 48 -15.26 -20.71 29.70
C TYR D 48 -15.82 -20.70 31.12
N ARG D 49 -15.99 -21.89 31.69
CA ARG D 49 -16.40 -22.05 33.10
C ARG D 49 -15.48 -21.25 34.02
N GLU D 50 -14.18 -21.34 33.76
CA GLU D 50 -13.18 -20.56 34.51
C GLU D 50 -13.30 -19.07 34.27
N ALA D 51 -13.65 -18.68 33.03
CA ALA D 51 -13.93 -17.27 32.71
C ALA D 51 -15.11 -16.75 33.53
N VAL D 52 -16.18 -17.53 33.63
CA VAL D 52 -17.36 -17.20 34.44
C VAL D 52 -16.95 -17.04 35.90
N ARG D 53 -16.18 -18.02 36.40
CA ARG D 53 -15.66 -18.02 37.76
C ARG D 53 -14.77 -16.80 38.04
N HIS D 54 -14.05 -16.35 37.00
CA HIS D 54 -13.21 -15.15 37.10
C HIS D 54 -14.02 -13.86 36.90
N GLY D 55 -15.34 -14.00 36.79
CA GLY D 55 -16.25 -12.84 36.66
C GLY D 55 -16.32 -12.18 35.30
N LEU D 56 -15.82 -12.86 34.27
CA LEU D 56 -15.61 -12.21 32.96
C LEU D 56 -16.86 -12.12 32.10
N ILE D 57 -17.82 -13.02 32.34
CA ILE D 57 -19.12 -12.97 31.70
C ILE D 57 -20.00 -11.90 32.35
N LYS D 58 -19.93 -11.79 33.68
CA LYS D 58 -20.67 -10.77 34.41
C LYS D 58 -20.18 -9.36 34.01
N ALA D 59 -18.90 -9.29 33.64
CA ALA D 59 -18.24 -8.05 33.18
C ALA D 59 -18.66 -7.61 31.75
N GLN D 60 -19.51 -8.41 31.11
CA GLN D 60 -20.10 -8.11 29.79
C GLN D 60 -21.46 -7.42 29.89
N VAL D 61 -21.90 -7.14 31.13
CA VAL D 61 -23.20 -6.52 31.39
C VAL D 61 -22.94 -5.28 32.26
N PRO D 62 -23.58 -4.15 31.95
CA PRO D 62 -23.42 -2.91 32.73
C PRO D 62 -23.81 -3.03 34.20
N ILE D 63 -23.15 -2.24 35.05
CA ILE D 63 -23.45 -2.22 36.49
C ILE D 63 -24.94 -1.93 36.74
N PRO D 64 -25.53 -0.92 36.06
CA PRO D 64 -26.97 -0.71 36.28
C PRO D 64 -27.86 -1.93 36.06
N LEU D 65 -27.39 -2.90 35.28
CA LEU D 65 -28.17 -4.09 34.99
C LEU D 65 -27.75 -5.30 35.84
N GLY D 66 -26.95 -5.05 36.87
CA GLY D 66 -26.49 -6.10 37.78
C GLY D 66 -25.16 -6.73 37.40
N GLY D 67 -24.57 -6.25 36.30
CA GLY D 67 -23.25 -6.73 35.86
C GLY D 67 -22.09 -6.01 36.51
N THR D 68 -20.90 -6.19 35.94
CA THR D 68 -19.71 -5.57 36.50
C THR D 68 -18.90 -4.77 35.48
N MET D 69 -19.40 -4.62 34.26
CA MET D 69 -18.68 -3.83 33.25
C MET D 69 -18.42 -2.41 33.74
N GLU D 70 -17.15 -2.05 33.85
CA GLU D 70 -16.77 -0.72 34.37
C GLU D 70 -16.80 0.40 33.33
N SER D 71 -16.39 0.06 32.10
CA SER D 71 -16.49 0.94 30.94
C SER D 71 -16.00 0.17 29.73
N LEU D 72 -16.19 0.76 28.55
CA LEU D 72 -15.79 0.10 27.31
C LEU D 72 -14.28 0.11 27.08
N VAL D 73 -13.58 1.05 27.73
CA VAL D 73 -12.12 1.09 27.70
C VAL D 73 -11.58 -0.07 28.51
N HIS D 74 -12.14 -0.31 29.71
CA HIS D 74 -11.78 -1.49 30.51
C HIS D 74 -11.98 -2.72 29.64
N GLU D 75 -13.14 -2.81 29.00
CA GLU D 75 -13.47 -3.91 28.08
C GLU D 75 -12.42 -4.06 26.98
N SER D 76 -12.03 -2.96 26.36
CA SER D 76 -11.06 -2.98 25.26
C SER D 76 -9.71 -3.49 25.74
N ILE D 77 -9.35 -3.14 26.98
CA ILE D 77 -8.07 -3.53 27.57
C ILE D 77 -8.08 -5.04 27.85
N ILE D 78 -9.18 -5.52 28.40
CA ILE D 78 -9.37 -6.93 28.72
C ILE D 78 -9.26 -7.80 27.47
N LEU D 79 -9.95 -7.40 26.41
CA LEU D 79 -9.96 -8.14 25.15
C LEU D 79 -8.62 -8.17 24.42
N GLU D 80 -7.88 -7.06 24.46
CA GLU D 80 -6.54 -7.02 23.87
C GLU D 80 -5.64 -8.06 24.55
N GLU D 81 -5.63 -8.05 25.89
CA GLU D 81 -4.77 -8.95 26.66
C GLU D 81 -5.13 -10.41 26.42
N LEU D 82 -6.43 -10.67 26.31
CA LEU D 82 -6.96 -12.01 26.09
C LEU D 82 -6.55 -12.56 24.73
N PHE D 83 -6.78 -11.76 23.68
CA PHE D 83 -6.52 -12.15 22.31
C PHE D 83 -5.03 -12.16 21.93
N ALA D 84 -4.20 -11.46 22.70
CA ALA D 84 -2.75 -11.55 22.57
C ALA D 84 -2.18 -12.92 23.03
N VAL D 85 -3.00 -13.69 23.74
CA VAL D 85 -2.59 -15.02 24.22
C VAL D 85 -3.34 -16.16 23.51
N GLU D 86 -4.66 -16.12 23.51
CA GLU D 86 -5.46 -17.24 23.07
C GLU D 86 -6.90 -16.77 22.82
N PRO D 87 -7.28 -16.62 21.54
CA PRO D 87 -8.66 -16.32 21.19
C PRO D 87 -9.69 -17.43 21.51
N ALA D 88 -9.26 -18.68 21.71
CA ALA D 88 -10.18 -19.74 22.17
C ALA D 88 -10.76 -19.28 23.51
N THR D 89 -12.05 -19.50 23.71
CA THR D 89 -12.80 -19.00 24.91
C THR D 89 -12.95 -17.47 24.91
N SER D 90 -11.84 -16.73 24.77
CA SER D 90 -11.92 -15.28 24.56
C SER D 90 -13.01 -14.89 23.55
N ILE D 91 -13.02 -15.57 22.42
CA ILE D 91 -14.04 -15.37 21.37
C ILE D 91 -15.46 -15.66 21.87
N THR D 92 -15.59 -16.68 22.72
CA THR D 92 -16.86 -17.07 23.29
C THR D 92 -17.41 -15.98 24.24
N ILE D 93 -16.50 -15.33 24.97
CA ILE D 93 -16.89 -14.27 25.92
C ILE D 93 -17.49 -13.07 25.18
N VAL D 94 -16.79 -12.62 24.15
CA VAL D 94 -17.20 -11.44 23.40
C VAL D 94 -18.39 -11.71 22.47
N ALA D 95 -18.51 -12.94 21.99
CA ALA D 95 -19.67 -13.35 21.17
C ALA D 95 -20.93 -13.39 22.03
N THR D 96 -20.77 -13.83 23.28
CA THR D 96 -21.84 -13.77 24.28
C THR D 96 -22.21 -12.30 24.57
N ALA D 97 -21.21 -11.46 24.81
CA ALA D 97 -21.43 -10.02 25.01
C ALA D 97 -22.32 -9.43 23.92
N LEU D 98 -22.03 -9.75 22.66
CA LEU D 98 -22.79 -9.28 21.50
C LEU D 98 -24.22 -9.80 21.57
N GLY D 99 -24.33 -11.09 21.90
CA GLY D 99 -25.63 -11.74 21.98
C GLY D 99 -26.50 -11.16 23.08
N LEU D 100 -25.87 -10.60 24.12
CA LEU D 100 -26.60 -9.93 25.22
C LEU D 100 -26.98 -8.48 24.90
N MET D 101 -26.27 -7.88 23.95
N MET D 101 -26.26 -7.86 23.97
CA MET D 101 -26.39 -6.45 23.67
CA MET D 101 -26.41 -6.43 23.70
C MET D 101 -27.81 -5.94 23.36
C MET D 101 -27.83 -5.94 23.39
N PRO D 102 -28.56 -6.63 22.50
CA PRO D 102 -29.94 -6.19 22.23
C PRO D 102 -30.87 -6.14 23.45
N VAL D 103 -30.71 -7.08 24.39
CA VAL D 103 -31.45 -7.04 25.65
C VAL D 103 -30.94 -5.92 26.55
N ILE D 104 -29.61 -5.76 26.60
CA ILE D 104 -28.96 -4.70 27.37
C ILE D 104 -29.43 -3.31 26.93
N LEU D 105 -29.61 -3.16 25.61
CA LEU D 105 -29.87 -1.87 24.97
C LEU D 105 -31.36 -1.50 24.85
N CYS D 106 -32.24 -2.51 24.90
CA CYS D 106 -33.67 -2.27 24.87
C CYS D 106 -34.05 -1.48 26.13
N ASP D 107 -35.25 -0.96 26.20
CA ASP D 107 -35.61 -0.22 27.40
C ASP D 107 -36.77 -0.91 28.11
N SER D 108 -36.57 -2.21 28.34
CA SER D 108 -37.60 -3.09 28.88
C SER D 108 -37.09 -3.81 30.13
N PRO D 109 -37.22 -3.16 31.29
CA PRO D 109 -36.74 -3.67 32.59
C PRO D 109 -37.16 -5.13 32.88
N SER D 110 -38.36 -5.52 32.45
CA SER D 110 -38.80 -6.89 32.69
C SER D 110 -38.00 -7.90 31.85
N LEU D 111 -37.77 -7.58 30.58
CA LEU D 111 -36.95 -8.41 29.71
C LEU D 111 -35.50 -8.54 30.21
N GLN D 112 -34.91 -7.40 30.59
CA GLN D 112 -33.58 -7.36 31.16
C GLN D 112 -33.43 -8.22 32.42
N GLU D 113 -34.34 -8.06 33.38
CA GLU D 113 -34.34 -8.83 34.63
C GLU D 113 -34.36 -10.32 34.32
N LYS D 114 -35.37 -10.71 33.54
CA LYS D 114 -35.64 -12.11 33.21
C LYS D 114 -34.49 -12.77 32.43
N PHE D 115 -34.06 -12.15 31.34
CA PHE D 115 -33.13 -12.80 30.41
C PHE D 115 -31.62 -12.59 30.67
N LEU D 116 -31.24 -11.61 31.47
CA LEU D 116 -29.82 -11.41 31.77
C LEU D 116 -29.40 -12.15 33.04
N LYS D 117 -30.37 -12.66 33.78
CA LYS D 117 -30.11 -13.26 35.09
C LYS D 117 -29.02 -14.36 35.11
N PRO D 118 -29.06 -15.31 34.15
CA PRO D 118 -28.02 -16.36 34.14
C PRO D 118 -26.61 -15.82 33.98
N PHE D 119 -26.48 -14.68 33.29
CA PHE D 119 -25.18 -14.14 32.91
C PHE D 119 -24.53 -13.29 34.00
N ILE D 120 -25.33 -12.90 34.99
CA ILE D 120 -24.79 -12.12 36.09
C ILE D 120 -24.68 -12.94 37.37
N SER D 121 -25.01 -14.24 37.27
CA SER D 121 -24.97 -15.13 38.43
C SER D 121 -23.55 -15.54 38.87
N GLY D 122 -22.63 -15.66 37.91
CA GLY D 122 -21.29 -16.17 38.20
C GLY D 122 -21.24 -17.69 38.31
N GLU D 123 -22.26 -18.34 37.77
CA GLU D 123 -22.44 -19.78 37.82
C GLU D 123 -22.65 -20.35 36.43
N GLY D 124 -22.31 -21.64 36.26
CA GLY D 124 -22.48 -22.33 34.99
C GLY D 124 -21.63 -21.80 33.84
N GLU D 125 -22.05 -22.11 32.61
CA GLU D 125 -21.37 -21.69 31.39
C GLU D 125 -22.40 -21.18 30.38
N PRO D 126 -23.14 -20.10 30.73
CA PRO D 126 -24.24 -19.72 29.85
C PRO D 126 -23.75 -18.97 28.61
N LEU D 127 -24.36 -19.27 27.47
CA LEU D 127 -24.01 -18.69 26.17
C LEU D 127 -25.13 -17.85 25.60
N ALA D 128 -24.77 -16.70 25.04
CA ALA D 128 -25.69 -15.88 24.27
C ALA D 128 -25.22 -15.80 22.82
N SER D 129 -26.17 -15.57 21.91
CA SER D 129 -25.89 -15.42 20.49
C SER D 129 -26.86 -14.44 19.87
N LEU D 130 -26.33 -13.55 19.03
CA LEU D 130 -27.11 -12.67 18.15
C LEU D 130 -27.18 -13.33 16.77
N MET D 131 -28.33 -13.90 16.47
CA MET D 131 -28.53 -14.66 15.25
C MET D 131 -29.05 -13.78 14.12
N HIS D 132 -28.11 -13.18 13.39
CA HIS D 132 -28.48 -12.29 12.30
C HIS D 132 -28.09 -12.87 10.94
N SER D 133 -26.83 -13.29 10.83
CA SER D 133 -26.22 -13.81 9.59
C SER D 133 -26.92 -15.02 8.98
N GLU D 134 -26.90 -15.11 7.66
CA GLU D 134 -27.65 -16.11 6.91
C GLU D 134 -26.82 -16.71 5.76
N PRO D 135 -27.20 -17.91 5.29
CA PRO D 135 -26.53 -18.57 4.15
C PRO D 135 -26.40 -17.69 2.89
N ASN D 136 -27.44 -16.91 2.57
CA ASN D 136 -27.45 -16.09 1.34
C ASN D 136 -26.77 -14.72 1.53
N GLY D 137 -26.28 -14.44 2.75
CA GLY D 137 -25.62 -13.18 3.05
C GLY D 137 -26.52 -12.17 3.75
N THR D 138 -25.91 -11.08 4.25
CA THR D 138 -26.66 -10.03 4.96
C THR D 138 -26.24 -8.59 4.63
N ALA D 139 -25.22 -8.40 3.79
CA ALA D 139 -24.76 -7.07 3.41
C ALA D 139 -25.88 -6.19 2.84
N ASN D 140 -26.90 -6.84 2.29
CA ASN D 140 -27.99 -6.15 1.60
C ASN D 140 -29.33 -6.32 2.30
N TRP D 141 -29.28 -6.75 3.57
CA TRP D 141 -30.52 -7.06 4.33
C TRP D 141 -31.52 -5.90 4.39
N LEU D 142 -31.01 -4.68 4.30
CA LEU D 142 -31.87 -3.50 4.34
C LEU D 142 -32.08 -2.84 2.97
N GLN D 143 -31.60 -3.49 1.92
CA GLN D 143 -31.82 -2.97 0.57
C GLN D 143 -33.32 -2.99 0.21
N LYS D 144 -33.86 -1.80 -0.04
CA LYS D 144 -35.22 -1.63 -0.55
C LYS D 144 -35.28 -2.17 -1.98
N GLY D 145 -36.22 -3.08 -2.22
CA GLY D 145 -36.34 -3.74 -3.52
C GLY D 145 -35.74 -5.15 -3.54
N GLY D 146 -34.99 -5.49 -2.49
CA GLY D 146 -34.29 -6.77 -2.44
C GLY D 146 -35.03 -7.84 -1.67
N PRO D 147 -34.55 -9.08 -1.72
CA PRO D 147 -35.22 -10.17 -1.01
C PRO D 147 -35.30 -10.01 0.51
N GLY D 148 -34.33 -9.33 1.11
CA GLY D 148 -34.26 -9.14 2.57
C GLY D 148 -33.92 -10.42 3.31
N LEU D 149 -33.97 -10.38 4.64
CA LEU D 149 -33.67 -11.58 5.43
C LEU D 149 -34.55 -12.76 5.02
N GLN D 150 -33.97 -13.96 5.07
CA GLN D 150 -34.74 -15.14 4.68
C GLN D 150 -35.24 -15.93 5.88
N THR D 151 -34.89 -15.47 7.07
CA THR D 151 -35.53 -15.92 8.30
C THR D 151 -36.67 -14.93 8.55
N THR D 152 -37.90 -15.44 8.53
CA THR D 152 -39.07 -14.59 8.66
C THR D 152 -39.85 -14.97 9.91
N ALA D 153 -40.70 -14.05 10.37
CA ALA D 153 -41.63 -14.31 11.46
C ALA D 153 -43.02 -13.78 11.10
N ARG D 154 -44.04 -14.48 11.58
CA ARG D 154 -45.42 -14.03 11.43
C ARG D 154 -46.13 -14.28 12.76
N LYS D 155 -47.10 -13.43 13.07
CA LYS D 155 -47.85 -13.61 14.31
C LYS D 155 -49.06 -14.50 14.08
N VAL D 156 -49.17 -15.55 14.90
CA VAL D 156 -50.30 -16.47 14.88
C VAL D 156 -50.86 -16.56 16.30
N GLY D 157 -51.97 -15.86 16.53
CA GLY D 157 -52.53 -15.74 17.87
C GLY D 157 -51.62 -14.95 18.80
N ASN D 158 -51.30 -15.54 19.94
CA ASN D 158 -50.43 -14.92 20.93
C ASN D 158 -48.99 -15.45 20.83
N GLU D 159 -48.64 -15.92 19.63
CA GLU D 159 -47.31 -16.46 19.36
C GLU D 159 -46.75 -15.95 18.03
N TRP D 160 -45.43 -16.04 17.89
CA TRP D 160 -44.77 -15.80 16.62
C TRP D 160 -44.18 -17.11 16.10
N VAL D 161 -44.27 -17.29 14.79
CA VAL D 161 -43.77 -18.49 14.13
C VAL D 161 -42.60 -18.09 13.22
N ILE D 162 -41.43 -18.65 13.49
CA ILE D 162 -40.21 -18.34 12.72
C ILE D 162 -39.96 -19.42 11.67
N SER D 163 -39.62 -18.97 10.46
CA SER D 163 -39.32 -19.83 9.34
C SER D 163 -38.02 -19.38 8.65
N GLY D 164 -37.06 -20.29 8.47
CA GLY D 164 -35.80 -19.96 7.78
C GLY D 164 -34.47 -20.35 8.45
N GLU D 165 -33.37 -20.02 7.77
CA GLU D 165 -32.01 -20.47 8.17
C GLU D 165 -31.06 -19.34 8.58
N LYS D 166 -30.30 -19.58 9.65
CA LYS D 166 -29.15 -18.75 10.02
C LYS D 166 -27.83 -19.52 9.81
N LEU D 167 -26.76 -18.80 9.54
CA LEU D 167 -25.42 -19.34 9.35
C LEU D 167 -24.44 -18.33 9.96
N TRP D 168 -23.47 -18.82 10.75
CA TRP D 168 -22.34 -18.03 11.35
C TRP D 168 -22.48 -17.51 12.79
N PRO D 169 -23.73 -17.33 13.31
CA PRO D 169 -23.81 -16.74 14.64
C PRO D 169 -23.16 -17.56 15.76
N SER D 170 -22.20 -16.95 16.44
CA SER D 170 -21.41 -17.61 17.46
C SER D 170 -22.27 -18.12 18.60
N ASN D 171 -21.90 -19.29 19.10
CA ASN D 171 -22.56 -19.89 20.27
C ASN D 171 -24.02 -20.29 20.05
N SER D 172 -24.55 -20.08 18.84
CA SER D 172 -25.99 -20.11 18.62
C SER D 172 -26.71 -21.41 19.02
N GLY D 173 -26.01 -22.55 18.90
CA GLY D 173 -26.59 -23.84 19.22
C GLY D 173 -26.22 -24.31 20.60
N GLY D 174 -25.59 -23.44 21.39
CA GLY D 174 -25.08 -23.82 22.71
C GLY D 174 -23.99 -24.90 22.64
N TRP D 175 -23.64 -25.45 23.80
CA TRP D 175 -22.56 -26.44 23.90
C TRP D 175 -22.92 -27.78 23.25
N ASP D 176 -24.23 -28.04 23.12
CA ASP D 176 -24.75 -29.38 22.81
C ASP D 176 -25.76 -29.40 21.67
N TYR D 177 -25.88 -28.28 20.94
CA TYR D 177 -26.85 -28.13 19.85
C TYR D 177 -28.33 -28.14 20.28
N LYS D 178 -28.57 -27.94 21.57
CA LYS D 178 -29.91 -27.74 22.07
C LYS D 178 -30.17 -26.27 22.37
N GLY D 179 -29.19 -25.43 22.01
CA GLY D 179 -29.40 -24.00 21.94
C GLY D 179 -28.57 -23.16 22.88
N ALA D 180 -28.28 -21.93 22.46
CA ALA D 180 -27.71 -20.95 23.36
C ALA D 180 -28.70 -20.73 24.50
N ASP D 181 -28.17 -20.38 25.67
CA ASP D 181 -29.01 -19.98 26.79
C ASP D 181 -29.88 -18.77 26.43
N LEU D 182 -29.36 -17.90 25.57
CA LEU D 182 -30.13 -16.81 24.98
C LEU D 182 -29.70 -16.52 23.54
N ALA D 183 -30.63 -16.64 22.61
CA ALA D 183 -30.41 -16.18 21.25
C ALA D 183 -31.36 -15.01 20.94
N CYS D 184 -30.84 -13.97 20.31
CA CYS D 184 -31.68 -12.90 19.80
C CYS D 184 -31.76 -13.15 18.30
N VAL D 185 -32.90 -13.69 17.86
CA VAL D 185 -33.06 -14.10 16.47
C VAL D 185 -33.67 -12.94 15.66
N VAL D 186 -32.96 -12.49 14.63
CA VAL D 186 -33.42 -11.34 13.84
C VAL D 186 -34.16 -11.80 12.59
N CYS D 187 -35.43 -11.38 12.47
CA CYS D 187 -36.33 -11.84 11.40
C CYS D 187 -36.90 -10.69 10.61
N ARG D 188 -37.33 -10.99 9.39
CA ARG D 188 -38.13 -10.07 8.62
C ARG D 188 -39.58 -10.50 8.82
N VAL D 189 -40.46 -9.54 9.13
CA VAL D 189 -41.88 -9.87 9.31
C VAL D 189 -42.49 -10.24 7.96
N SER D 190 -43.11 -11.41 7.90
CA SER D 190 -43.82 -11.87 6.70
C SER D 190 -44.97 -12.79 7.11
N ASP D 191 -46.20 -12.36 6.83
CA ASP D 191 -47.40 -13.16 7.09
C ASP D 191 -47.43 -14.38 6.17
N ASP D 192 -46.96 -14.18 4.93
CA ASP D 192 -46.84 -15.25 3.95
C ASP D 192 -45.39 -15.36 3.47
N PRO D 193 -44.61 -16.26 4.10
CA PRO D 193 -43.17 -16.40 3.84
C PRO D 193 -42.83 -16.88 2.42
N SER D 194 -43.77 -17.53 1.75
CA SER D 194 -43.54 -17.98 0.36
C SER D 194 -43.63 -16.84 -0.66
N LYS D 195 -44.04 -15.66 -0.20
CA LYS D 195 -44.09 -14.47 -1.06
C LYS D 195 -42.90 -13.53 -0.81
N PRO D 196 -42.45 -12.80 -1.85
CA PRO D 196 -41.30 -11.92 -1.77
C PRO D 196 -41.55 -10.65 -0.96
N GLN D 197 -40.51 -10.14 -0.31
CA GLN D 197 -40.62 -8.90 0.44
C GLN D 197 -41.21 -7.84 -0.48
N ASP D 198 -42.17 -7.09 0.06
CA ASP D 198 -42.80 -5.99 -0.67
C ASP D 198 -41.77 -4.94 -1.06
N PRO D 199 -41.54 -4.75 -2.36
CA PRO D 199 -40.52 -3.81 -2.86
C PRO D 199 -40.87 -2.33 -2.61
N ASN D 200 -42.06 -2.07 -2.07
CA ASN D 200 -42.51 -0.70 -1.84
C ASN D 200 -42.52 -0.34 -0.35
N VAL D 201 -42.20 -1.31 0.50
CA VAL D 201 -42.01 -1.02 1.91
C VAL D 201 -40.53 -1.09 2.32
N ASP D 202 -40.11 -0.10 3.10
CA ASP D 202 -38.77 -0.01 3.64
C ASP D 202 -38.47 -1.21 4.53
N PRO D 203 -37.44 -2.01 4.16
CA PRO D 203 -37.04 -3.20 4.90
C PRO D 203 -36.83 -2.99 6.40
N ALA D 204 -36.28 -1.85 6.78
CA ALA D 204 -36.03 -1.52 8.19
C ALA D 204 -37.32 -1.49 9.01
N THR D 205 -38.45 -1.24 8.35
CA THR D 205 -39.74 -1.22 9.04
C THR D 205 -40.32 -2.61 9.34
N GLN D 206 -39.70 -3.65 8.79
CA GLN D 206 -40.23 -5.02 8.94
C GLN D 206 -39.37 -5.94 9.80
N ILE D 207 -38.42 -5.35 10.53
CA ILE D 207 -37.51 -6.12 11.35
C ILE D 207 -38.08 -6.41 12.75
N ALA D 208 -38.04 -7.68 13.14
CA ALA D 208 -38.39 -8.15 14.48
C ALA D 208 -37.21 -8.91 15.06
N VAL D 209 -37.09 -8.90 16.39
CA VAL D 209 -36.08 -9.65 17.11
C VAL D 209 -36.82 -10.47 18.16
N LEU D 210 -36.73 -11.80 18.05
CA LEU D 210 -37.35 -12.70 19.03
C LEU D 210 -36.35 -13.43 19.91
N LEU D 211 -36.55 -13.34 21.22
CA LEU D 211 -35.71 -14.00 22.20
C LEU D 211 -36.04 -15.48 22.31
N VAL D 212 -35.05 -16.33 22.01
CA VAL D 212 -35.19 -17.78 22.03
C VAL D 212 -34.21 -18.37 23.05
N THR D 213 -34.74 -19.16 23.99
CA THR D 213 -33.90 -19.83 24.99
C THR D 213 -33.95 -21.34 24.77
N ARG D 214 -33.23 -22.11 25.59
CA ARG D 214 -33.25 -23.56 25.49
C ARG D 214 -34.66 -24.10 25.81
N GLU D 215 -35.30 -23.46 26.79
CA GLU D 215 -36.72 -23.71 27.09
C GLU D 215 -37.62 -23.58 25.86
N THR D 216 -37.47 -22.48 25.10
CA THR D 216 -38.23 -22.26 23.85
C THR D 216 -38.04 -23.38 22.82
N ILE D 217 -36.82 -23.89 22.72
CA ILE D 217 -36.51 -24.99 21.79
C ILE D 217 -37.09 -26.32 22.29
N ALA D 218 -36.99 -26.55 23.60
CA ALA D 218 -37.59 -27.73 24.25
C ALA D 218 -39.12 -27.78 24.10
N ASN D 219 -39.77 -26.62 24.22
CA ASN D 219 -41.22 -26.51 24.06
C ASN D 219 -41.70 -26.60 22.60
N ASN D 220 -40.78 -26.94 21.71
CA ASN D 220 -41.07 -27.08 20.29
C ASN D 220 -40.79 -28.50 19.81
N LYS D 221 -41.41 -28.87 18.69
CA LYS D 221 -41.13 -30.14 18.00
C LYS D 221 -39.64 -30.21 17.66
N LYS D 222 -39.07 -31.41 17.78
CA LYS D 222 -37.65 -31.62 17.52
C LYS D 222 -37.20 -31.16 16.15
N ASP D 223 -38.05 -31.36 15.14
CA ASP D 223 -37.70 -31.01 13.76
C ASP D 223 -37.92 -29.53 13.41
N ALA D 224 -38.32 -28.74 14.41
CA ALA D 224 -38.59 -27.32 14.20
C ALA D 224 -37.32 -26.48 14.31
N TYR D 225 -36.28 -27.08 14.88
CA TYR D 225 -35.00 -26.44 15.12
C TYR D 225 -33.97 -27.51 14.83
N GLN D 226 -33.33 -27.40 13.67
CA GLN D 226 -32.27 -28.33 13.28
C GLN D 226 -30.95 -27.62 12.98
N ILE D 227 -29.88 -28.20 13.53
CA ILE D 227 -28.52 -27.81 13.17
C ILE D 227 -28.09 -28.63 11.96
N LEU D 228 -27.97 -27.96 10.81
CA LEU D 228 -27.67 -28.63 9.56
C LEU D 228 -26.18 -28.79 9.30
N GLY D 229 -25.37 -27.97 9.96
CA GLY D 229 -23.93 -27.89 9.67
C GLY D 229 -23.13 -27.07 10.66
N GLU D 230 -21.80 -27.23 10.59
CA GLU D 230 -20.87 -26.49 11.44
C GLU D 230 -19.64 -26.19 10.58
N PRO D 231 -19.53 -24.95 10.07
CA PRO D 231 -18.39 -24.59 9.22
C PRO D 231 -17.04 -24.88 9.87
N GLU D 232 -16.13 -25.48 9.10
CA GLU D 232 -14.74 -25.64 9.49
C GLU D 232 -14.01 -24.37 9.04
N LEU D 233 -13.53 -23.57 10.01
CA LEU D 233 -12.99 -22.24 9.73
C LEU D 233 -11.47 -22.28 9.56
N ALA D 234 -10.93 -21.33 8.80
CA ALA D 234 -9.48 -21.23 8.61
C ALA D 234 -8.74 -20.98 9.93
N GLY D 235 -9.28 -20.11 10.79
CA GLY D 235 -8.75 -19.88 12.14
C GLY D 235 -9.90 -19.68 13.12
N HIS D 236 -9.60 -19.42 14.39
CA HIS D 236 -10.62 -19.47 15.46
C HIS D 236 -11.34 -20.82 15.37
N ILE D 237 -10.53 -21.88 15.34
CA ILE D 237 -11.00 -23.24 15.03
C ILE D 237 -11.81 -23.85 16.18
N THR D 238 -11.83 -23.19 17.34
CA THR D 238 -12.53 -23.68 18.52
C THR D 238 -13.87 -22.97 18.75
N THR D 239 -14.30 -22.14 17.82
CA THR D 239 -15.57 -21.48 18.00
C THR D 239 -16.66 -22.31 17.35
N SER D 240 -17.91 -22.07 17.76
CA SER D 240 -19.02 -22.68 17.07
C SER D 240 -19.90 -21.57 16.54
N GLY D 241 -20.39 -21.75 15.32
CA GLY D 241 -21.29 -20.80 14.67
C GLY D 241 -22.08 -21.52 13.57
N PRO D 242 -23.01 -22.40 13.95
CA PRO D 242 -23.62 -23.36 13.05
C PRO D 242 -24.59 -22.81 12.01
N HIS D 243 -25.04 -23.72 11.15
CA HIS D 243 -26.10 -23.51 10.17
C HIS D 243 -27.37 -24.07 10.81
N THR D 244 -28.33 -23.18 11.12
CA THR D 244 -29.53 -23.56 11.86
C THR D 244 -30.75 -23.36 10.98
N ARG D 245 -31.70 -24.28 11.05
CA ARG D 245 -32.95 -24.11 10.32
C ARG D 245 -34.15 -24.08 11.28
N PHE D 246 -34.94 -23.01 11.16
CA PHE D 246 -36.22 -22.90 11.86
C PHE D 246 -37.32 -23.31 10.91
N THR D 247 -38.16 -24.22 11.37
CA THR D 247 -39.34 -24.64 10.60
C THR D 247 -40.53 -24.62 11.55
N GLU D 248 -41.41 -23.63 11.35
CA GLU D 248 -42.63 -23.48 12.17
C GLU D 248 -42.24 -23.48 13.65
N PHE D 249 -41.24 -22.67 13.97
CA PHE D 249 -40.72 -22.58 15.31
C PHE D 249 -41.48 -21.49 16.05
N HIS D 250 -42.20 -21.91 17.10
CA HIS D 250 -43.16 -21.07 17.83
C HIS D 250 -42.49 -20.35 19.00
N VAL D 251 -42.70 -19.04 19.09
CA VAL D 251 -42.14 -18.23 20.16
C VAL D 251 -43.26 -17.41 20.84
N PRO D 252 -43.29 -17.40 22.19
CA PRO D 252 -44.27 -16.54 22.88
C PRO D 252 -44.12 -15.06 22.53
N HIS D 253 -45.24 -14.37 22.38
CA HIS D 253 -45.25 -12.94 22.12
C HIS D 253 -44.47 -12.18 23.19
N GLU D 254 -44.45 -12.70 24.41
CA GLU D 254 -43.74 -12.06 25.52
C GLU D 254 -42.22 -12.01 25.32
N ASN D 255 -41.74 -12.83 24.38
CA ASN D 255 -40.32 -12.95 24.05
C ASN D 255 -39.88 -12.01 22.93
N LEU D 256 -40.84 -11.26 22.37
CA LEU D 256 -40.57 -10.23 21.36
C LEU D 256 -39.90 -9.06 22.04
N LEU D 257 -38.69 -8.74 21.57
CA LEU D 257 -37.80 -7.81 22.25
C LEU D 257 -38.32 -6.38 22.29
N CYS D 258 -38.95 -5.98 21.18
CA CYS D 258 -39.61 -4.69 21.08
C CYS D 258 -40.57 -4.74 19.92
N THR D 259 -41.29 -3.64 19.70
CA THR D 259 -42.19 -3.56 18.55
C THR D 259 -41.40 -3.65 17.23
N PRO D 260 -41.82 -4.56 16.34
CA PRO D 260 -41.23 -4.66 15.01
C PRO D 260 -41.11 -3.31 14.30
N GLY D 261 -40.01 -3.13 13.56
CA GLY D 261 -39.79 -1.92 12.81
C GLY D 261 -38.47 -1.26 13.10
N LEU D 262 -38.44 0.06 12.93
CA LEU D 262 -37.20 0.85 13.00
C LEU D 262 -36.48 0.70 14.33
N LYS D 263 -37.24 0.44 15.39
CA LYS D 263 -36.66 0.29 16.71
C LYS D 263 -35.93 -1.01 16.87
N ALA D 264 -36.50 -2.09 16.32
CA ALA D 264 -35.85 -3.39 16.28
C ALA D 264 -34.53 -3.31 15.49
N GLN D 265 -34.61 -2.79 14.26
CA GLN D 265 -33.43 -2.52 13.43
C GLN D 265 -32.38 -1.73 14.20
N GLY D 266 -32.80 -0.65 14.86
CA GLY D 266 -31.90 0.20 15.63
C GLY D 266 -31.16 -0.54 16.72
N LEU D 267 -31.84 -1.46 17.40
CA LEU D 267 -31.21 -2.27 18.45
C LEU D 267 -30.09 -3.15 17.85
N VAL D 268 -30.36 -3.70 16.68
CA VAL D 268 -29.39 -4.51 15.93
C VAL D 268 -28.21 -3.66 15.46
N GLU D 269 -28.52 -2.50 14.90
CA GLU D 269 -27.50 -1.57 14.43
C GLU D 269 -26.58 -1.13 15.57
N THR D 270 -27.17 -0.82 16.73
CA THR D 270 -26.43 -0.30 17.86
C THR D 270 -25.52 -1.38 18.44
N ALA D 271 -26.07 -2.59 18.60
CA ALA D 271 -25.28 -3.73 19.04
C ALA D 271 -24.04 -3.98 18.15
N PHE D 272 -24.27 -4.03 16.84
CA PHE D 272 -23.21 -4.28 15.87
C PHE D 272 -22.22 -3.13 15.71
N ALA D 273 -22.63 -1.90 16.01
CA ALA D 273 -21.70 -0.76 16.00
C ALA D 273 -20.79 -0.79 17.21
N MET D 274 -21.34 -1.18 18.35
CA MET D 274 -20.56 -1.38 19.56
C MET D 274 -19.51 -2.47 19.37
N SER D 275 -19.92 -3.57 18.74
CA SER D 275 -19.00 -4.66 18.41
C SER D 275 -17.96 -4.23 17.37
N ALA D 276 -18.36 -3.37 16.43
CA ALA D 276 -17.46 -2.82 15.41
C ALA D 276 -16.25 -2.13 16.02
N ALA D 277 -16.49 -1.34 17.07
CA ALA D 277 -15.40 -0.71 17.81
C ALA D 277 -14.57 -1.72 18.63
N LEU D 278 -15.23 -2.68 19.26
CA LEU D 278 -14.52 -3.57 20.21
C LEU D 278 -13.66 -4.60 19.49
N VAL D 279 -14.09 -4.97 18.29
CA VAL D 279 -13.33 -5.87 17.43
C VAL D 279 -11.90 -5.38 17.19
N GLY D 280 -11.71 -4.07 17.13
CA GLY D 280 -10.36 -3.49 17.05
C GLY D 280 -9.42 -4.00 18.12
N ALA D 281 -9.92 -4.20 19.35
CA ALA D 281 -9.08 -4.66 20.47
C ALA D 281 -8.64 -6.11 20.26
N MET D 282 -9.53 -6.90 19.68
CA MET D 282 -9.26 -8.29 19.33
C MET D 282 -8.17 -8.37 18.26
N ALA D 283 -8.32 -7.56 17.21
CA ALA D 283 -7.34 -7.50 16.13
C ALA D 283 -5.96 -7.04 16.60
N ILE D 284 -5.92 -5.99 17.42
CA ILE D 284 -4.68 -5.56 18.08
C ILE D 284 -4.05 -6.67 18.91
N GLY D 285 -4.89 -7.41 19.65
CA GLY D 285 -4.36 -8.50 20.49
C GLY D 285 -3.62 -9.50 19.60
N THR D 286 -4.26 -9.91 18.51
CA THR D 286 -3.66 -10.90 17.59
C THR D 286 -2.40 -10.35 16.94
N ALA D 287 -2.50 -9.12 16.41
CA ALA D 287 -1.37 -8.51 15.69
C ALA D 287 -0.23 -8.22 16.66
N ARG D 288 -0.55 -7.82 17.89
CA ARG D 288 0.48 -7.58 18.92
C ARG D 288 1.28 -8.83 19.27
N ALA D 289 0.59 -9.97 19.36
CA ALA D 289 1.24 -11.25 19.60
C ALA D 289 2.28 -11.48 18.49
N ALA D 290 1.89 -11.18 17.25
CA ALA D 290 2.75 -11.35 16.09
C ALA D 290 3.97 -10.43 16.16
N PHE D 291 3.69 -9.14 16.36
CA PHE D 291 4.73 -8.14 16.48
C PHE D 291 5.71 -8.48 17.61
N GLU D 292 5.17 -8.83 18.79
CA GLU D 292 6.03 -9.15 19.94
C GLU D 292 6.89 -10.38 19.70
N GLU D 293 6.34 -11.37 19.02
CA GLU D 293 7.10 -12.58 18.77
C GLU D 293 8.26 -12.28 17.79
N ALA D 294 7.97 -11.44 16.80
CA ALA D 294 8.97 -11.05 15.80
C ALA D 294 10.03 -10.11 16.40
N LEU D 295 9.59 -9.20 17.29
CA LEU D 295 10.52 -8.32 17.99
C LEU D 295 11.51 -9.08 18.88
N VAL D 296 11.02 -10.02 19.70
CA VAL D 296 11.91 -10.80 20.58
C VAL D 296 12.94 -11.59 19.74
N PHE D 297 12.45 -12.17 18.65
CA PHE D 297 13.30 -12.92 17.73
C PHE D 297 14.35 -12.05 17.08
N ALA D 298 13.93 -10.89 16.54
CA ALA D 298 14.85 -9.99 15.86
C ALA D 298 15.91 -9.42 16.78
N LYS D 299 15.64 -9.42 18.09
CA LYS D 299 16.60 -8.82 19.03
C LYS D 299 17.46 -9.87 19.74
N SER D 300 17.27 -11.14 19.37
CA SER D 300 18.06 -12.21 19.98
C SER D 300 18.67 -13.16 18.95
N ASP D 301 18.31 -13.02 17.68
CA ASP D 301 18.77 -13.92 16.64
C ASP D 301 19.52 -13.16 15.50
N THR D 302 20.66 -13.70 15.08
CA THR D 302 21.55 -13.06 14.08
C THR D 302 21.37 -13.71 12.70
N ARG D 303 20.60 -14.79 12.67
CA ARG D 303 20.39 -15.56 11.44
C ARG D 303 21.70 -15.91 10.72
N GLY D 304 22.66 -16.40 11.49
CA GLY D 304 23.97 -16.82 10.96
C GLY D 304 24.84 -15.65 10.54
N GLY D 305 24.58 -14.48 11.12
CA GLY D 305 25.37 -13.29 10.80
C GLY D 305 26.16 -12.81 12.01
N SER D 306 26.57 -11.55 11.97
CA SER D 306 27.42 -11.01 13.01
C SER D 306 26.63 -10.14 13.98
N LYS D 307 25.35 -9.92 13.70
CA LYS D 307 24.57 -9.02 14.53
C LYS D 307 23.10 -9.39 14.54
N HIS D 308 22.39 -9.04 15.61
CA HIS D 308 20.94 -9.27 15.67
C HIS D 308 20.24 -8.64 14.47
N ILE D 309 19.25 -9.35 13.93
CA ILE D 309 18.61 -8.92 12.69
C ILE D 309 17.87 -7.57 12.80
N ILE D 310 17.51 -7.15 14.01
CA ILE D 310 16.91 -5.83 14.22
C ILE D 310 17.84 -4.69 13.71
N GLU D 311 19.12 -5.02 13.60
CA GLU D 311 20.12 -4.05 13.19
C GLU D 311 20.15 -3.82 11.67
N HIS D 312 19.42 -4.65 10.91
CA HIS D 312 19.28 -4.45 9.47
C HIS D 312 18.09 -3.54 9.22
N GLN D 313 18.29 -2.48 8.45
CA GLN D 313 17.24 -1.46 8.23
C GLN D 313 15.91 -2.01 7.72
N SER D 314 15.92 -2.96 6.78
CA SER D 314 14.67 -3.50 6.23
C SER D 314 13.86 -4.25 7.29
N VAL D 315 14.56 -4.95 8.19
CA VAL D 315 13.91 -5.71 9.26
C VAL D 315 13.28 -4.73 10.26
N ALA D 316 14.07 -3.78 10.73
CA ALA D 316 13.58 -2.69 11.57
C ALA D 316 12.40 -1.93 10.93
N ASP D 317 12.47 -1.68 9.62
CA ASP D 317 11.37 -1.00 8.91
C ASP D 317 10.05 -1.77 9.04
N LYS D 318 10.12 -3.09 8.96
CA LYS D 318 8.93 -3.94 9.15
C LYS D 318 8.37 -3.84 10.57
N LEU D 319 9.25 -3.92 11.56
CA LEU D 319 8.83 -3.81 12.98
C LEU D 319 8.29 -2.41 13.34
N ILE D 320 8.89 -1.37 12.75
CA ILE D 320 8.38 0.01 12.89
C ILE D 320 6.96 0.09 12.33
N ASP D 321 6.75 -0.48 11.14
CA ASP D 321 5.42 -0.47 10.52
C ASP D 321 4.39 -1.20 11.36
N CYS D 322 4.77 -2.35 11.91
CA CYS D 322 3.90 -3.10 12.81
C CYS D 322 3.53 -2.26 14.02
N LYS D 323 4.53 -1.67 14.68
CA LYS D 323 4.37 -0.85 15.89
C LYS D 323 3.41 0.32 15.64
N ILE D 324 3.62 1.04 14.55
CA ILE D 324 2.76 2.18 14.17
C ILE D 324 1.33 1.75 13.98
N ARG D 325 1.12 0.64 13.29
CA ARG D 325 -0.23 0.11 13.06
C ARG D 325 -0.96 -0.20 14.36
N LEU D 326 -0.23 -0.78 15.31
CA LEU D 326 -0.80 -1.18 16.62
C LEU D 326 -1.06 0.04 17.49
N GLU D 327 -0.14 1.00 17.45
CA GLU D 327 -0.31 2.23 18.20
C GLU D 327 -1.53 3.02 17.70
N THR D 328 -1.57 3.28 16.39
CA THR D 328 -2.71 3.98 15.78
C THR D 328 -4.03 3.24 16.00
N SER D 329 -3.99 1.91 15.95
CA SER D 329 -5.19 1.12 16.12
C SER D 329 -5.76 1.25 17.52
N ARG D 330 -4.90 1.15 18.54
CA ARG D 330 -5.36 1.25 19.94
C ARG D 330 -5.97 2.62 20.25
N LEU D 331 -5.28 3.68 19.86
CA LEU D 331 -5.79 5.04 19.99
C LEU D 331 -7.19 5.14 19.40
N LEU D 332 -7.37 4.57 18.21
CA LEU D 332 -8.66 4.62 17.52
C LEU D 332 -9.75 3.84 18.25
N VAL D 333 -9.40 2.68 18.79
CA VAL D 333 -10.37 1.93 19.55
C VAL D 333 -10.82 2.69 20.77
N TRP D 334 -9.87 3.25 21.51
CA TRP D 334 -10.16 3.97 22.73
C TRP D 334 -10.97 5.24 22.42
N LYS D 335 -10.65 5.89 21.30
CA LYS D 335 -11.46 7.01 20.80
C LYS D 335 -12.88 6.57 20.50
N ALA D 336 -13.02 5.47 19.77
CA ALA D 336 -14.33 5.00 19.36
C ALA D 336 -15.21 4.61 20.53
N VAL D 337 -14.68 3.86 21.49
CA VAL D 337 -15.53 3.39 22.61
C VAL D 337 -15.94 4.54 23.54
N THR D 338 -15.05 5.50 23.73
CA THR D 338 -15.35 6.72 24.48
C THR D 338 -16.42 7.55 23.76
N THR D 339 -16.26 7.69 22.45
CA THR D 339 -17.24 8.35 21.58
C THR D 339 -18.63 7.72 21.72
N LEU D 340 -18.68 6.39 21.74
CA LEU D 340 -19.94 5.66 21.92
C LEU D 340 -20.61 5.88 23.28
N GLU D 341 -19.81 6.10 24.32
CA GLU D 341 -20.33 6.32 25.67
C GLU D 341 -20.74 7.80 25.91
N ASP D 342 -20.49 8.66 24.91
CA ASP D 342 -20.73 10.08 25.09
C ASP D 342 -22.18 10.43 24.76
N GLU D 343 -23.00 10.64 25.79
CA GLU D 343 -24.44 10.89 25.65
C GLU D 343 -24.78 12.17 24.85
N ALA D 344 -23.84 13.11 24.81
CA ALA D 344 -24.01 14.40 24.12
C ALA D 344 -23.75 14.36 22.59
N LEU D 345 -23.31 13.21 22.08
CA LEU D 345 -23.09 13.06 20.64
C LEU D 345 -24.25 12.33 19.95
N GLU D 346 -24.61 12.79 18.74
CA GLU D 346 -25.67 12.14 17.93
C GLU D 346 -25.23 10.75 17.48
N TRP D 347 -26.21 9.88 17.23
CA TRP D 347 -25.90 8.53 16.78
C TRP D 347 -24.97 8.48 15.54
N LYS D 348 -25.32 9.25 14.50
CA LYS D 348 -24.54 9.35 13.24
C LYS D 348 -23.05 9.47 13.48
N VAL D 349 -22.69 10.28 14.47
CA VAL D 349 -21.32 10.58 14.84
C VAL D 349 -20.62 9.37 15.48
N LYS D 350 -21.35 8.67 16.33
CA LYS D 350 -20.84 7.51 17.02
C LYS D 350 -20.68 6.36 16.03
N LEU D 351 -21.70 6.16 15.21
CA LEU D 351 -21.68 5.15 14.14
C LEU D 351 -20.48 5.32 13.20
N GLU D 352 -20.28 6.53 12.70
CA GLU D 352 -19.18 6.78 11.75
C GLU D 352 -17.82 6.43 12.36
N MET D 353 -17.59 6.87 13.60
CA MET D 353 -16.35 6.57 14.33
C MET D 353 -16.16 5.06 14.49
N ALA D 354 -17.23 4.35 14.87
CA ALA D 354 -17.20 2.90 15.02
C ALA D 354 -16.84 2.22 13.70
N MET D 355 -17.35 2.74 12.58
CA MET D 355 -17.09 2.17 11.24
C MET D 355 -15.64 2.34 10.83
N GLN D 356 -15.12 3.56 10.97
CA GLN D 356 -13.69 3.85 10.84
C GLN D 356 -12.84 2.87 11.60
N THR D 357 -13.17 2.68 12.87
CA THR D 357 -12.41 1.83 13.77
C THR D 357 -12.36 0.37 13.30
N LYS D 358 -13.51 -0.20 12.97
CA LYS D 358 -13.58 -1.57 12.47
C LYS D 358 -12.77 -1.75 11.17
N ILE D 359 -12.99 -0.87 10.20
CA ILE D 359 -12.30 -0.92 8.90
C ILE D 359 -10.80 -0.85 9.06
N TYR D 360 -10.33 0.20 9.74
CA TYR D 360 -8.89 0.43 9.91
C TYR D 360 -8.19 -0.68 10.67
N THR D 361 -8.69 -1.03 11.85
CA THR D 361 -7.94 -1.89 12.76
C THR D 361 -7.82 -3.30 12.21
N THR D 362 -8.90 -3.76 11.56
CA THR D 362 -8.93 -5.11 11.02
C THR D 362 -8.09 -5.27 9.75
N ASP D 363 -8.17 -4.30 8.84
CA ASP D 363 -7.31 -4.28 7.65
C ASP D 363 -5.83 -4.25 7.98
N VAL D 364 -5.49 -3.34 8.88
CA VAL D 364 -4.11 -3.11 9.30
C VAL D 364 -3.50 -4.25 10.15
N ALA D 365 -4.31 -4.91 10.98
CA ALA D 365 -3.88 -6.10 11.73
C ALA D 365 -3.30 -7.20 10.82
N VAL D 366 -3.91 -7.41 9.66
CA VAL D 366 -3.46 -8.44 8.71
C VAL D 366 -2.05 -8.09 8.19
N GLU D 367 -1.86 -6.85 7.75
CA GLU D 367 -0.55 -6.30 7.34
C GLU D 367 0.49 -6.47 8.44
N CYS D 368 0.08 -6.21 9.69
CA CYS D 368 0.96 -6.35 10.84
C CYS D 368 1.44 -7.80 11.04
N VAL D 369 0.52 -8.76 10.99
CA VAL D 369 0.90 -10.18 11.11
C VAL D 369 1.85 -10.60 9.97
N ILE D 370 1.49 -10.25 8.74
CA ILE D 370 2.27 -10.59 7.54
C ILE D 370 3.68 -9.96 7.51
N ASP D 371 3.78 -8.68 7.85
CA ASP D 371 5.06 -8.01 7.98
C ASP D 371 5.95 -8.60 9.09
N ALA D 372 5.34 -9.03 10.19
CA ALA D 372 6.08 -9.69 11.26
C ALA D 372 6.68 -11.01 10.77
N MET D 373 5.90 -11.77 10.00
CA MET D 373 6.37 -13.02 9.43
C MET D 373 7.54 -12.81 8.44
N LYS D 374 7.38 -11.89 7.50
CA LYS D 374 8.46 -11.50 6.57
C LYS D 374 9.79 -11.16 7.27
N ALA D 375 9.71 -10.42 8.39
CA ALA D 375 10.86 -10.02 9.21
C ALA D 375 11.58 -11.21 9.86
N VAL D 376 10.79 -12.13 10.43
CA VAL D 376 11.30 -13.37 10.99
C VAL D 376 11.86 -14.28 9.88
N GLY D 377 11.19 -14.27 8.73
CA GLY D 377 11.58 -15.08 7.59
C GLY D 377 11.00 -16.48 7.63
N MET D 378 11.77 -17.42 7.10
CA MET D 378 11.30 -18.80 6.92
C MET D 378 10.75 -19.44 8.19
N LYS D 379 11.43 -19.25 9.31
CA LYS D 379 11.02 -19.84 10.58
C LYS D 379 9.59 -19.49 11.02
N SER D 380 9.03 -18.43 10.47
CA SER D 380 7.65 -18.02 10.83
C SER D 380 6.61 -18.94 10.21
N TYR D 381 7.02 -19.80 9.29
CA TYR D 381 6.09 -20.60 8.52
C TYR D 381 5.81 -21.97 9.12
N ALA D 382 6.58 -22.34 10.14
CA ALA D 382 6.41 -23.63 10.85
C ALA D 382 5.69 -23.43 12.19
N LYS D 383 5.05 -24.50 12.67
CA LYS D 383 4.13 -24.39 13.82
C LYS D 383 4.81 -24.53 15.18
N ASP D 384 6.14 -24.50 15.20
CA ASP D 384 6.83 -24.29 16.46
C ASP D 384 6.92 -22.80 16.83
N MET D 385 6.43 -21.94 15.93
CA MET D 385 6.20 -20.50 16.23
C MET D 385 4.70 -20.16 16.13
N SER D 386 4.29 -19.00 16.67
CA SER D 386 2.85 -18.62 16.73
C SER D 386 2.23 -18.25 15.40
N PHE D 387 3.06 -17.83 14.44
CA PHE D 387 2.57 -17.19 13.22
C PHE D 387 1.55 -17.94 12.35
N PRO D 388 1.77 -19.27 12.12
CA PRO D 388 0.71 -19.96 11.35
C PRO D 388 -0.68 -19.81 11.99
N ARG D 389 -0.80 -19.98 13.29
CA ARG D 389 -2.08 -19.76 13.96
C ARG D 389 -2.54 -18.28 13.83
N LEU D 390 -1.63 -17.35 14.12
CA LEU D 390 -1.97 -15.92 14.06
C LEU D 390 -2.44 -15.46 12.68
N LEU D 391 -1.80 -15.96 11.63
CA LEU D 391 -2.16 -15.64 10.24
C LEU D 391 -3.59 -16.02 9.91
N ASN D 392 -3.99 -17.22 10.31
CA ASN D 392 -5.34 -17.68 10.08
C ASN D 392 -6.34 -16.90 10.95
N GLU D 393 -6.01 -16.70 12.22
CA GLU D 393 -6.89 -15.93 13.10
C GLU D 393 -7.10 -14.47 12.66
N VAL D 394 -6.04 -13.82 12.19
CA VAL D 394 -6.15 -12.40 11.84
C VAL D 394 -7.04 -12.14 10.59
N MET D 395 -7.06 -13.08 9.63
CA MET D 395 -7.90 -12.93 8.43
C MET D 395 -9.41 -12.96 8.72
N CYS D 396 -9.79 -13.41 9.91
CA CYS D 396 -11.20 -13.38 10.32
C CYS D 396 -11.72 -11.96 10.44
N TYR D 397 -10.89 -11.07 10.96
CA TYR D 397 -11.33 -9.76 11.41
C TYR D 397 -11.88 -8.81 10.33
N PRO D 398 -11.18 -8.66 9.19
CA PRO D 398 -11.80 -7.82 8.14
C PRO D 398 -13.11 -8.38 7.56
N LEU D 399 -13.32 -9.68 7.71
CA LEU D 399 -14.43 -10.38 7.08
C LEU D 399 -15.64 -10.47 7.98
N PHE D 400 -15.40 -10.73 9.26
CA PHE D 400 -16.50 -10.96 10.20
C PHE D 400 -16.99 -9.63 10.79
N ASP D 401 -17.89 -9.73 11.76
CA ASP D 401 -18.48 -8.60 12.44
C ASP D 401 -18.94 -7.54 11.44
N GLY D 402 -19.56 -8.01 10.34
CA GLY D 402 -19.90 -7.13 9.21
C GLY D 402 -18.65 -6.79 8.45
N GLY D 403 -18.46 -7.41 7.30
CA GLY D 403 -17.20 -7.30 6.58
C GLY D 403 -17.01 -5.88 6.12
N ASN D 404 -15.76 -5.49 5.91
CA ASN D 404 -15.47 -4.10 5.57
C ASN D 404 -16.01 -3.67 4.21
N ILE D 405 -15.89 -4.54 3.21
CA ILE D 405 -16.21 -4.18 1.81
C ILE D 405 -17.70 -3.98 1.58
N GLY D 406 -18.51 -4.91 2.06
CA GLY D 406 -19.94 -4.91 1.82
C GLY D 406 -20.77 -4.21 2.88
N LEU D 407 -20.35 -4.26 4.14
CA LEU D 407 -21.14 -3.70 5.23
C LEU D 407 -20.56 -2.39 5.80
N ARG D 408 -19.37 -2.44 6.39
CA ARG D 408 -18.92 -1.28 7.17
C ARG D 408 -18.59 -0.04 6.33
N ARG D 409 -17.95 -0.25 5.17
CA ARG D 409 -17.71 0.89 4.25
C ARG D 409 -19.03 1.47 3.73
N ARG D 410 -20.05 0.63 3.53
CA ARG D 410 -21.35 1.14 3.08
C ARG D 410 -22.07 1.93 4.16
N GLN D 411 -22.05 1.41 5.40
CA GLN D 411 -22.61 2.12 6.55
C GLN D 411 -21.98 3.50 6.74
N MET D 412 -20.65 3.58 6.56
CA MET D 412 -19.92 4.82 6.69
C MET D 412 -20.26 5.80 5.55
N GLN D 413 -20.16 5.31 4.32
CA GLN D 413 -20.50 6.09 3.12
C GLN D 413 -21.87 6.76 3.27
N ARG D 414 -22.84 6.00 3.78
CA ARG D 414 -24.21 6.48 3.98
C ARG D 414 -24.28 7.71 4.94
N VAL D 415 -23.52 7.67 6.03
CA VAL D 415 -23.43 8.81 6.95
C VAL D 415 -22.76 10.02 6.28
N MET D 416 -21.67 9.76 5.55
CA MET D 416 -20.88 10.82 4.92
C MET D 416 -21.69 11.59 3.88
N ALA D 417 -22.64 10.90 3.24
CA ALA D 417 -23.43 11.49 2.17
C ALA D 417 -24.64 12.32 2.65
N LEU D 418 -24.95 12.24 3.95
CA LEU D 418 -26.04 13.04 4.51
C LEU D 418 -25.68 14.51 4.51
N GLU D 419 -26.66 15.36 4.19
CA GLU D 419 -26.44 16.82 4.11
C GLU D 419 -25.91 17.41 5.41
N ASP D 420 -26.33 16.85 6.54
CA ASP D 420 -25.88 17.33 7.84
C ASP D 420 -24.59 16.70 8.42
N TYR D 421 -23.99 15.77 7.68
CA TYR D 421 -22.70 15.14 8.07
C TYR D 421 -21.70 16.15 8.67
N GLU D 422 -21.29 15.90 9.93
CA GLU D 422 -20.22 16.66 10.54
C GLU D 422 -19.02 15.76 10.80
N PRO D 423 -17.98 15.85 9.93
CA PRO D 423 -16.86 14.91 9.98
C PRO D 423 -16.13 14.91 11.31
N TRP D 424 -16.00 16.09 11.93
CA TRP D 424 -15.16 16.25 13.12
C TRP D 424 -15.90 16.43 14.43
N ALA D 425 -17.19 16.11 14.47
CA ALA D 425 -18.02 16.31 15.66
C ALA D 425 -17.53 15.54 16.89
N ALA D 426 -17.00 14.33 16.66
CA ALA D 426 -16.49 13.51 17.77
C ALA D 426 -15.24 14.11 18.42
N THR D 427 -14.62 15.08 17.75
CA THR D 427 -13.37 15.64 18.22
C THR D 427 -13.60 17.06 18.68
N TYR D 428 -14.23 17.85 17.81
CA TYR D 428 -14.33 19.29 18.00
C TYR D 428 -15.74 19.75 18.39
N GLY D 429 -16.64 18.80 18.67
CA GLY D 429 -18.04 19.11 19.01
C GLY D 429 -18.85 19.57 17.80
N SER D 430 -20.17 19.71 17.99
CA SER D 430 -21.06 20.15 16.92
C SER D 430 -20.98 21.66 16.69
PA FAD E . -14.95 13.47 -14.55
O1A FAD E . -14.29 14.83 -14.52
O2A FAD E . -16.27 13.28 -15.28
O5B FAD E . -15.21 12.90 -13.06
C5B FAD E . -14.36 13.27 -11.95
C4B FAD E . -14.38 12.21 -10.85
O4B FAD E . -15.69 11.86 -10.43
C3B FAD E . -13.75 10.88 -11.25
O3B FAD E . -12.33 10.93 -11.07
C2B FAD E . -14.38 9.91 -10.30
O2B FAD E . -13.62 9.91 -9.08
C1B FAD E . -15.77 10.49 -10.02
N9A FAD E . -16.80 9.80 -10.82
C8A FAD E . -17.56 10.37 -11.76
N7A FAD E . -18.39 9.43 -12.28
C5A FAD E . -18.12 8.26 -11.67
C6A FAD E . -18.62 6.96 -11.78
N6A FAD E . -19.60 6.67 -12.66
N1A FAD E . -18.13 5.98 -10.97
C2A FAD E . -17.15 6.24 -10.09
N3A FAD E . -16.66 7.48 -9.97
C4A FAD E . -17.12 8.50 -10.74
N1 FAD E . -9.70 15.53 -22.99
C2 FAD E . -10.08 15.52 -24.28
O2 FAD E . -11.31 15.44 -24.58
N3 FAD E . -9.17 15.56 -25.28
C4 FAD E . -7.86 15.64 -25.00
O4 FAD E . -7.02 15.70 -25.93
C4X FAD E . -7.43 15.68 -23.67
N5 FAD E . -6.04 15.72 -23.37
C5X FAD E . -5.73 16.19 -22.05
C6 FAD E . -4.45 16.71 -21.79
C7 FAD E . -4.10 17.23 -20.55
C7M FAD E . -2.70 17.76 -20.35
C8 FAD E . -5.07 17.23 -19.53
C8M FAD E . -4.75 17.77 -18.16
C9 FAD E . -6.34 16.72 -19.78
C9A FAD E . -6.68 16.20 -21.03
N10 FAD E . -7.98 15.67 -21.31
C10 FAD E . -8.39 15.62 -22.65
C1' FAD E . -8.95 15.46 -20.23
C2' FAD E . -8.81 14.05 -19.66
O2' FAD E . -9.07 13.07 -20.68
C3' FAD E . -9.72 13.80 -18.44
O3' FAD E . -9.45 12.48 -17.98
C4' FAD E . -11.21 13.88 -18.72
O4' FAD E . -11.62 15.22 -18.49
C5' FAD E . -12.06 12.98 -17.82
O5' FAD E . -11.91 13.37 -16.43
P FAD E . -12.33 12.42 -15.20
O1P FAD E . -11.99 10.99 -15.54
O2P FAD E . -11.86 13.05 -13.93
O3P FAD E . -13.95 12.40 -15.19
N1 CNX F . -6.68 12.59 -22.26
C1 CNX F . -6.07 13.31 -22.94
C2 CNX F . -5.49 14.40 -23.75
C3 CNX F . -3.97 14.28 -23.89
C4 CNX F . -3.65 12.80 -23.83
C5 CNX F . -2.65 12.35 -24.87
C6 CNX F . -2.03 11.03 -24.40
C7 CNX F . -2.40 9.91 -25.33
C1 GOL G . -13.73 7.06 -23.93
O1 GOL G . -13.97 5.76 -24.44
C2 GOL G . -13.02 6.93 -22.58
O2 GOL G . -13.74 6.06 -21.75
C3 GOL G . -12.92 8.28 -21.89
O3 GOL G . -11.58 8.60 -21.61
PA FAD H . 20.01 14.00 4.46
O1A FAD H . 19.80 15.05 3.37
O2A FAD H . 21.26 13.94 5.29
O5B FAD H . 19.81 12.55 3.78
C5B FAD H . 19.00 12.45 2.62
C4B FAD H . 18.64 11.00 2.32
O4B FAD H . 19.79 10.17 2.43
C3B FAD H . 17.66 10.39 3.30
O3B FAD H . 16.32 10.75 3.01
C2B FAD H . 17.91 8.91 3.19
O2B FAD H . 17.08 8.35 2.13
C1B FAD H . 19.40 8.85 2.87
N9A FAD H . 20.21 8.49 4.09
C8A FAD H . 21.20 9.22 4.63
N7A FAD H . 21.70 8.59 5.72
C5A FAD H . 20.99 7.44 5.89
C6A FAD H . 21.03 6.39 6.80
N6A FAD H . 21.95 6.39 7.82
N1A FAD H . 20.17 5.36 6.68
C2A FAD H . 19.27 5.32 5.68
N3A FAD H . 19.20 6.32 4.79
C4A FAD H . 20.05 7.38 4.85
N1 FAD H . 16.75 22.40 9.06
C2 FAD H . 17.22 23.05 10.14
O2 FAD H . 18.38 22.85 10.54
N3 FAD H . 16.46 23.96 10.77
C4 FAD H . 15.22 24.23 10.36
O4 FAD H . 14.54 25.09 10.98
C4X FAD H . 14.69 23.56 9.26
N5 FAD H . 13.34 23.81 8.84
C5X FAD H . 13.10 23.42 7.49
C6 FAD H . 12.02 24.00 6.80
C7 FAD H . 11.75 23.65 5.47
C7M FAD H . 10.58 24.29 4.79
C8 FAD H . 12.58 22.76 4.81
C8M FAD H . 12.33 22.39 3.38
C9 FAD H . 13.67 22.19 5.47
C9A FAD H . 13.93 22.51 6.80
N10 FAD H . 15.02 21.94 7.50
C10 FAD H . 15.51 22.63 8.63
C1' FAD H . 15.74 20.79 6.94
C2' FAD H . 15.02 19.50 7.36
O2' FAD H . 15.05 19.36 8.79
C3' FAD H . 15.61 18.25 6.72
O3' FAD H . 14.84 17.09 7.13
C4' FAD H . 17.09 18.05 7.05
O4' FAD H . 17.92 18.72 6.08
C5' FAD H . 17.45 16.57 6.99
O5' FAD H . 17.28 16.11 5.65
P FAD H . 17.27 14.52 5.31
O1P FAD H . 16.52 13.88 6.44
O2P FAD H . 16.79 14.34 3.89
O3P FAD H . 18.81 14.11 5.52
N1 CNX I . 12.74 20.68 9.68
C1 CNX I . 12.55 21.82 9.94
C2 CNX I . 12.42 23.28 9.87
C3 CNX I . 10.95 23.69 9.75
C4 CNX I . 10.38 23.74 11.16
C5 CNX I . 9.12 22.92 11.33
C6 CNX I . 8.85 22.88 12.83
C7 CNX I . 7.84 21.82 13.19
PA FAD J . 17.09 -16.53 7.13
O1A FAD J . 16.20 -17.49 7.88
O2A FAD J . 18.59 -16.66 7.19
O5B FAD J . 16.75 -15.03 7.68
C5B FAD J . 15.42 -14.77 8.15
C4B FAD J . 15.11 -13.29 8.23
O4B FAD J . 16.18 -12.58 8.86
C3B FAD J . 14.95 -12.63 6.87
O3B FAD J . 13.61 -12.78 6.39
C2B FAD J . 15.30 -11.19 7.14
O2B FAD J . 14.15 -10.45 7.58
C1B FAD J . 16.26 -11.26 8.31
N9A FAD J . 17.65 -11.07 7.84
C8A FAD J . 18.66 -11.94 8.00
N7A FAD J . 19.77 -11.45 7.43
C5A FAD J . 19.46 -10.25 6.90
C6A FAD J . 20.20 -9.29 6.22
N6A FAD J . 21.51 -9.47 5.96
N1A FAD J . 19.56 -8.16 5.82
C2A FAD J . 18.25 -7.96 6.07
N3A FAD J . 17.52 -8.87 6.74
C4A FAD J . 18.11 -10.02 7.16
N1 FAD J . 16.07 -24.66 1.23
C2 FAD J . 16.96 -25.43 0.56
O2 FAD J . 18.16 -25.41 0.86
N3 FAD J . 16.58 -26.25 -0.44
C4 FAD J . 15.30 -26.33 -0.81
O4 FAD J . 14.95 -27.10 -1.73
C4X FAD J . 14.35 -25.55 -0.15
N5 FAD J . 12.98 -25.63 -0.57
C5X FAD J . 12.06 -25.17 0.41
C6 FAD J . 10.73 -25.62 0.33
C7 FAD J . 9.79 -25.24 1.27
C7M FAD J . 8.37 -25.72 1.14
C8 FAD J . 10.17 -24.42 2.34
C8M FAD J . 9.17 -23.98 3.38
C9 FAD J . 11.50 -23.97 2.44
C9A FAD J . 12.45 -24.36 1.48
N10 FAD J . 13.80 -23.93 1.58
C10 FAD J . 14.77 -24.70 0.89
C1' FAD J . 14.20 -22.83 2.49
C2' FAD J . 14.04 -21.49 1.77
O2' FAD J . 14.89 -21.45 0.62
C3' FAD J . 14.32 -20.28 2.67
O3' FAD J . 14.03 -19.12 1.88
C4' FAD J . 15.73 -20.24 3.25
O4' FAD J . 15.69 -21.01 4.47
C5' FAD J . 16.21 -18.85 3.63
O5' FAD J . 15.27 -18.28 4.54
P FAD J . 15.27 -16.71 4.87
O1P FAD J . 15.28 -16.05 3.52
O2P FAD J . 14.16 -16.43 5.84
O3P FAD J . 16.70 -16.43 5.57
N1 CNX K . 13.59 -22.58 -1.77
C1 CNX K . 13.14 -23.66 -1.99
C2 CNX K . 12.91 -25.11 -1.94
C3 CNX K . 11.70 -25.54 -2.77
C4 CNX K . 11.28 -24.46 -3.78
C5 CNX K . 11.74 -24.79 -5.18
C6 CNX K . 10.82 -24.09 -6.17
C7 CNX K . 11.60 -23.17 -7.06
PA FAD L . -22.12 -10.96 2.74
O1A FAD L . -21.75 -12.42 2.97
O2A FAD L . -23.57 -10.55 2.65
O5B FAD L . -21.37 -10.41 1.46
C5B FAD L . -20.04 -10.88 1.20
C4B FAD L . -19.29 -10.01 0.19
O4B FAD L . -20.10 -9.60 -0.90
C3B FAD L . -18.79 -8.72 0.82
O3B FAD L . -17.52 -8.87 1.44
C2B FAD L . -18.70 -7.77 -0.34
O2B FAD L . -17.39 -7.89 -0.90
C1B FAD L . -19.77 -8.26 -1.31
N9A FAD L . -20.95 -7.36 -1.24
C8A FAD L . -22.21 -7.76 -0.95
N7A FAD L . -23.04 -6.69 -0.97
C5A FAD L . -22.30 -5.61 -1.27
C6A FAD L . -22.60 -4.26 -1.43
N6A FAD L . -23.89 -3.83 -1.28
N1A FAD L . -21.60 -3.39 -1.75
C2A FAD L . -20.34 -3.81 -1.89
N3A FAD L . -20.03 -5.10 -1.74
C4A FAD L . -20.98 -6.02 -1.44
N1 FAD L . -22.97 -13.28 12.62
C2 FAD L . -24.01 -13.19 13.47
O2 FAD L . -25.16 -12.98 13.02
N3 FAD L . -23.83 -13.33 14.80
C4 FAD L . -22.61 -13.56 15.32
O4 FAD L . -22.46 -13.69 16.57
C4X FAD L . -21.51 -13.66 14.45
N5 FAD L . -20.19 -13.89 14.98
C5X FAD L . -19.29 -14.45 14.02
C6 FAD L . -18.19 -15.18 14.48
C7 FAD L . -17.29 -15.77 13.61
C7M FAD L . -16.11 -16.53 14.16
C8 FAD L . -17.51 -15.68 12.24
C8M FAD L . -16.57 -16.33 11.26
C9 FAD L . -18.62 -14.98 11.75
C9A FAD L . -19.51 -14.36 12.65
N10 FAD L . -20.64 -13.64 12.18
C10 FAD L . -21.73 -13.53 13.08
C1' FAD L . -20.82 -13.40 10.75
C2' FAD L . -20.20 -12.04 10.41
O2' FAD L . -20.92 -11.01 11.10
C3' FAD L . -20.17 -11.74 8.91
O3' FAD L . -19.47 -10.50 8.75
C4' FAD L . -21.56 -11.63 8.29
O4' FAD L . -21.99 -12.94 7.88
C5' FAD L . -21.58 -10.72 7.06
O5' FAD L . -20.69 -11.23 6.08
P FAD L . -20.19 -10.31 4.86
O1P FAD L . -19.93 -8.91 5.39
O2P FAD L . -19.07 -11.02 4.16
O3P FAD L . -21.47 -10.07 3.91
N1 CNX M . -19.75 -10.91 13.61
C1 CNX M . -19.65 -11.54 14.63
C2 CNX M . -19.82 -12.62 15.65
C3 CNX M . -18.66 -12.66 16.66
C4 CNX M . -18.23 -11.21 16.83
C5 CNX M . -17.61 -10.87 18.16
C6 CNX M . -17.20 -9.41 18.10
C7 CNX M . -17.90 -8.61 19.17
C1 GOL N . -14.26 5.26 29.37
O1 GOL N . -14.54 4.10 28.61
C2 GOL N . -13.02 5.04 30.23
O2 GOL N . -13.35 4.43 31.47
C3 GOL N . -12.31 6.36 30.48
O3 GOL N . -11.34 6.20 31.51
#